data_2AIV
#
_entry.id   2AIV
#
_entity_poly.entity_id   1
_entity_poly.type   'polypeptide(L)'
_entity_poly.pdbx_seq_one_letter_code
;GPNENYYISPSLDTLSSYSLLQLRKVPHLVVGHKSYGKIEFLEPVDLAGIPLTSLGGVIITFEPKTCIIYANLPNRPKRG
EGINVRARITCFNCYPVDKSTRKPIKDPNHQLVKRHIERLKKNPNSKFESYDADSGTYVFIVNHAAEQT
;
_entity_poly.pdbx_strand_id   A
#
# COMPACT_ATOMS: atom_id res chain seq x y z
N GLY A 1 8.47 1.40 15.84
CA GLY A 1 9.02 2.26 14.75
C GLY A 1 8.58 3.71 14.86
N PRO A 2 8.91 4.40 15.98
CA PRO A 2 8.53 5.80 16.17
C PRO A 2 9.25 6.74 15.22
N ASN A 3 9.64 6.22 14.06
CA ASN A 3 10.35 7.02 13.07
C ASN A 3 9.42 8.05 12.43
N GLU A 4 9.84 9.30 12.42
CA GLU A 4 9.05 10.38 11.83
C GLU A 4 8.83 10.14 10.34
N ASN A 5 9.86 9.65 9.65
CA ASN A 5 9.78 9.39 8.24
C ASN A 5 9.34 7.94 7.99
N TYR A 6 9.60 7.46 6.79
CA TYR A 6 9.24 6.09 6.41
C TYR A 6 10.47 5.27 6.06
N TYR A 7 10.41 3.98 6.34
CA TYR A 7 11.52 3.08 6.06
C TYR A 7 11.14 2.08 4.97
N ILE A 8 12.15 1.52 4.31
CA ILE A 8 11.92 0.56 3.24
C ILE A 8 12.76 -0.70 3.46
N SER A 9 12.52 -1.69 2.61
CA SER A 9 13.20 -3.01 2.62
C SER A 9 14.59 -3.06 1.90
N PRO A 10 15.69 -2.41 2.37
CA PRO A 10 15.81 -1.68 3.62
C PRO A 10 16.02 -0.19 3.46
N SER A 11 15.41 0.39 2.40
CA SER A 11 15.48 1.82 2.06
C SER A 11 15.82 1.99 0.59
N LEU A 12 15.54 3.17 0.04
CA LEU A 12 15.83 3.42 -1.37
C LEU A 12 17.33 3.30 -1.62
N ASP A 13 18.12 3.95 -0.76
CA ASP A 13 19.57 3.89 -0.87
C ASP A 13 20.10 2.52 -0.42
N THR A 14 19.56 2.03 0.69
CA THR A 14 19.97 0.72 1.22
C THR A 14 19.76 -0.39 0.19
N LEU A 15 18.66 -0.30 -0.55
CA LEU A 15 18.35 -1.28 -1.58
C LEU A 15 19.44 -1.31 -2.65
N SER A 16 19.93 -0.11 -3.02
CA SER A 16 20.97 0.01 -4.04
C SER A 16 22.22 -0.77 -3.64
N SER A 17 22.54 -0.74 -2.35
CA SER A 17 23.72 -1.45 -1.84
C SER A 17 23.56 -2.96 -1.99
N TYR A 18 22.42 -3.38 -2.53
CA TYR A 18 22.14 -4.80 -2.73
C TYR A 18 23.04 -5.39 -3.81
N SER A 19 23.27 -6.68 -3.73
CA SER A 19 24.09 -7.38 -4.72
C SER A 19 23.34 -7.45 -6.04
N LEU A 20 23.96 -8.01 -7.07
CA LEU A 20 23.32 -8.11 -8.39
C LEU A 20 22.02 -8.90 -8.29
N LEU A 21 22.09 -10.07 -7.67
CA LEU A 21 20.91 -10.90 -7.49
C LEU A 21 19.96 -10.31 -6.46
N GLN A 22 20.53 -9.75 -5.39
CA GLN A 22 19.74 -9.17 -4.32
C GLN A 22 18.89 -8.00 -4.80
N LEU A 23 19.46 -7.17 -5.67
CA LEU A 23 18.74 -6.01 -6.19
C LEU A 23 17.58 -6.44 -7.07
N ARG A 24 17.83 -7.47 -7.88
CA ARG A 24 16.83 -8.00 -8.80
C ARG A 24 15.96 -9.06 -8.12
N LYS A 25 16.35 -9.48 -6.92
CA LYS A 25 15.61 -10.48 -6.18
C LYS A 25 15.31 -9.98 -4.76
N VAL A 26 14.38 -9.02 -4.68
CA VAL A 26 13.96 -8.39 -3.42
C VAL A 26 13.12 -9.34 -2.56
N PRO A 27 13.73 -10.11 -1.63
CA PRO A 27 13.01 -11.06 -0.77
C PRO A 27 11.75 -10.45 -0.15
N HIS A 28 11.86 -9.82 1.02
CA HIS A 28 10.71 -9.23 1.70
C HIS A 28 10.59 -7.74 1.40
N LEU A 29 9.41 -7.33 0.94
CA LEU A 29 9.16 -5.92 0.65
C LEU A 29 8.38 -5.26 1.79
N VAL A 30 8.98 -4.24 2.39
CA VAL A 30 8.33 -3.54 3.50
C VAL A 30 8.39 -2.02 3.31
N VAL A 31 7.21 -1.40 3.24
CA VAL A 31 7.13 0.05 3.08
C VAL A 31 6.05 0.63 3.98
N GLY A 32 6.44 1.56 4.85
CA GLY A 32 5.49 2.17 5.75
C GLY A 32 5.98 3.49 6.31
N HIS A 33 5.04 4.38 6.63
CA HIS A 33 5.38 5.69 7.18
C HIS A 33 4.85 5.84 8.60
N LYS A 34 4.59 4.71 9.25
CA LYS A 34 4.07 4.71 10.61
C LYS A 34 2.73 5.44 10.69
N SER A 35 2.78 6.76 10.84
CA SER A 35 1.56 7.56 10.92
C SER A 35 0.70 7.41 9.67
N TYR A 36 1.34 7.37 8.51
CA TYR A 36 0.64 7.24 7.24
C TYR A 36 0.00 5.86 7.10
N GLY A 37 0.70 4.84 7.61
CA GLY A 37 0.20 3.49 7.53
C GLY A 37 1.28 2.49 7.17
N LYS A 38 1.13 1.26 7.65
CA LYS A 38 2.11 0.21 7.38
C LYS A 38 1.67 -0.66 6.22
N ILE A 39 2.49 -0.69 5.17
CA ILE A 39 2.21 -1.50 3.99
C ILE A 39 3.32 -2.54 3.76
N GLU A 40 2.94 -3.79 3.57
CA GLU A 40 3.91 -4.85 3.33
C GLU A 40 3.61 -5.60 2.04
N PHE A 41 4.62 -5.76 1.20
CA PHE A 41 4.47 -6.45 -0.06
C PHE A 41 5.17 -7.80 -0.05
N LEU A 42 4.48 -8.83 -0.50
CA LEU A 42 5.07 -10.18 -0.54
C LEU A 42 5.57 -10.51 -1.94
N GLU A 43 5.55 -9.51 -2.80
CA GLU A 43 6.02 -9.64 -4.17
C GLU A 43 7.50 -9.29 -4.27
N PRO A 44 8.09 -9.38 -5.48
CA PRO A 44 9.50 -9.14 -5.69
C PRO A 44 9.75 -7.92 -6.58
N VAL A 45 11.03 -7.61 -6.80
CA VAL A 45 11.40 -6.47 -7.63
C VAL A 45 12.70 -6.76 -8.39
N ASP A 46 12.57 -7.21 -9.64
CA ASP A 46 13.74 -7.53 -10.44
C ASP A 46 14.00 -6.45 -11.49
N LEU A 47 14.97 -5.59 -11.22
CA LEU A 47 15.33 -4.52 -12.13
C LEU A 47 16.84 -4.49 -12.39
N ALA A 48 17.61 -5.08 -11.49
CA ALA A 48 19.05 -5.12 -11.63
C ALA A 48 19.64 -3.71 -11.72
N GLY A 49 19.11 -2.79 -10.91
CA GLY A 49 19.61 -1.43 -10.91
C GLY A 49 18.56 -0.41 -10.49
N ILE A 50 17.31 -0.85 -10.35
CA ILE A 50 16.24 0.04 -9.95
C ILE A 50 16.08 1.21 -10.92
N PRO A 51 15.56 0.95 -12.14
CA PRO A 51 15.37 1.99 -13.15
C PRO A 51 13.97 2.59 -13.10
N LEU A 52 13.41 2.64 -11.91
CA LEU A 52 12.08 3.19 -11.70
C LEU A 52 12.04 4.67 -12.04
N THR A 53 13.10 5.38 -11.69
CA THR A 53 13.19 6.83 -11.94
C THR A 53 12.80 7.17 -13.39
N SER A 54 13.24 6.34 -14.33
CA SER A 54 12.91 6.57 -15.74
C SER A 54 11.40 6.52 -15.95
N LEU A 55 10.75 5.57 -15.30
CA LEU A 55 9.31 5.40 -15.41
C LEU A 55 8.59 6.58 -14.76
N GLY A 56 9.11 7.03 -13.61
CA GLY A 56 8.51 8.14 -12.89
C GLY A 56 9.54 8.99 -12.18
N GLY A 57 9.62 8.84 -10.86
CA GLY A 57 10.57 9.61 -10.09
C GLY A 57 10.50 9.29 -8.61
N VAL A 58 9.31 9.38 -8.04
CA VAL A 58 9.11 9.09 -6.62
C VAL A 58 9.27 7.61 -6.33
N ILE A 59 9.12 6.78 -7.37
CA ILE A 59 9.24 5.32 -7.28
C ILE A 59 8.20 4.69 -6.35
N ILE A 60 7.69 5.46 -5.39
CA ILE A 60 6.70 4.95 -4.45
C ILE A 60 6.02 6.10 -3.69
N THR A 61 4.69 6.12 -3.74
CA THR A 61 3.92 7.16 -3.05
C THR A 61 2.84 6.53 -2.19
N PHE A 62 2.63 7.09 -1.00
CA PHE A 62 1.61 6.57 -0.09
C PHE A 62 0.84 7.71 0.58
N GLU A 63 -0.43 7.84 0.22
CA GLU A 63 -1.30 8.86 0.80
C GLU A 63 -1.71 8.46 2.20
N PRO A 64 -1.75 9.41 3.16
CA PRO A 64 -2.13 9.09 4.54
C PRO A 64 -3.61 8.79 4.67
N LYS A 65 -4.06 7.84 3.88
CA LYS A 65 -5.45 7.41 3.87
C LYS A 65 -5.66 6.43 2.70
N THR A 66 -4.88 6.63 1.66
CA THR A 66 -4.96 5.79 0.46
C THR A 66 -3.57 5.51 -0.11
N CYS A 67 -3.41 4.35 -0.74
CA CYS A 67 -2.13 3.98 -1.33
C CYS A 67 -2.05 4.43 -2.79
N ILE A 68 -0.89 4.94 -3.18
CA ILE A 68 -0.70 5.42 -4.55
C ILE A 68 0.42 4.65 -5.26
N ILE A 69 0.07 4.00 -6.36
CA ILE A 69 1.04 3.25 -7.15
C ILE A 69 1.82 4.21 -8.06
N TYR A 70 2.44 3.68 -9.11
CA TYR A 70 3.21 4.52 -10.02
C TYR A 70 2.29 5.55 -10.67
N ALA A 71 1.09 5.11 -11.07
CA ALA A 71 0.07 5.98 -11.70
C ALA A 71 -0.94 5.14 -12.45
N ASN A 72 -1.78 4.41 -11.70
CA ASN A 72 -2.79 3.54 -12.30
C ASN A 72 -2.13 2.50 -13.19
N LEU A 73 -0.91 2.12 -12.82
CA LEU A 73 -0.10 1.13 -13.53
C LEU A 73 -0.68 -0.29 -13.41
N PRO A 74 -1.52 -0.74 -14.35
CA PRO A 74 -2.12 -2.08 -14.30
C PRO A 74 -1.08 -3.17 -14.56
N ASN A 75 0.12 -2.98 -14.03
CA ASN A 75 1.20 -3.95 -14.20
C ASN A 75 1.54 -4.15 -15.67
N ARG A 76 1.48 -3.05 -16.43
CA ARG A 76 1.78 -3.04 -17.87
C ARG A 76 3.27 -3.28 -18.17
N PRO A 77 3.69 -4.54 -18.43
CA PRO A 77 5.09 -4.85 -18.72
C PRO A 77 5.40 -4.90 -20.22
N LYS A 78 5.35 -3.74 -20.86
CA LYS A 78 5.62 -3.65 -22.30
C LYS A 78 7.03 -4.13 -22.60
N ARG A 79 7.98 -3.78 -21.73
CA ARG A 79 9.37 -4.17 -21.91
C ARG A 79 10.11 -4.14 -20.59
N GLY A 80 10.55 -5.31 -20.12
CA GLY A 80 11.27 -5.40 -18.86
C GLY A 80 10.53 -6.21 -17.82
N GLU A 81 10.92 -6.02 -16.55
CA GLU A 81 10.29 -6.74 -15.45
C GLU A 81 9.42 -5.81 -14.61
N GLY A 82 8.33 -6.35 -14.08
CA GLY A 82 7.42 -5.56 -13.26
C GLY A 82 7.10 -6.22 -11.94
N ILE A 83 6.67 -5.41 -10.97
CA ILE A 83 6.32 -5.93 -9.65
C ILE A 83 4.82 -6.09 -9.48
N ASN A 84 4.41 -7.22 -8.93
CA ASN A 84 2.99 -7.50 -8.70
C ASN A 84 2.50 -6.78 -7.45
N VAL A 85 1.19 -6.59 -7.35
CA VAL A 85 0.62 -5.91 -6.19
C VAL A 85 -0.02 -6.90 -5.22
N ARG A 86 0.56 -8.09 -5.14
CA ARG A 86 0.06 -9.12 -4.24
C ARG A 86 0.56 -8.86 -2.81
N ALA A 87 0.09 -7.77 -2.22
CA ALA A 87 0.50 -7.39 -0.87
C ALA A 87 -0.66 -6.88 -0.04
N ARG A 88 -0.42 -6.69 1.25
CA ARG A 88 -1.45 -6.21 2.16
C ARG A 88 -1.28 -4.72 2.42
N ILE A 89 -2.36 -3.98 2.32
CA ILE A 89 -2.32 -2.53 2.54
C ILE A 89 -3.05 -2.16 3.83
N THR A 90 -2.39 -1.39 4.68
CA THR A 90 -2.97 -0.96 5.95
C THR A 90 -3.08 0.57 5.99
N CYS A 91 -4.27 1.05 6.34
CA CYS A 91 -4.50 2.50 6.42
C CYS A 91 -5.06 2.89 7.77
N PHE A 92 -4.59 4.02 8.29
CA PHE A 92 -5.03 4.53 9.58
C PHE A 92 -6.21 5.49 9.42
N ASN A 93 -6.84 5.84 10.53
CA ASN A 93 -7.97 6.76 10.51
C ASN A 93 -9.11 6.21 9.66
N CYS A 94 -9.44 4.94 9.86
CA CYS A 94 -10.50 4.29 9.12
C CYS A 94 -11.84 4.97 9.35
N TYR A 95 -12.07 5.39 10.60
CA TYR A 95 -13.29 6.08 11.04
C TYR A 95 -13.40 7.50 10.46
N PRO A 96 -14.08 7.67 9.30
CA PRO A 96 -14.21 8.99 8.68
C PRO A 96 -15.40 9.78 9.23
N VAL A 97 -15.65 9.64 10.53
CA VAL A 97 -16.74 10.33 11.22
C VAL A 97 -18.09 10.15 10.50
N ASP A 98 -19.17 10.53 11.17
CA ASP A 98 -20.51 10.41 10.61
C ASP A 98 -20.96 11.75 10.03
N LYS A 99 -21.08 11.81 8.70
CA LYS A 99 -21.49 13.03 8.02
C LYS A 99 -22.95 13.36 8.28
N SER A 100 -23.75 12.34 8.55
CA SER A 100 -25.18 12.53 8.80
C SER A 100 -25.44 13.44 9.99
N THR A 101 -24.65 13.27 11.07
CA THR A 101 -24.82 14.08 12.26
C THR A 101 -23.55 14.88 12.59
N ARG A 102 -22.52 14.67 11.78
CA ARG A 102 -21.24 15.36 11.99
C ARG A 102 -20.65 15.02 13.35
N LYS A 103 -21.06 13.86 13.87
CA LYS A 103 -20.62 13.34 15.18
C LYS A 103 -19.15 12.90 15.17
N PRO A 104 -18.20 13.79 15.56
CA PRO A 104 -16.77 13.45 15.57
C PRO A 104 -16.50 12.16 16.35
N ILE A 105 -16.48 11.04 15.63
CA ILE A 105 -16.24 9.75 16.25
C ILE A 105 -14.78 9.34 16.14
N LYS A 106 -14.16 9.13 17.29
CA LYS A 106 -12.76 8.73 17.35
C LYS A 106 -12.55 7.70 18.45
N ASP A 107 -13.45 6.74 18.53
CA ASP A 107 -13.38 5.69 19.54
C ASP A 107 -13.89 4.35 19.01
N PRO A 108 -13.53 3.23 19.66
CA PRO A 108 -13.95 1.89 19.23
C PRO A 108 -15.45 1.67 19.44
N ASN A 109 -16.24 2.73 19.26
CA ASN A 109 -17.69 2.63 19.41
C ASN A 109 -18.28 1.67 18.41
N HIS A 110 -17.77 1.70 17.19
CA HIS A 110 -18.24 0.82 16.12
C HIS A 110 -19.73 1.01 15.88
N GLN A 111 -20.19 2.26 15.94
CA GLN A 111 -21.59 2.57 15.72
C GLN A 111 -22.04 2.14 14.33
N LEU A 112 -21.18 2.39 13.34
CA LEU A 112 -21.48 2.02 11.96
C LEU A 112 -20.31 1.28 11.30
N VAL A 113 -19.36 0.82 12.13
CA VAL A 113 -18.20 0.10 11.62
C VAL A 113 -18.62 -1.19 10.90
N LYS A 114 -19.61 -1.87 11.47
CA LYS A 114 -20.11 -3.11 10.90
C LYS A 114 -20.63 -2.91 9.48
N ARG A 115 -21.29 -1.78 9.25
CA ARG A 115 -21.84 -1.48 7.93
C ARG A 115 -20.74 -1.40 6.88
N HIS A 116 -19.62 -0.79 7.24
CA HIS A 116 -18.49 -0.66 6.33
C HIS A 116 -17.92 -2.02 5.93
N ILE A 117 -17.81 -2.93 6.91
CA ILE A 117 -17.27 -4.25 6.66
C ILE A 117 -18.18 -5.05 5.70
N GLU A 118 -19.49 -4.89 5.87
CA GLU A 118 -20.46 -5.59 5.03
C GLU A 118 -20.30 -5.18 3.57
N ARG A 119 -20.04 -3.89 3.35
CA ARG A 119 -19.86 -3.37 2.00
C ARG A 119 -18.64 -4.00 1.34
N LEU A 120 -17.59 -4.22 2.15
CA LEU A 120 -16.35 -4.82 1.64
C LEU A 120 -16.61 -6.21 1.10
N LYS A 121 -17.46 -6.97 1.79
CA LYS A 121 -17.79 -8.32 1.38
C LYS A 121 -18.46 -8.33 0.01
N LYS A 122 -19.36 -7.37 -0.21
CA LYS A 122 -20.06 -7.26 -1.48
C LYS A 122 -19.07 -6.98 -2.62
N ASN A 123 -18.09 -6.14 -2.33
CA ASN A 123 -17.06 -5.77 -3.30
C ASN A 123 -16.17 -6.97 -3.65
N PRO A 124 -16.42 -7.65 -4.79
CA PRO A 124 -15.64 -8.82 -5.18
C PRO A 124 -14.44 -8.45 -6.06
N ASN A 125 -13.88 -7.27 -5.80
CA ASN A 125 -12.71 -6.80 -6.54
C ASN A 125 -11.46 -6.85 -5.65
N SER A 126 -11.68 -6.88 -4.33
CA SER A 126 -10.60 -6.91 -3.36
C SER A 126 -10.83 -8.04 -2.35
N LYS A 127 -9.74 -8.60 -1.84
CA LYS A 127 -9.83 -9.68 -0.87
C LYS A 127 -9.67 -9.15 0.54
N PHE A 128 -10.68 -9.37 1.39
CA PHE A 128 -10.65 -8.92 2.77
C PHE A 128 -9.70 -9.79 3.60
N GLU A 129 -8.77 -9.14 4.28
CA GLU A 129 -7.81 -9.85 5.11
C GLU A 129 -8.33 -10.02 6.54
N SER A 130 -8.22 -8.97 7.34
CA SER A 130 -8.68 -9.00 8.73
C SER A 130 -8.90 -7.60 9.26
N TYR A 131 -10.01 -7.41 9.96
CA TYR A 131 -10.34 -6.10 10.53
C TYR A 131 -10.27 -6.14 12.06
N ASP A 132 -9.56 -5.19 12.64
CA ASP A 132 -9.42 -5.11 14.09
C ASP A 132 -10.27 -3.99 14.67
N ALA A 133 -11.22 -4.36 15.52
CA ALA A 133 -12.11 -3.38 16.13
C ALA A 133 -11.38 -2.51 17.14
N ASP A 134 -10.48 -3.12 17.90
CA ASP A 134 -9.72 -2.40 18.91
C ASP A 134 -8.89 -1.28 18.30
N SER A 135 -8.28 -1.55 17.15
CA SER A 135 -7.45 -0.55 16.47
C SER A 135 -8.21 0.13 15.34
N GLY A 136 -9.38 -0.41 14.98
CA GLY A 136 -10.17 0.16 13.92
C GLY A 136 -9.44 0.17 12.58
N THR A 137 -8.29 -0.51 12.53
CA THR A 137 -7.49 -0.57 11.31
C THR A 137 -8.07 -1.58 10.32
N TYR A 138 -8.07 -1.22 9.05
CA TYR A 138 -8.60 -2.10 8.00
C TYR A 138 -7.49 -2.53 7.04
N VAL A 139 -7.27 -3.83 6.94
CA VAL A 139 -6.25 -4.39 6.06
C VAL A 139 -6.87 -5.33 5.04
N PHE A 140 -6.55 -5.13 3.77
CA PHE A 140 -7.07 -5.97 2.70
C PHE A 140 -6.03 -6.17 1.61
N ILE A 141 -6.21 -7.21 0.80
CA ILE A 141 -5.28 -7.52 -0.28
C ILE A 141 -5.98 -7.46 -1.63
N VAL A 142 -5.42 -6.69 -2.55
CA VAL A 142 -5.98 -6.57 -3.90
C VAL A 142 -4.93 -6.83 -4.96
N ASN A 143 -4.68 -8.11 -5.23
CA ASN A 143 -3.69 -8.51 -6.22
C ASN A 143 -4.30 -8.55 -7.62
N HIS A 144 -3.92 -7.60 -8.46
CA HIS A 144 -4.43 -7.54 -9.83
C HIS A 144 -3.33 -7.85 -10.84
N ALA A 145 -2.26 -8.48 -10.37
CA ALA A 145 -1.15 -8.84 -11.25
C ALA A 145 -1.59 -9.78 -12.35
N ALA A 146 -2.46 -10.74 -12.01
CA ALA A 146 -2.97 -11.70 -12.97
C ALA A 146 -4.17 -11.15 -13.73
N GLU A 147 -4.13 -11.24 -15.05
CA GLU A 147 -5.23 -10.75 -15.88
C GLU A 147 -5.82 -11.88 -16.71
N GLN A 148 -7.14 -11.89 -16.84
CA GLN A 148 -7.83 -12.93 -17.61
C GLN A 148 -7.79 -12.63 -19.12
N THR A 149 -7.16 -11.53 -19.45
CA THR A 149 -7.03 -11.11 -20.83
C THR A 149 -5.74 -10.29 -21.02
N GLY A 1 17.01 17.10 14.01
CA GLY A 1 16.51 15.75 14.36
C GLY A 1 16.54 14.79 13.17
N PRO A 2 17.57 13.93 13.07
CA PRO A 2 17.70 12.98 11.97
C PRO A 2 16.97 11.67 12.25
N ASN A 3 15.89 11.74 13.00
CA ASN A 3 15.11 10.56 13.33
C ASN A 3 14.19 10.15 12.17
N GLU A 4 14.35 8.93 11.70
CA GLU A 4 13.55 8.41 10.60
C GLU A 4 12.29 7.72 11.12
N ASN A 5 11.17 8.42 11.00
CA ASN A 5 9.88 7.89 11.44
C ASN A 5 9.47 6.68 10.60
N TYR A 6 9.74 6.75 9.30
CA TYR A 6 9.40 5.67 8.38
C TYR A 6 10.65 4.93 7.93
N TYR A 7 10.49 3.63 7.65
CA TYR A 7 11.60 2.81 7.21
C TYR A 7 11.23 1.96 6.00
N ILE A 8 12.23 1.50 5.27
CA ILE A 8 12.01 0.69 4.07
C ILE A 8 12.81 -0.61 4.13
N SER A 9 12.61 -1.46 3.14
CA SER A 9 13.28 -2.78 3.02
C SER A 9 14.65 -2.74 2.27
N PRO A 10 15.72 -2.07 2.75
CA PRO A 10 15.80 -1.41 4.04
C PRO A 10 15.98 0.12 3.92
N SER A 11 15.39 0.71 2.87
CA SER A 11 15.44 2.15 2.57
C SER A 11 15.62 2.37 1.07
N LEU A 12 15.41 3.59 0.61
CA LEU A 12 15.58 3.89 -0.81
C LEU A 12 17.02 3.64 -1.25
N ASP A 13 17.96 4.12 -0.44
CA ASP A 13 19.38 3.93 -0.73
C ASP A 13 19.84 2.52 -0.37
N THR A 14 19.44 2.05 0.81
CA THR A 14 19.82 0.71 1.26
C THR A 14 19.34 -0.35 0.30
N LEU A 15 18.16 -0.14 -0.28
CA LEU A 15 17.57 -1.08 -1.23
C LEU A 15 18.49 -1.27 -2.43
N SER A 16 19.08 -0.18 -2.91
CA SER A 16 19.97 -0.25 -4.07
C SER A 16 21.16 -1.17 -3.79
N SER A 17 21.44 -1.42 -2.52
CA SER A 17 22.55 -2.29 -2.13
C SER A 17 22.23 -3.75 -2.49
N TYR A 18 21.01 -3.99 -2.95
CA TYR A 18 20.56 -5.32 -3.33
C TYR A 18 21.42 -5.90 -4.44
N SER A 19 21.63 -7.21 -4.38
CA SER A 19 22.41 -7.89 -5.40
C SER A 19 21.61 -7.91 -6.71
N LEU A 20 22.13 -8.58 -7.72
CA LEU A 20 21.43 -8.65 -9.01
C LEU A 20 20.05 -9.29 -8.83
N LEU A 21 20.01 -10.39 -8.10
CA LEU A 21 18.75 -11.08 -7.83
C LEU A 21 17.85 -10.27 -6.91
N GLN A 22 18.45 -9.66 -5.89
CA GLN A 22 17.71 -8.87 -4.91
C GLN A 22 16.98 -7.70 -5.57
N LEU A 23 17.68 -6.97 -6.43
CA LEU A 23 17.09 -5.82 -7.10
C LEU A 23 16.02 -6.25 -8.09
N ARG A 24 16.30 -7.34 -8.79
CA ARG A 24 15.39 -7.88 -9.80
C ARG A 24 14.08 -8.34 -9.17
N LYS A 25 14.18 -8.96 -8.00
CA LYS A 25 13.00 -9.45 -7.30
C LYS A 25 13.15 -9.25 -5.78
N VAL A 26 12.60 -8.14 -5.29
CA VAL A 26 12.63 -7.78 -3.86
C VAL A 26 11.70 -8.67 -3.03
N PRO A 27 12.20 -9.79 -2.46
CA PRO A 27 11.38 -10.71 -1.66
C PRO A 27 10.44 -10.00 -0.68
N HIS A 28 10.93 -9.66 0.51
CA HIS A 28 10.10 -8.98 1.51
C HIS A 28 10.30 -7.47 1.48
N LEU A 29 9.29 -6.76 0.99
CA LEU A 29 9.35 -5.31 0.92
C LEU A 29 8.54 -4.68 2.06
N VAL A 30 9.19 -3.83 2.85
CA VAL A 30 8.53 -3.18 3.97
C VAL A 30 8.56 -1.66 3.81
N VAL A 31 7.40 -1.06 3.59
CA VAL A 31 7.28 0.37 3.44
C VAL A 31 6.10 0.91 4.25
N GLY A 32 6.34 1.95 5.04
CA GLY A 32 5.27 2.51 5.84
C GLY A 32 5.74 3.59 6.79
N HIS A 33 4.79 4.33 7.33
CA HIS A 33 5.08 5.41 8.27
C HIS A 33 4.04 5.42 9.39
N LYS A 34 4.45 5.89 10.57
CA LYS A 34 3.55 5.93 11.72
C LYS A 34 2.35 6.82 11.42
N SER A 35 2.61 7.95 10.75
CA SER A 35 1.55 8.89 10.39
C SER A 35 0.62 8.29 9.35
N TYR A 36 1.19 7.58 8.38
CA TYR A 36 0.40 6.97 7.30
C TYR A 36 -0.08 5.56 7.68
N GLY A 37 0.85 4.61 7.66
CA GLY A 37 0.51 3.24 7.99
C GLY A 37 1.57 2.24 7.54
N LYS A 38 1.30 0.96 7.76
CA LYS A 38 2.23 -0.10 7.37
C LYS A 38 1.86 -0.68 6.01
N ILE A 39 2.83 -0.67 5.10
CA ILE A 39 2.60 -1.19 3.75
C ILE A 39 3.67 -2.23 3.38
N GLU A 40 3.26 -3.30 2.72
CA GLU A 40 4.18 -4.37 2.32
C GLU A 40 4.02 -4.72 0.85
N PHE A 41 5.05 -5.35 0.28
CA PHE A 41 5.03 -5.74 -1.13
C PHE A 41 5.94 -6.94 -1.40
N LEU A 42 5.36 -8.05 -1.82
CA LEU A 42 6.14 -9.25 -2.12
C LEU A 42 6.36 -9.39 -3.63
N GLU A 43 6.11 -8.30 -4.33
CA GLU A 43 6.28 -8.25 -5.78
C GLU A 43 7.76 -8.34 -6.15
N PRO A 44 8.06 -8.66 -7.42
CA PRO A 44 9.42 -8.82 -7.91
C PRO A 44 9.77 -7.74 -8.92
N VAL A 45 10.17 -6.57 -8.40
CA VAL A 45 10.53 -5.44 -9.23
C VAL A 45 11.81 -5.72 -10.00
N ASP A 46 11.66 -6.25 -11.20
CA ASP A 46 12.81 -6.55 -12.03
C ASP A 46 13.31 -5.29 -12.71
N LEU A 47 14.08 -4.53 -11.95
CA LEU A 47 14.65 -3.29 -12.42
C LEU A 47 15.96 -3.57 -13.14
N ALA A 48 16.96 -3.98 -12.36
CA ALA A 48 18.28 -4.31 -12.89
C ALA A 48 18.82 -3.21 -13.81
N GLY A 49 19.33 -2.12 -13.21
CA GLY A 49 19.89 -1.04 -14.01
C GLY A 49 19.00 0.17 -14.11
N ILE A 50 17.93 0.21 -13.30
CA ILE A 50 16.96 1.32 -13.25
C ILE A 50 17.55 2.60 -12.64
N PRO A 51 18.12 3.51 -13.45
CA PRO A 51 18.70 4.77 -12.93
C PRO A 51 17.66 5.71 -12.32
N LEU A 52 16.54 5.13 -11.87
CA LEU A 52 15.47 5.91 -11.27
C LEU A 52 15.90 6.47 -9.92
N THR A 53 16.82 5.76 -9.26
CA THR A 53 17.31 6.16 -7.94
C THR A 53 17.69 7.63 -7.91
N SER A 54 18.31 8.11 -8.98
CA SER A 54 18.71 9.51 -9.08
C SER A 54 17.47 10.40 -9.00
N LEU A 55 16.41 9.95 -9.66
CA LEU A 55 15.15 10.68 -9.68
C LEU A 55 14.58 10.78 -8.27
N GLY A 56 14.70 9.66 -7.54
CA GLY A 56 14.21 9.60 -6.18
C GLY A 56 14.89 8.49 -5.40
N GLY A 57 14.25 7.33 -5.33
CA GLY A 57 14.83 6.21 -4.62
C GLY A 57 14.02 4.95 -4.82
N VAL A 58 12.73 5.04 -4.52
CA VAL A 58 11.82 3.94 -4.68
C VAL A 58 10.60 4.39 -5.45
N ILE A 59 10.24 3.64 -6.48
CA ILE A 59 9.09 3.97 -7.31
C ILE A 59 7.79 3.71 -6.54
N ILE A 60 7.81 4.09 -5.27
CA ILE A 60 6.64 3.89 -4.39
C ILE A 60 6.00 5.20 -3.96
N THR A 61 4.69 5.30 -4.16
CA THR A 61 3.93 6.47 -3.75
C THR A 61 2.85 6.06 -2.76
N PHE A 62 2.76 6.74 -1.62
CA PHE A 62 1.77 6.40 -0.62
C PHE A 62 1.06 7.64 -0.07
N GLU A 63 -0.21 7.78 -0.43
CA GLU A 63 -1.03 8.89 0.03
C GLU A 63 -1.53 8.61 1.45
N PRO A 64 -1.58 9.63 2.33
CA PRO A 64 -2.06 9.44 3.71
C PRO A 64 -3.56 9.20 3.77
N LYS A 65 -3.99 8.20 3.01
CA LYS A 65 -5.38 7.81 2.94
C LYS A 65 -5.55 6.67 1.93
N THR A 66 -4.67 6.67 0.93
CA THR A 66 -4.70 5.64 -0.12
C THR A 66 -3.30 5.38 -0.67
N CYS A 67 -3.13 4.21 -1.29
CA CYS A 67 -1.85 3.83 -1.89
C CYS A 67 -1.86 4.07 -3.39
N ILE A 68 -0.90 4.83 -3.88
CA ILE A 68 -0.80 5.13 -5.31
C ILE A 68 0.52 4.63 -5.90
N ILE A 69 0.41 3.73 -6.88
CA ILE A 69 1.59 3.18 -7.54
C ILE A 69 1.39 3.09 -9.05
N TYR A 70 0.13 3.03 -9.48
CA TYR A 70 -0.20 2.94 -10.89
C TYR A 70 -0.48 4.31 -11.51
N ALA A 71 -0.40 5.36 -10.70
CA ALA A 71 -0.66 6.72 -11.17
C ALA A 71 0.20 7.06 -12.38
N ASN A 72 -0.46 7.60 -13.41
CA ASN A 72 0.22 7.99 -14.64
C ASN A 72 0.81 6.78 -15.38
N LEU A 73 0.64 5.60 -14.79
CA LEU A 73 1.13 4.33 -15.36
C LEU A 73 0.34 3.91 -16.60
N PRO A 74 0.77 4.27 -17.82
CA PRO A 74 0.07 3.90 -19.05
C PRO A 74 0.59 2.61 -19.67
N ASN A 75 1.05 1.69 -18.82
CA ASN A 75 1.56 0.41 -19.30
C ASN A 75 2.72 0.60 -20.27
N ARG A 76 3.51 1.65 -20.04
CA ARG A 76 4.66 1.96 -20.90
C ARG A 76 5.56 0.73 -21.12
N PRO A 77 5.95 0.03 -20.03
CA PRO A 77 6.80 -1.14 -20.09
C PRO A 77 6.02 -2.44 -19.97
N LYS A 78 4.80 -2.45 -20.48
CA LYS A 78 3.94 -3.63 -20.41
C LYS A 78 4.60 -4.83 -21.09
N ARG A 79 5.24 -4.58 -22.23
CA ARG A 79 5.89 -5.64 -22.98
C ARG A 79 7.26 -6.00 -22.38
N GLY A 80 7.41 -7.25 -21.97
CA GLY A 80 8.66 -7.69 -21.39
C GLY A 80 8.72 -7.51 -19.88
N GLU A 81 7.75 -6.79 -19.33
CA GLU A 81 7.71 -6.54 -17.90
C GLU A 81 6.45 -7.10 -17.26
N GLY A 82 6.54 -7.41 -15.97
CA GLY A 82 5.41 -7.94 -15.25
C GLY A 82 5.44 -7.55 -13.78
N ILE A 83 4.48 -6.73 -13.37
CA ILE A 83 4.41 -6.28 -11.98
C ILE A 83 3.36 -7.08 -11.20
N ASN A 84 3.81 -7.76 -10.15
CA ASN A 84 2.92 -8.56 -9.32
C ASN A 84 2.40 -7.74 -8.14
N VAL A 85 1.13 -7.92 -7.82
CA VAL A 85 0.51 -7.19 -6.72
C VAL A 85 0.36 -8.08 -5.49
N ARG A 86 1.31 -9.00 -5.31
CA ARG A 86 1.28 -9.91 -4.18
C ARG A 86 1.74 -9.20 -2.91
N ALA A 87 0.98 -8.19 -2.50
CA ALA A 87 1.31 -7.42 -1.30
C ALA A 87 0.05 -7.03 -0.53
N ARG A 88 0.23 -6.70 0.74
CA ARG A 88 -0.89 -6.31 1.59
C ARG A 88 -0.79 -4.83 1.95
N ILE A 89 -1.91 -4.13 1.92
CA ILE A 89 -1.94 -2.71 2.23
C ILE A 89 -2.65 -2.45 3.56
N THR A 90 -1.99 -1.69 4.42
CA THR A 90 -2.55 -1.34 5.73
C THR A 90 -2.70 0.18 5.85
N CYS A 91 -3.88 0.62 6.26
CA CYS A 91 -4.13 2.05 6.39
C CYS A 91 -4.44 2.41 7.84
N PHE A 92 -4.12 3.65 8.21
CA PHE A 92 -4.36 4.13 9.58
C PHE A 92 -5.86 4.30 9.82
N ASN A 93 -6.22 4.49 11.09
CA ASN A 93 -7.62 4.65 11.47
C ASN A 93 -8.13 6.03 11.06
N CYS A 94 -8.85 6.06 9.95
CA CYS A 94 -9.42 7.30 9.44
C CYS A 94 -10.90 7.41 9.79
N TYR A 95 -11.37 6.49 10.62
CA TYR A 95 -12.77 6.45 11.06
C TYR A 95 -13.32 7.83 11.42
N PRO A 96 -12.57 8.63 12.23
CA PRO A 96 -13.02 9.97 12.64
C PRO A 96 -13.15 10.94 11.47
N VAL A 97 -13.29 10.41 10.26
CA VAL A 97 -13.43 11.25 9.08
C VAL A 97 -14.31 10.60 8.02
N ASP A 98 -15.43 11.24 7.72
CA ASP A 98 -16.34 10.75 6.70
C ASP A 98 -16.05 11.47 5.39
N LYS A 99 -15.71 10.70 4.36
CA LYS A 99 -15.35 11.27 3.05
C LYS A 99 -16.54 11.89 2.34
N SER A 100 -17.69 11.23 2.45
CA SER A 100 -18.89 11.70 1.80
C SER A 100 -19.31 13.09 2.26
N THR A 101 -19.14 13.38 3.55
CA THR A 101 -19.54 14.68 4.09
C THR A 101 -18.41 15.40 4.82
N ARG A 102 -17.22 14.84 4.76
CA ARG A 102 -16.07 15.41 5.45
C ARG A 102 -16.34 15.48 6.96
N LYS A 103 -17.29 14.68 7.40
CA LYS A 103 -17.69 14.61 8.80
C LYS A 103 -16.54 14.13 9.69
N PRO A 104 -16.30 14.79 10.83
CA PRO A 104 -15.22 14.45 11.73
C PRO A 104 -15.77 13.89 13.04
N ILE A 105 -16.08 12.60 13.00
CA ILE A 105 -16.65 11.89 14.14
C ILE A 105 -15.57 11.22 14.98
N LYS A 106 -15.36 11.72 16.19
CA LYS A 106 -14.36 11.15 17.08
C LYS A 106 -15.01 10.44 18.26
N ASP A 107 -15.71 9.34 17.97
CA ASP A 107 -16.38 8.56 18.99
C ASP A 107 -16.40 7.07 18.64
N PRO A 108 -16.41 6.18 19.65
CA PRO A 108 -16.42 4.73 19.44
C PRO A 108 -17.82 4.15 19.53
N ASN A 109 -18.77 4.80 18.85
CA ASN A 109 -20.16 4.34 18.87
C ASN A 109 -20.46 3.37 17.74
N HIS A 110 -19.44 3.08 16.91
CA HIS A 110 -19.62 2.16 15.79
C HIS A 110 -20.74 2.63 14.86
N GLN A 111 -20.79 3.93 14.62
CA GLN A 111 -21.82 4.52 13.77
C GLN A 111 -21.79 3.94 12.36
N LEU A 112 -20.59 3.72 11.82
CA LEU A 112 -20.47 3.18 10.48
C LEU A 112 -19.47 2.02 10.43
N VAL A 113 -19.17 1.45 11.59
CA VAL A 113 -18.23 0.33 11.65
C VAL A 113 -18.75 -0.85 10.84
N LYS A 114 -20.01 -1.22 11.07
CA LYS A 114 -20.63 -2.33 10.36
C LYS A 114 -20.67 -2.06 8.85
N ARG A 115 -20.98 -0.83 8.48
CA ARG A 115 -21.07 -0.45 7.08
C ARG A 115 -19.73 -0.61 6.37
N HIS A 116 -18.65 -0.27 7.07
CA HIS A 116 -17.31 -0.37 6.49
C HIS A 116 -16.98 -1.81 6.12
N ILE A 117 -17.32 -2.74 7.00
CA ILE A 117 -17.07 -4.15 6.76
C ILE A 117 -17.96 -4.69 5.64
N GLU A 118 -19.22 -4.26 5.64
CA GLU A 118 -20.17 -4.69 4.63
C GLU A 118 -19.72 -4.23 3.24
N ARG A 119 -19.23 -2.99 3.16
CA ARG A 119 -18.77 -2.43 1.90
C ARG A 119 -17.59 -3.23 1.34
N LEU A 120 -16.68 -3.64 2.23
CA LEU A 120 -15.51 -4.40 1.84
C LEU A 120 -15.92 -5.72 1.20
N LYS A 121 -16.93 -6.35 1.77
CA LYS A 121 -17.41 -7.64 1.25
C LYS A 121 -17.92 -7.48 -0.18
N LYS A 122 -18.61 -6.39 -0.46
CA LYS A 122 -19.16 -6.13 -1.79
C LYS A 122 -18.04 -5.95 -2.79
N ASN A 123 -16.97 -5.26 -2.36
CA ASN A 123 -15.80 -4.99 -3.19
C ASN A 123 -15.01 -6.28 -3.48
N PRO A 124 -15.24 -6.90 -4.67
CA PRO A 124 -14.55 -8.13 -5.03
C PRO A 124 -13.24 -7.88 -5.74
N ASN A 125 -12.58 -6.79 -5.39
CA ASN A 125 -11.30 -6.43 -5.99
C ASN A 125 -10.16 -6.64 -4.99
N SER A 126 -10.51 -6.56 -3.71
CA SER A 126 -9.53 -6.75 -2.64
C SER A 126 -10.00 -7.85 -1.69
N LYS A 127 -9.04 -8.54 -1.07
CA LYS A 127 -9.37 -9.62 -0.14
C LYS A 127 -9.34 -9.12 1.30
N PHE A 128 -10.46 -9.25 1.99
CA PHE A 128 -10.55 -8.83 3.38
C PHE A 128 -9.74 -9.75 4.29
N GLU A 129 -8.76 -9.18 4.98
CA GLU A 129 -7.93 -9.97 5.89
C GLU A 129 -8.51 -9.99 7.30
N SER A 130 -8.28 -8.91 8.04
CA SER A 130 -8.78 -8.80 9.41
C SER A 130 -9.10 -7.35 9.76
N TYR A 131 -10.24 -7.13 10.42
CA TYR A 131 -10.64 -5.79 10.82
C TYR A 131 -10.76 -5.69 12.34
N ASP A 132 -10.16 -4.66 12.91
CA ASP A 132 -10.20 -4.45 14.35
C ASP A 132 -11.07 -3.25 14.71
N ALA A 133 -12.12 -3.49 15.48
CA ALA A 133 -13.03 -2.43 15.90
C ALA A 133 -12.37 -1.48 16.88
N ASP A 134 -11.56 -2.03 17.78
CA ASP A 134 -10.88 -1.23 18.80
C ASP A 134 -9.96 -0.19 18.18
N SER A 135 -9.25 -0.58 17.11
CA SER A 135 -8.34 0.33 16.44
C SER A 135 -8.96 0.94 15.19
N GLY A 136 -10.01 0.30 14.69
CA GLY A 136 -10.67 0.79 13.49
C GLY A 136 -9.83 0.65 12.23
N THR A 137 -8.63 0.06 12.39
CA THR A 137 -7.73 -0.14 11.26
C THR A 137 -8.21 -1.28 10.37
N TYR A 138 -8.08 -1.09 9.06
CA TYR A 138 -8.51 -2.10 8.09
C TYR A 138 -7.31 -2.66 7.33
N VAL A 139 -7.14 -3.97 7.37
CA VAL A 139 -6.04 -4.64 6.69
C VAL A 139 -6.57 -5.64 5.67
N PHE A 140 -6.08 -5.55 4.43
CA PHE A 140 -6.52 -6.44 3.37
C PHE A 140 -5.40 -6.66 2.35
N ILE A 141 -5.50 -7.74 1.58
CA ILE A 141 -4.49 -8.07 0.58
C ILE A 141 -5.13 -8.24 -0.80
N VAL A 142 -4.48 -7.67 -1.81
CA VAL A 142 -4.97 -7.75 -3.18
C VAL A 142 -4.08 -8.64 -4.04
N ASN A 143 -3.53 -9.68 -3.43
CA ASN A 143 -2.65 -10.61 -4.14
C ASN A 143 -3.47 -11.57 -4.99
N HIS A 144 -3.37 -11.42 -6.30
CA HIS A 144 -4.08 -12.29 -7.24
C HIS A 144 -3.12 -13.05 -8.15
N ALA A 145 -1.82 -12.77 -8.01
CA ALA A 145 -0.81 -13.42 -8.82
C ALA A 145 -0.81 -14.93 -8.61
N ALA A 146 -0.99 -15.35 -7.35
CA ALA A 146 -1.02 -16.76 -7.02
C ALA A 146 -2.45 -17.28 -6.89
N GLU A 147 -2.79 -18.27 -7.71
CA GLU A 147 -4.12 -18.86 -7.69
C GLU A 147 -4.05 -20.34 -7.34
N GLN A 148 -5.01 -20.81 -6.54
CA GLN A 148 -5.06 -22.19 -6.13
C GLN A 148 -5.90 -22.98 -7.13
N THR A 149 -5.25 -23.96 -7.73
CA THR A 149 -5.88 -24.85 -8.72
C THR A 149 -6.72 -24.07 -9.72
N GLY A 1 1.73 14.13 8.23
CA GLY A 1 2.72 13.10 7.80
C GLY A 1 3.58 13.56 6.64
N PRO A 2 4.24 14.73 6.76
CA PRO A 2 5.09 15.25 5.68
C PRO A 2 6.37 14.44 5.52
N ASN A 3 6.26 13.12 5.66
CA ASN A 3 7.41 12.24 5.52
C ASN A 3 8.47 12.56 6.55
N GLU A 4 8.04 12.94 7.75
CA GLU A 4 8.96 13.29 8.83
C GLU A 4 9.87 12.11 9.18
N ASN A 5 9.31 10.92 9.18
CA ASN A 5 10.06 9.71 9.50
C ASN A 5 9.49 8.49 8.78
N TYR A 6 10.20 8.03 7.76
CA TYR A 6 9.77 6.87 6.99
C TYR A 6 10.95 5.96 6.67
N TYR A 7 10.68 4.67 6.53
CA TYR A 7 11.73 3.71 6.23
C TYR A 7 11.25 2.67 5.22
N ILE A 8 12.20 2.02 4.53
CA ILE A 8 11.87 1.03 3.53
C ILE A 8 12.73 -0.24 3.71
N SER A 9 12.35 -1.29 2.98
CA SER A 9 13.02 -2.60 3.00
C SER A 9 14.29 -2.72 2.09
N PRO A 10 15.45 -2.08 2.38
CA PRO A 10 15.75 -1.28 3.54
C PRO A 10 15.97 0.20 3.23
N SER A 11 15.25 0.72 2.21
CA SER A 11 15.29 2.13 1.75
C SER A 11 15.26 2.16 0.24
N LEU A 12 15.00 3.34 -0.33
CA LEU A 12 14.97 3.49 -1.77
C LEU A 12 16.32 3.13 -2.37
N ASP A 13 17.37 3.67 -1.78
CA ASP A 13 18.74 3.41 -2.24
C ASP A 13 19.27 2.09 -1.69
N THR A 14 18.98 1.83 -0.41
CA THR A 14 19.45 0.61 0.24
C THR A 14 18.94 -0.64 -0.48
N LEU A 15 17.69 -0.59 -0.93
CA LEU A 15 17.09 -1.72 -1.64
C LEU A 15 17.87 -2.02 -2.91
N SER A 16 18.31 -0.97 -3.60
CA SER A 16 19.06 -1.13 -4.83
C SER A 16 20.35 -1.91 -4.60
N SER A 17 21.01 -1.65 -3.47
CA SER A 17 22.25 -2.35 -3.13
C SER A 17 22.00 -3.85 -2.94
N TYR A 18 20.73 -4.26 -3.01
CA TYR A 18 20.36 -5.65 -2.86
C TYR A 18 21.00 -6.52 -3.93
N SER A 19 21.09 -7.81 -3.67
CA SER A 19 21.67 -8.74 -4.62
C SER A 19 20.81 -8.80 -5.88
N LEU A 20 21.35 -9.37 -6.95
CA LEU A 20 20.60 -9.48 -8.20
C LEU A 20 19.31 -10.27 -7.99
N LEU A 21 19.44 -11.44 -7.38
CA LEU A 21 18.28 -12.27 -7.11
C LEU A 21 17.41 -11.63 -6.02
N GLN A 22 18.06 -11.06 -5.01
CA GLN A 22 17.37 -10.43 -3.90
C GLN A 22 16.57 -9.20 -4.37
N LEU A 23 17.17 -8.42 -5.26
CA LEU A 23 16.54 -7.24 -5.80
C LEU A 23 15.37 -7.61 -6.70
N ARG A 24 15.58 -8.65 -7.51
CA ARG A 24 14.56 -9.13 -8.44
C ARG A 24 13.32 -9.65 -7.70
N LYS A 25 13.55 -10.33 -6.59
CA LYS A 25 12.47 -10.89 -5.80
C LYS A 25 12.56 -10.47 -4.34
N VAL A 26 12.03 -9.29 -4.04
CA VAL A 26 12.00 -8.71 -2.68
C VAL A 26 11.04 -9.46 -1.75
N PRO A 27 11.54 -10.47 -0.99
CA PRO A 27 10.69 -11.25 -0.07
C PRO A 27 9.86 -10.37 0.87
N HIS A 28 10.47 -9.96 2.00
CA HIS A 28 9.76 -9.12 2.97
C HIS A 28 10.06 -7.65 2.75
N LEU A 29 9.05 -6.91 2.29
CA LEU A 29 9.19 -5.47 2.05
C LEU A 29 8.42 -4.68 3.10
N VAL A 30 9.08 -3.70 3.70
CA VAL A 30 8.44 -2.86 4.70
C VAL A 30 8.45 -1.39 4.26
N VAL A 31 7.27 -0.89 3.94
CA VAL A 31 7.11 0.49 3.51
C VAL A 31 5.98 1.16 4.31
N GLY A 32 6.25 2.33 4.86
CA GLY A 32 5.24 3.03 5.62
C GLY A 32 5.75 4.31 6.25
N HIS A 33 4.83 5.18 6.67
CA HIS A 33 5.21 6.45 7.28
C HIS A 33 4.70 6.54 8.72
N LYS A 34 4.36 5.39 9.29
CA LYS A 34 3.86 5.31 10.65
C LYS A 34 2.49 6.00 10.78
N SER A 35 2.48 7.31 10.63
CA SER A 35 1.26 8.09 10.73
C SER A 35 0.26 7.67 9.66
N TYR A 36 0.75 7.39 8.46
CA TYR A 36 -0.10 6.98 7.35
C TYR A 36 -0.36 5.48 7.37
N GLY A 37 0.35 4.75 8.23
CA GLY A 37 0.16 3.31 8.32
C GLY A 37 1.31 2.53 7.72
N LYS A 38 1.47 1.28 8.16
CA LYS A 38 2.55 0.42 7.67
C LYS A 38 2.04 -0.56 6.61
N ILE A 39 2.75 -0.61 5.48
CA ILE A 39 2.40 -1.51 4.38
C ILE A 39 3.62 -2.34 3.98
N GLU A 40 3.41 -3.63 3.70
CA GLU A 40 4.51 -4.50 3.32
C GLU A 40 4.23 -5.24 2.01
N PHE A 41 5.24 -5.32 1.16
CA PHE A 41 5.12 -5.99 -0.13
C PHE A 41 5.92 -7.30 -0.14
N LEU A 42 5.26 -8.40 -0.49
CA LEU A 42 5.93 -9.71 -0.54
C LEU A 42 6.09 -10.20 -1.98
N GLU A 43 5.91 -9.27 -2.91
CA GLU A 43 6.03 -9.57 -4.34
C GLU A 43 7.48 -9.63 -4.79
N PRO A 44 7.73 -10.13 -6.03
CA PRO A 44 9.07 -10.30 -6.58
C PRO A 44 9.23 -9.33 -7.78
N VAL A 45 9.58 -8.08 -7.44
CA VAL A 45 9.71 -7.03 -8.48
C VAL A 45 11.03 -7.27 -9.22
N ASP A 46 11.00 -8.25 -10.14
CA ASP A 46 12.21 -8.58 -10.91
C ASP A 46 12.59 -7.36 -11.77
N LEU A 47 13.46 -6.52 -11.21
CA LEU A 47 13.90 -5.31 -11.91
C LEU A 47 15.37 -5.40 -12.30
N ALA A 48 16.19 -5.90 -11.38
CA ALA A 48 17.63 -6.04 -11.63
C ALA A 48 18.26 -4.70 -12.02
N GLY A 49 17.83 -3.63 -11.35
CA GLY A 49 18.37 -2.31 -11.64
C GLY A 49 17.52 -1.19 -11.06
N ILE A 50 16.23 -1.18 -11.42
CA ILE A 50 15.31 -0.16 -10.94
C ILE A 50 15.81 1.25 -11.28
N PRO A 51 15.53 1.72 -12.51
CA PRO A 51 15.97 3.04 -12.96
C PRO A 51 14.80 4.04 -13.00
N LEU A 52 13.89 3.88 -12.04
CA LEU A 52 12.73 4.76 -11.94
C LEU A 52 13.16 6.15 -11.47
N THR A 53 14.20 6.19 -10.64
CA THR A 53 14.72 7.45 -10.08
C THR A 53 14.90 8.51 -11.18
N SER A 54 15.33 8.08 -12.36
CA SER A 54 15.54 9.01 -13.47
C SER A 54 14.24 9.71 -13.84
N LEU A 55 13.14 8.96 -13.81
CA LEU A 55 11.84 9.51 -14.13
C LEU A 55 11.38 10.47 -13.04
N GLY A 56 11.66 10.11 -11.78
CA GLY A 56 11.28 10.94 -10.66
C GLY A 56 12.38 11.02 -9.62
N GLY A 57 12.16 10.39 -8.46
CA GLY A 57 13.15 10.41 -7.39
C GLY A 57 12.69 9.65 -6.17
N VAL A 58 11.57 10.08 -5.59
CA VAL A 58 11.01 9.43 -4.42
C VAL A 58 10.68 7.97 -4.71
N ILE A 59 10.14 7.73 -5.91
CA ILE A 59 9.76 6.38 -6.36
C ILE A 59 8.95 5.62 -5.29
N ILE A 60 8.39 6.36 -4.34
CA ILE A 60 7.59 5.75 -3.28
C ILE A 60 6.69 6.77 -2.60
N THR A 61 5.38 6.52 -2.66
CA THR A 61 4.41 7.41 -2.02
C THR A 61 3.33 6.60 -1.32
N PHE A 62 2.77 7.14 -0.25
CA PHE A 62 1.73 6.45 0.50
C PHE A 62 0.63 7.42 0.95
N GLU A 63 -0.55 7.27 0.36
CA GLU A 63 -1.69 8.11 0.70
C GLU A 63 -2.34 7.62 1.99
N PRO A 64 -2.78 8.55 2.87
CA PRO A 64 -3.41 8.16 4.14
C PRO A 64 -4.80 7.59 3.93
N LYS A 65 -4.86 6.56 3.11
CA LYS A 65 -6.10 5.87 2.78
C LYS A 65 -5.82 4.74 1.78
N THR A 66 -4.81 4.97 0.94
CA THR A 66 -4.42 4.00 -0.07
C THR A 66 -2.92 4.09 -0.36
N CYS A 67 -2.33 2.98 -0.81
CA CYS A 67 -0.92 2.95 -1.13
C CYS A 67 -0.70 3.07 -2.63
N ILE A 68 0.01 4.11 -3.04
CA ILE A 68 0.29 4.34 -4.46
C ILE A 68 1.79 4.34 -4.72
N ILE A 69 2.24 3.42 -5.59
CA ILE A 69 3.66 3.32 -5.92
C ILE A 69 3.96 3.91 -7.30
N TYR A 70 3.26 3.42 -8.33
CA TYR A 70 3.48 3.90 -9.69
C TYR A 70 2.44 4.92 -10.12
N ALA A 71 1.49 5.21 -9.24
CA ALA A 71 0.44 6.18 -9.53
C ALA A 71 -0.50 5.69 -10.63
N ASN A 72 -1.51 4.90 -10.22
CA ASN A 72 -2.49 4.37 -11.15
C ASN A 72 -1.83 3.50 -12.21
N LEU A 73 -0.84 2.72 -11.78
CA LEU A 73 -0.06 1.80 -12.63
C LEU A 73 -0.91 0.62 -13.11
N PRO A 74 -1.55 0.68 -14.29
CA PRO A 74 -2.37 -0.40 -14.81
C PRO A 74 -1.56 -1.39 -15.64
N ASN A 75 -0.30 -1.57 -15.28
CA ASN A 75 0.60 -2.46 -16.01
C ASN A 75 0.73 -2.06 -17.46
N ARG A 76 0.56 -0.77 -17.73
CA ARG A 76 0.67 -0.23 -19.09
C ARG A 76 1.96 -0.67 -19.77
N PRO A 77 3.12 -0.48 -19.11
CA PRO A 77 4.43 -0.86 -19.67
C PRO A 77 4.70 -2.37 -19.61
N LYS A 78 5.64 -2.79 -18.76
CA LYS A 78 6.00 -4.20 -18.62
C LYS A 78 6.28 -4.85 -19.97
N ARG A 79 7.24 -4.29 -20.70
CA ARG A 79 7.63 -4.80 -22.00
C ARG A 79 8.21 -6.21 -21.88
N GLY A 80 9.01 -6.41 -20.84
CA GLY A 80 9.62 -7.71 -20.61
C GLY A 80 9.50 -8.17 -19.17
N GLU A 81 9.48 -7.21 -18.25
CA GLU A 81 9.35 -7.49 -16.83
C GLU A 81 8.09 -6.88 -16.25
N GLY A 82 7.42 -7.61 -15.37
CA GLY A 82 6.19 -7.11 -14.76
C GLY A 82 6.32 -6.89 -13.27
N ILE A 83 5.72 -5.83 -12.78
CA ILE A 83 5.76 -5.51 -11.35
C ILE A 83 4.47 -5.95 -10.67
N ASN A 84 4.61 -6.84 -9.70
CA ASN A 84 3.46 -7.35 -8.96
C ASN A 84 3.32 -6.65 -7.61
N VAL A 85 2.15 -6.09 -7.34
CA VAL A 85 1.90 -5.39 -6.09
C VAL A 85 1.04 -6.23 -5.15
N ARG A 86 1.19 -7.55 -5.22
CA ARG A 86 0.44 -8.46 -4.37
C ARG A 86 0.94 -8.36 -2.93
N ALA A 87 0.72 -7.22 -2.29
CA ALA A 87 1.15 -7.01 -0.92
C ALA A 87 -0.02 -6.67 -0.02
N ARG A 88 0.23 -6.62 1.28
CA ARG A 88 -0.80 -6.31 2.26
C ARG A 88 -0.69 -4.85 2.69
N ILE A 89 -1.82 -4.15 2.67
CA ILE A 89 -1.85 -2.74 3.04
C ILE A 89 -2.57 -2.52 4.37
N THR A 90 -1.84 -1.95 5.34
CA THR A 90 -2.40 -1.70 6.65
C THR A 90 -2.77 -0.22 6.77
N CYS A 91 -4.05 0.07 7.02
CA CYS A 91 -4.52 1.44 7.13
C CYS A 91 -4.65 1.85 8.59
N PHE A 92 -4.26 3.09 8.88
CA PHE A 92 -4.34 3.63 10.24
C PHE A 92 -5.70 4.24 10.52
N ASN A 93 -5.81 4.95 11.63
CA ASN A 93 -7.05 5.60 12.02
C ASN A 93 -7.23 6.90 11.25
N CYS A 94 -8.19 6.87 10.35
CA CYS A 94 -8.52 8.03 9.51
C CYS A 94 -10.02 8.30 9.54
N TYR A 95 -10.68 7.77 10.57
CA TYR A 95 -12.12 7.91 10.75
C TYR A 95 -12.64 9.34 10.52
N PRO A 96 -11.89 10.39 10.90
CA PRO A 96 -12.39 11.74 10.81
C PRO A 96 -11.68 12.60 9.76
N VAL A 97 -12.10 12.45 8.51
CA VAL A 97 -11.57 13.20 7.39
C VAL A 97 -12.54 13.17 6.20
N ASP A 98 -13.69 13.84 6.34
CA ASP A 98 -14.67 13.87 5.26
C ASP A 98 -14.10 14.60 4.04
N LYS A 99 -14.20 13.95 2.89
CA LYS A 99 -13.68 14.50 1.65
C LYS A 99 -14.49 15.69 1.14
N SER A 100 -15.75 15.77 1.51
CA SER A 100 -16.62 16.86 1.05
C SER A 100 -16.24 18.22 1.62
N THR A 101 -16.21 18.32 2.96
CA THR A 101 -15.87 19.59 3.61
C THR A 101 -14.78 19.39 4.64
N ARG A 102 -14.04 18.32 4.51
CA ARG A 102 -12.97 17.99 5.46
C ARG A 102 -13.57 17.77 6.85
N LYS A 103 -14.84 17.40 6.86
CA LYS A 103 -15.63 17.13 8.08
C LYS A 103 -15.17 15.83 8.77
N PRO A 104 -14.24 15.91 9.75
CA PRO A 104 -13.71 14.73 10.46
C PRO A 104 -14.72 13.57 10.64
N ILE A 105 -14.77 12.69 9.65
CA ILE A 105 -15.63 11.50 9.66
C ILE A 105 -15.56 10.78 8.30
N LYS A 106 -16.68 10.21 7.86
CA LYS A 106 -16.78 9.50 6.60
C LYS A 106 -15.82 8.31 6.55
N ASP A 107 -15.77 7.57 7.64
CA ASP A 107 -14.90 6.39 7.71
C ASP A 107 -15.58 5.24 8.45
N PRO A 108 -15.11 3.99 8.23
CA PRO A 108 -15.68 2.81 8.86
C PRO A 108 -14.95 2.34 10.10
N ASN A 109 -14.40 3.28 10.86
CA ASN A 109 -13.69 2.93 12.08
C ASN A 109 -14.64 2.24 13.06
N HIS A 110 -15.87 2.73 13.13
CA HIS A 110 -16.87 2.17 14.03
C HIS A 110 -18.29 2.55 13.59
N GLN A 111 -18.57 3.86 13.60
CA GLN A 111 -19.89 4.36 13.20
C GLN A 111 -20.25 3.96 11.79
N LEU A 112 -19.28 4.02 10.88
CA LEU A 112 -19.53 3.67 9.48
C LEU A 112 -18.66 2.51 9.05
N VAL A 113 -18.38 1.60 9.99
CA VAL A 113 -17.57 0.43 9.73
C VAL A 113 -18.29 -0.57 8.83
N LYS A 114 -19.53 -0.88 9.21
CA LYS A 114 -20.34 -1.83 8.44
C LYS A 114 -20.74 -1.24 7.09
N ARG A 115 -20.89 0.07 7.06
CA ARG A 115 -21.29 0.76 5.84
C ARG A 115 -20.16 0.74 4.80
N HIS A 116 -18.98 1.17 5.21
CA HIS A 116 -17.82 1.22 4.32
C HIS A 116 -17.31 -0.19 4.00
N ILE A 117 -17.32 -1.06 5.00
CA ILE A 117 -16.85 -2.43 4.82
C ILE A 117 -17.67 -3.18 3.76
N GLU A 118 -18.98 -2.95 3.76
CA GLU A 118 -19.87 -3.61 2.81
C GLU A 118 -19.50 -3.21 1.38
N ARG A 119 -19.20 -1.93 1.18
CA ARG A 119 -18.81 -1.42 -0.13
C ARG A 119 -17.56 -2.11 -0.63
N LEU A 120 -16.61 -2.35 0.27
CA LEU A 120 -15.36 -3.00 -0.06
C LEU A 120 -15.63 -4.42 -0.58
N LYS A 121 -16.57 -5.10 0.06
CA LYS A 121 -16.91 -6.46 -0.32
C LYS A 121 -17.43 -6.51 -1.75
N LYS A 122 -18.23 -5.51 -2.12
CA LYS A 122 -18.80 -5.44 -3.45
C LYS A 122 -17.68 -5.32 -4.49
N ASN A 123 -16.66 -4.56 -4.15
CA ASN A 123 -15.50 -4.33 -5.02
C ASN A 123 -14.65 -5.60 -5.15
N PRO A 124 -14.83 -6.37 -6.24
CA PRO A 124 -14.08 -7.62 -6.44
C PRO A 124 -12.75 -7.39 -7.14
N ASN A 125 -12.14 -6.23 -6.89
CA ASN A 125 -10.86 -5.88 -7.48
C ASN A 125 -9.73 -6.17 -6.49
N SER A 126 -10.08 -6.19 -5.21
CA SER A 126 -9.10 -6.44 -4.15
C SER A 126 -9.61 -7.52 -3.19
N LYS A 127 -8.70 -8.24 -2.56
CA LYS A 127 -9.06 -9.30 -1.63
C LYS A 127 -9.03 -8.80 -0.18
N PHE A 128 -10.17 -8.87 0.49
CA PHE A 128 -10.27 -8.42 1.88
C PHE A 128 -9.60 -9.43 2.80
N GLU A 129 -8.62 -8.98 3.57
CA GLU A 129 -7.89 -9.86 4.47
C GLU A 129 -8.54 -9.85 5.86
N SER A 130 -8.27 -8.82 6.65
CA SER A 130 -8.83 -8.72 7.99
C SER A 130 -8.62 -7.31 8.55
N TYR A 131 -9.43 -6.94 9.54
CA TYR A 131 -9.33 -5.63 10.16
C TYR A 131 -9.53 -5.72 11.66
N ASP A 132 -8.94 -4.79 12.40
CA ASP A 132 -9.07 -4.77 13.85
C ASP A 132 -10.01 -3.65 14.28
N ALA A 133 -11.09 -4.01 14.96
CA ALA A 133 -12.08 -3.04 15.43
C ALA A 133 -11.50 -2.12 16.49
N ASP A 134 -10.71 -2.70 17.39
CA ASP A 134 -10.10 -1.93 18.48
C ASP A 134 -9.18 -0.83 17.94
N SER A 135 -8.42 -1.14 16.90
CA SER A 135 -7.51 -0.17 16.31
C SER A 135 -8.10 0.48 15.05
N GLY A 136 -9.23 -0.03 14.60
CA GLY A 136 -9.87 0.52 13.42
C GLY A 136 -9.02 0.36 12.17
N THR A 137 -8.00 -0.51 12.26
CA THR A 137 -7.10 -0.74 11.14
C THR A 137 -7.72 -1.70 10.11
N TYR A 138 -7.53 -1.38 8.84
CA TYR A 138 -8.06 -2.19 7.74
C TYR A 138 -6.92 -2.75 6.89
N VAL A 139 -6.91 -4.07 6.71
CA VAL A 139 -5.87 -4.71 5.92
C VAL A 139 -6.47 -5.45 4.72
N PHE A 140 -5.94 -5.16 3.53
CA PHE A 140 -6.39 -5.79 2.30
C PHE A 140 -5.26 -5.84 1.28
N ILE A 141 -5.37 -6.72 0.29
CA ILE A 141 -4.34 -6.84 -0.73
C ILE A 141 -4.91 -6.55 -2.11
N VAL A 142 -4.36 -5.53 -2.77
CA VAL A 142 -4.79 -5.15 -4.11
C VAL A 142 -4.11 -6.01 -5.18
N ASN A 143 -4.42 -7.30 -5.19
CA ASN A 143 -3.82 -8.22 -6.16
C ASN A 143 -4.52 -8.11 -7.51
N HIS A 144 -3.81 -7.56 -8.49
CA HIS A 144 -4.36 -7.40 -9.83
C HIS A 144 -3.45 -8.07 -10.88
N ALA A 145 -2.57 -8.96 -10.41
CA ALA A 145 -1.64 -9.66 -11.30
C ALA A 145 -2.39 -10.47 -12.35
N ALA A 146 -3.48 -11.12 -11.94
CA ALA A 146 -4.27 -11.94 -12.85
C ALA A 146 -5.50 -11.18 -13.36
N GLU A 147 -5.58 -11.00 -14.67
CA GLU A 147 -6.71 -10.29 -15.27
C GLU A 147 -8.02 -11.02 -14.98
N GLN A 148 -7.98 -12.35 -15.04
CA GLN A 148 -9.16 -13.16 -14.80
C GLN A 148 -9.12 -13.73 -13.38
N THR A 149 -10.02 -13.23 -12.55
CA THR A 149 -10.11 -13.67 -11.16
C THR A 149 -10.72 -15.07 -11.08
N GLY A 1 12.67 20.16 11.58
CA GLY A 1 13.00 18.79 12.07
C GLY A 1 13.36 17.84 10.95
N PRO A 2 14.67 17.62 10.69
CA PRO A 2 15.12 16.72 9.63
C PRO A 2 14.91 15.25 9.99
N ASN A 3 13.91 14.98 10.82
CA ASN A 3 13.61 13.63 11.25
C ASN A 3 12.81 12.88 10.18
N GLU A 4 13.15 11.61 9.98
CA GLU A 4 12.46 10.79 8.99
C GLU A 4 11.37 9.96 9.67
N ASN A 5 10.13 10.31 9.38
CA ASN A 5 8.98 9.63 9.96
C ASN A 5 8.66 8.32 9.22
N TYR A 6 9.32 8.11 8.09
CA TYR A 6 9.11 6.91 7.29
C TYR A 6 10.37 6.06 7.24
N TYR A 7 10.20 4.74 7.30
CA TYR A 7 11.33 3.81 7.26
C TYR A 7 11.11 2.72 6.23
N ILE A 8 12.19 2.16 5.70
CA ILE A 8 12.10 1.11 4.69
C ILE A 8 13.00 -0.07 5.03
N SER A 9 12.50 -1.29 4.81
CA SER A 9 13.26 -2.51 5.07
C SER A 9 13.54 -3.24 3.76
N PRO A 10 14.50 -2.75 2.95
CA PRO A 10 15.38 -1.62 3.27
C PRO A 10 15.20 -0.42 2.33
N SER A 11 15.98 0.62 2.60
CA SER A 11 15.94 1.85 1.82
C SER A 11 16.21 1.57 0.35
N LEU A 12 15.83 2.53 -0.49
CA LEU A 12 16.02 2.39 -1.93
C LEU A 12 17.50 2.22 -2.26
N ASP A 13 18.35 2.96 -1.58
CA ASP A 13 19.79 2.86 -1.81
C ASP A 13 20.28 1.47 -1.39
N THR A 14 19.77 0.98 -0.26
CA THR A 14 20.15 -0.34 0.24
C THR A 14 19.78 -1.41 -0.79
N LEU A 15 18.60 -1.25 -1.39
CA LEU A 15 18.11 -2.17 -2.40
C LEU A 15 19.03 -2.20 -3.61
N SER A 16 19.53 -1.03 -3.99
CA SER A 16 20.42 -0.91 -5.14
C SER A 16 21.69 -1.74 -4.95
N SER A 17 22.21 -1.76 -3.73
CA SER A 17 23.41 -2.53 -3.43
C SER A 17 23.13 -4.03 -3.49
N TYR A 18 21.86 -4.38 -3.70
CA TYR A 18 21.45 -5.79 -3.79
C TYR A 18 21.86 -6.39 -5.12
N SER A 19 21.91 -7.72 -5.15
CA SER A 19 22.26 -8.43 -6.37
C SER A 19 21.11 -8.34 -7.37
N LEU A 20 21.35 -8.77 -8.60
CA LEU A 20 20.31 -8.69 -9.63
C LEU A 20 19.08 -9.50 -9.22
N LEU A 21 19.29 -10.68 -8.65
CA LEU A 21 18.18 -11.52 -8.22
C LEU A 21 17.49 -10.91 -6.99
N GLN A 22 18.31 -10.39 -6.07
CA GLN A 22 17.80 -9.78 -4.85
C GLN A 22 17.08 -8.47 -5.15
N LEU A 23 17.63 -7.69 -6.07
CA LEU A 23 17.06 -6.42 -6.45
C LEU A 23 15.74 -6.62 -7.21
N ARG A 24 15.71 -7.64 -8.05
CA ARG A 24 14.54 -7.95 -8.84
C ARG A 24 13.49 -8.71 -8.03
N LYS A 25 13.88 -9.18 -6.84
CA LYS A 25 12.97 -9.93 -5.99
C LYS A 25 13.07 -9.48 -4.53
N VAL A 26 12.29 -8.46 -4.17
CA VAL A 26 12.24 -7.90 -2.82
C VAL A 26 11.57 -8.84 -1.81
N PRO A 27 12.33 -9.69 -1.09
CA PRO A 27 11.75 -10.62 -0.12
C PRO A 27 10.93 -9.89 0.96
N HIS A 28 11.57 -9.49 2.04
CA HIS A 28 10.89 -8.77 3.11
C HIS A 28 11.06 -7.26 2.96
N LEU A 29 10.03 -6.60 2.44
CA LEU A 29 10.08 -5.16 2.25
C LEU A 29 9.01 -4.46 3.08
N VAL A 30 9.44 -3.53 3.93
CA VAL A 30 8.51 -2.78 4.77
C VAL A 30 8.63 -1.29 4.48
N VAL A 31 7.52 -0.70 4.05
CA VAL A 31 7.49 0.73 3.72
C VAL A 31 6.20 1.37 4.22
N GLY A 32 6.30 2.59 4.75
CA GLY A 32 5.12 3.27 5.23
C GLY A 32 5.42 4.33 6.27
N HIS A 33 4.38 5.04 6.69
CA HIS A 33 4.51 6.09 7.69
C HIS A 33 3.64 5.77 8.90
N LYS A 34 4.15 6.08 10.09
CA LYS A 34 3.40 5.83 11.32
C LYS A 34 2.06 6.56 11.30
N SER A 35 2.10 7.80 10.81
CA SER A 35 0.90 8.63 10.72
C SER A 35 -0.10 8.04 9.72
N TYR A 36 0.42 7.54 8.60
CA TYR A 36 -0.43 6.96 7.56
C TYR A 36 -0.65 5.47 7.77
N GLY A 37 0.37 4.67 7.49
CA GLY A 37 0.26 3.23 7.64
C GLY A 37 1.47 2.49 7.08
N LYS A 38 1.73 1.30 7.61
CA LYS A 38 2.86 0.48 7.16
C LYS A 38 2.42 -0.61 6.18
N ILE A 39 3.22 -0.82 5.14
CA ILE A 39 2.92 -1.86 4.15
C ILE A 39 4.14 -2.73 3.89
N GLU A 40 3.90 -3.96 3.42
CA GLU A 40 4.99 -4.89 3.13
C GLU A 40 4.73 -5.67 1.84
N PHE A 41 5.76 -5.83 1.03
CA PHE A 41 5.64 -6.56 -0.23
C PHE A 41 6.38 -7.90 -0.15
N LEU A 42 5.64 -9.00 -0.35
CA LEU A 42 6.25 -10.32 -0.31
C LEU A 42 6.44 -10.89 -1.71
N GLU A 43 6.23 -10.03 -2.69
CA GLU A 43 6.37 -10.40 -4.10
C GLU A 43 7.79 -10.10 -4.60
N PRO A 44 8.07 -10.30 -5.90
CA PRO A 44 9.36 -10.09 -6.49
C PRO A 44 9.39 -8.91 -7.45
N VAL A 45 9.44 -7.70 -6.88
CA VAL A 45 9.49 -6.48 -7.64
C VAL A 45 10.72 -6.36 -8.52
N ASP A 46 10.65 -6.91 -9.73
CA ASP A 46 11.77 -6.86 -10.66
C ASP A 46 12.05 -5.44 -11.10
N LEU A 47 13.14 -4.87 -10.59
CA LEU A 47 13.51 -3.50 -10.93
C LEU A 47 14.74 -3.46 -11.83
N ALA A 48 15.67 -4.40 -11.58
CA ALA A 48 16.90 -4.49 -12.37
C ALA A 48 17.63 -3.15 -12.44
N GLY A 49 17.54 -2.36 -11.38
CA GLY A 49 18.22 -1.07 -11.34
C GLY A 49 17.29 0.09 -11.64
N ILE A 50 16.35 0.34 -10.72
CA ILE A 50 15.36 1.42 -10.83
C ILE A 50 15.98 2.82 -10.66
N PRO A 51 16.40 3.49 -11.74
CA PRO A 51 17.00 4.84 -11.65
C PRO A 51 15.96 5.89 -11.24
N LEU A 52 15.24 5.61 -10.16
CA LEU A 52 14.21 6.51 -9.65
C LEU A 52 14.82 7.83 -9.21
N THR A 53 16.11 7.81 -8.85
CA THR A 53 16.81 9.01 -8.39
C THR A 53 16.55 10.19 -9.33
N SER A 54 16.52 9.92 -10.63
CA SER A 54 16.28 10.95 -11.63
C SER A 54 14.91 10.79 -12.25
N LEU A 55 14.47 9.55 -12.41
CA LEU A 55 13.17 9.25 -13.00
C LEU A 55 12.03 9.69 -12.08
N GLY A 56 12.22 9.45 -10.78
CA GLY A 56 11.20 9.82 -9.81
C GLY A 56 11.78 10.02 -8.42
N GLY A 57 11.14 9.43 -7.42
CA GLY A 57 11.62 9.57 -6.05
C GLY A 57 11.53 8.27 -5.26
N VAL A 58 10.61 8.25 -4.30
CA VAL A 58 10.42 7.08 -3.45
C VAL A 58 9.61 6.00 -4.16
N ILE A 59 9.09 6.32 -5.35
CA ILE A 59 8.27 5.40 -6.15
C ILE A 59 7.16 4.74 -5.31
N ILE A 60 6.90 5.31 -4.14
CA ILE A 60 5.86 4.78 -3.25
C ILE A 60 4.78 5.84 -2.99
N THR A 61 3.52 5.47 -3.19
CA THR A 61 2.42 6.39 -2.97
C THR A 61 1.48 5.83 -1.89
N PHE A 62 1.15 6.66 -0.91
CA PHE A 62 0.27 6.22 0.17
C PHE A 62 -0.77 7.28 0.50
N GLU A 63 -2.03 6.99 0.16
CA GLU A 63 -3.13 7.91 0.44
C GLU A 63 -3.51 7.84 1.91
N PRO A 64 -3.86 8.97 2.55
CA PRO A 64 -4.24 8.99 3.95
C PRO A 64 -5.58 8.33 4.20
N LYS A 65 -5.69 7.11 3.71
CA LYS A 65 -6.89 6.29 3.82
C LYS A 65 -6.67 4.95 3.13
N THR A 66 -5.84 4.99 2.08
CA THR A 66 -5.52 3.80 1.31
C THR A 66 -4.10 3.88 0.75
N CYS A 67 -3.46 2.73 0.58
CA CYS A 67 -2.11 2.69 0.05
C CYS A 67 -2.12 2.32 -1.43
N ILE A 68 -1.55 3.20 -2.26
CA ILE A 68 -1.51 2.96 -3.70
C ILE A 68 -0.11 2.55 -4.15
N ILE A 69 -0.02 1.35 -4.74
CA ILE A 69 1.24 0.83 -5.23
C ILE A 69 1.40 1.10 -6.71
N TYR A 70 0.29 1.08 -7.44
CA TYR A 70 0.31 1.32 -8.88
C TYR A 70 0.66 2.78 -9.19
N ALA A 71 0.36 3.67 -8.25
CA ALA A 71 0.66 5.10 -8.44
C ALA A 71 -0.05 5.64 -9.69
N ASN A 72 0.44 6.76 -10.21
CA ASN A 72 -0.14 7.38 -11.40
C ASN A 72 -0.05 6.47 -12.63
N LEU A 73 0.50 5.27 -12.42
CA LEU A 73 0.65 4.28 -13.48
C LEU A 73 -0.70 3.80 -14.00
N PRO A 74 -1.17 4.31 -15.15
CA PRO A 74 -2.47 3.99 -15.70
C PRO A 74 -2.36 3.18 -17.00
N ASN A 75 -2.17 1.87 -16.85
CA ASN A 75 -2.03 0.96 -17.99
C ASN A 75 -0.69 1.18 -18.70
N ARG A 76 0.21 1.90 -18.03
CA ARG A 76 1.55 2.20 -18.52
C ARG A 76 2.41 0.94 -18.55
N PRO A 77 2.57 0.27 -19.72
CA PRO A 77 3.35 -0.94 -19.82
C PRO A 77 4.76 -0.68 -20.34
N LYS A 78 5.56 -0.04 -19.49
CA LYS A 78 6.95 0.26 -19.82
C LYS A 78 7.78 -1.01 -19.93
N ARG A 79 7.40 -2.01 -19.13
CA ARG A 79 8.10 -3.29 -19.09
C ARG A 79 9.49 -3.14 -18.48
N GLY A 80 9.62 -2.18 -17.57
CA GLY A 80 10.89 -1.95 -16.91
C GLY A 80 10.81 -2.12 -15.40
N GLU A 81 10.50 -1.03 -14.70
CA GLU A 81 10.38 -1.06 -13.24
C GLU A 81 8.99 -0.63 -12.80
N GLY A 82 8.46 -1.31 -11.79
CA GLY A 82 7.13 -0.98 -11.29
C GLY A 82 6.07 -1.95 -11.76
N ILE A 83 6.19 -3.20 -11.34
CA ILE A 83 5.24 -4.24 -11.71
C ILE A 83 4.27 -4.54 -10.58
N ASN A 84 2.98 -4.64 -10.90
CA ASN A 84 1.96 -4.93 -9.91
C ASN A 84 1.93 -6.42 -9.58
N VAL A 85 1.96 -6.74 -8.30
CA VAL A 85 1.95 -8.11 -7.85
C VAL A 85 1.26 -8.25 -6.49
N ARG A 86 1.48 -9.38 -5.83
CA ARG A 86 0.88 -9.63 -4.52
C ARG A 86 1.47 -8.68 -3.48
N ALA A 87 0.80 -7.55 -3.27
CA ALA A 87 1.27 -6.56 -2.31
C ALA A 87 0.22 -6.32 -1.25
N ARG A 88 0.67 -6.16 0.00
CA ARG A 88 -0.22 -5.93 1.12
C ARG A 88 0.00 -4.55 1.72
N ILE A 89 -1.06 -3.74 1.74
CA ILE A 89 -0.99 -2.40 2.29
C ILE A 89 -1.77 -2.32 3.60
N THR A 90 -1.14 -1.77 4.63
CA THR A 90 -1.79 -1.64 5.93
C THR A 90 -1.87 -0.19 6.36
N CYS A 91 -3.08 0.22 6.76
CA CYS A 91 -3.31 1.59 7.22
C CYS A 91 -4.34 1.60 8.33
N PHE A 92 -4.37 2.66 9.13
CA PHE A 92 -5.32 2.75 10.23
C PHE A 92 -6.41 3.80 9.96
N ASN A 93 -6.54 4.18 8.70
CA ASN A 93 -7.54 5.17 8.30
C ASN A 93 -8.78 4.48 7.71
N CYS A 94 -9.86 4.44 8.48
CA CYS A 94 -11.09 3.80 8.02
C CYS A 94 -12.33 4.64 8.37
N TYR A 95 -12.17 5.65 9.21
CA TYR A 95 -13.30 6.49 9.60
C TYR A 95 -12.96 7.98 9.45
N PRO A 96 -12.83 8.47 8.19
CA PRO A 96 -12.51 9.87 7.93
C PRO A 96 -13.76 10.73 7.70
N VAL A 97 -14.28 10.71 6.47
CA VAL A 97 -15.45 11.50 6.11
C VAL A 97 -16.50 10.66 5.40
N ASP A 98 -17.77 10.89 5.73
CA ASP A 98 -18.86 10.15 5.11
C ASP A 98 -19.20 10.76 3.75
N LYS A 99 -19.05 9.96 2.70
CA LYS A 99 -19.31 10.40 1.33
C LYS A 99 -20.76 10.85 1.12
N SER A 100 -21.70 10.13 1.70
CA SER A 100 -23.13 10.42 1.53
C SER A 100 -23.53 11.83 1.97
N THR A 101 -23.08 12.27 3.15
CA THR A 101 -23.44 13.59 3.65
C THR A 101 -22.22 14.44 3.99
N ARG A 102 -21.06 13.98 3.55
CA ARG A 102 -19.80 14.66 3.81
C ARG A 102 -19.57 14.74 5.32
N LYS A 103 -19.99 13.70 6.02
CA LYS A 103 -19.85 13.61 7.48
C LYS A 103 -18.38 13.61 7.89
N PRO A 104 -18.03 14.38 8.93
CA PRO A 104 -16.66 14.49 9.40
C PRO A 104 -16.51 13.84 10.79
N ILE A 105 -16.34 12.53 10.76
CA ILE A 105 -16.24 11.74 11.97
C ILE A 105 -14.84 11.82 12.58
N LYS A 106 -14.78 12.33 13.81
CA LYS A 106 -13.51 12.47 14.53
C LYS A 106 -13.45 11.48 15.69
N ASP A 107 -14.21 10.39 15.57
CA ASP A 107 -14.27 9.37 16.60
C ASP A 107 -14.42 7.99 15.98
N PRO A 108 -14.35 6.91 16.77
CA PRO A 108 -14.42 5.55 16.30
C PRO A 108 -15.67 4.81 16.76
N ASN A 109 -16.77 5.04 16.04
CA ASN A 109 -18.04 4.42 16.34
C ASN A 109 -18.50 3.59 15.16
N HIS A 110 -18.83 2.34 15.42
CA HIS A 110 -19.29 1.42 14.39
C HIS A 110 -20.66 1.81 13.83
N GLN A 111 -20.96 3.11 13.85
CA GLN A 111 -22.23 3.62 13.33
C GLN A 111 -22.42 3.24 11.87
N LEU A 112 -21.34 3.33 11.09
CA LEU A 112 -21.41 2.99 9.67
C LEU A 112 -20.25 2.08 9.25
N VAL A 113 -19.62 1.44 10.25
CA VAL A 113 -18.51 0.53 10.00
C VAL A 113 -19.00 -0.72 9.24
N LYS A 114 -20.19 -1.19 9.61
CA LYS A 114 -20.77 -2.38 8.98
C LYS A 114 -20.97 -2.17 7.48
N ARG A 115 -21.39 -0.98 7.09
CA ARG A 115 -21.62 -0.67 5.68
C ARG A 115 -20.35 -0.87 4.86
N HIS A 116 -19.21 -0.43 5.41
CA HIS A 116 -17.93 -0.56 4.73
C HIS A 116 -17.58 -2.03 4.47
N ILE A 117 -17.88 -2.87 5.45
CA ILE A 117 -17.60 -4.29 5.33
C ILE A 117 -18.38 -4.93 4.18
N GLU A 118 -19.64 -4.51 4.02
CA GLU A 118 -20.48 -5.04 2.95
C GLU A 118 -19.86 -4.73 1.58
N ARG A 119 -19.33 -3.52 1.42
CA ARG A 119 -18.69 -3.12 0.19
C ARG A 119 -17.41 -3.91 -0.04
N LEU A 120 -16.70 -4.17 1.05
CA LEU A 120 -15.44 -4.89 0.99
C LEU A 120 -15.66 -6.32 0.49
N LYS A 121 -16.79 -6.90 0.88
CA LYS A 121 -17.14 -8.27 0.48
C LYS A 121 -17.25 -8.35 -1.04
N LYS A 122 -17.86 -7.33 -1.65
CA LYS A 122 -18.02 -7.30 -3.10
C LYS A 122 -16.68 -7.39 -3.80
N ASN A 123 -15.69 -6.69 -3.26
CA ASN A 123 -14.33 -6.69 -3.82
C ASN A 123 -14.35 -6.35 -5.32
N PRO A 124 -14.83 -5.16 -5.70
CA PRO A 124 -14.92 -4.74 -7.09
C PRO A 124 -13.84 -3.73 -7.46
N ASN A 125 -12.67 -3.87 -6.83
CA ASN A 125 -11.54 -2.97 -7.08
C ASN A 125 -10.36 -3.35 -6.20
N SER A 126 -10.64 -3.53 -4.91
CA SER A 126 -9.61 -3.89 -3.94
C SER A 126 -10.06 -5.09 -3.11
N LYS A 127 -9.09 -5.89 -2.67
CA LYS A 127 -9.41 -7.07 -1.86
C LYS A 127 -9.28 -6.76 -0.37
N PHE A 128 -10.38 -6.92 0.35
CA PHE A 128 -10.40 -6.64 1.79
C PHE A 128 -9.91 -7.86 2.57
N GLU A 129 -8.82 -7.69 3.32
CA GLU A 129 -8.26 -8.76 4.11
C GLU A 129 -9.01 -8.90 5.44
N SER A 130 -8.83 -7.91 6.30
CA SER A 130 -9.49 -7.91 7.60
C SER A 130 -9.39 -6.54 8.27
N TYR A 131 -10.36 -6.23 9.10
CA TYR A 131 -10.38 -4.95 9.81
C TYR A 131 -10.37 -5.16 11.32
N ASP A 132 -9.57 -4.36 12.02
CA ASP A 132 -9.48 -4.45 13.48
C ASP A 132 -10.12 -3.23 14.13
N ALA A 133 -11.23 -3.45 14.81
CA ALA A 133 -11.95 -2.37 15.48
C ALA A 133 -11.19 -1.82 16.68
N ASP A 134 -10.54 -2.72 17.42
CA ASP A 134 -9.79 -2.31 18.61
C ASP A 134 -8.64 -1.38 18.25
N SER A 135 -7.97 -1.66 17.14
CA SER A 135 -6.84 -0.85 16.70
C SER A 135 -7.26 0.12 15.59
N GLY A 136 -8.45 -0.07 15.06
CA GLY A 136 -8.94 0.80 13.99
C GLY A 136 -8.23 0.53 12.67
N THR A 137 -7.06 -0.08 12.75
CA THR A 137 -6.26 -0.40 11.56
C THR A 137 -6.80 -1.65 10.87
N TYR A 138 -6.82 -1.62 9.55
CA TYR A 138 -7.31 -2.76 8.77
C TYR A 138 -6.27 -3.17 7.73
N VAL A 139 -6.33 -4.43 7.30
CA VAL A 139 -5.40 -4.95 6.32
C VAL A 139 -6.06 -5.13 4.96
N PHE A 140 -5.41 -4.60 3.92
CA PHE A 140 -5.93 -4.69 2.56
C PHE A 140 -4.95 -5.45 1.66
N ILE A 141 -5.49 -6.23 0.75
CA ILE A 141 -4.66 -7.01 -0.17
C ILE A 141 -4.96 -6.62 -1.62
N VAL A 142 -3.92 -6.16 -2.33
CA VAL A 142 -4.08 -5.76 -3.72
C VAL A 142 -3.59 -6.86 -4.67
N ASN A 143 -4.38 -7.92 -4.77
CA ASN A 143 -4.04 -9.03 -5.64
C ASN A 143 -4.48 -8.78 -7.08
N HIS A 144 -3.63 -9.14 -8.03
CA HIS A 144 -3.94 -8.95 -9.44
C HIS A 144 -4.18 -7.48 -9.75
N ALA A 145 -3.36 -6.61 -9.16
CA ALA A 145 -3.50 -5.17 -9.39
C ALA A 145 -3.33 -4.81 -10.86
N ALA A 146 -2.36 -5.45 -11.51
CA ALA A 146 -2.11 -5.19 -12.92
C ALA A 146 -2.18 -6.46 -13.76
N GLU A 147 -1.47 -7.50 -13.30
CA GLU A 147 -1.46 -8.77 -14.00
C GLU A 147 -1.86 -9.92 -13.09
N GLN A 148 -2.53 -10.92 -13.67
CA GLN A 148 -2.96 -12.09 -12.92
C GLN A 148 -1.88 -13.14 -12.90
N THR A 149 -1.43 -13.45 -11.71
CA THR A 149 -0.39 -14.45 -11.51
C THR A 149 -0.64 -15.25 -10.23
N GLY A 1 15.32 18.21 9.63
CA GLY A 1 16.58 18.22 8.82
C GLY A 1 16.71 16.99 7.94
N PRO A 2 17.92 16.39 7.84
CA PRO A 2 18.14 15.20 7.01
C PRO A 2 17.47 13.95 7.58
N ASN A 3 16.38 14.16 8.33
CA ASN A 3 15.66 13.05 8.93
C ASN A 3 14.74 12.38 7.91
N GLU A 4 14.68 11.05 7.96
CA GLU A 4 13.85 10.28 7.04
C GLU A 4 12.46 10.07 7.62
N ASN A 5 11.50 10.82 7.11
CA ASN A 5 10.11 10.73 7.57
C ASN A 5 9.56 9.32 7.30
N TYR A 6 9.90 8.77 6.14
CA TYR A 6 9.44 7.44 5.76
C TYR A 6 10.55 6.41 5.90
N TYR A 7 10.20 5.23 6.38
CA TYR A 7 11.17 4.16 6.56
C TYR A 7 10.87 2.98 5.63
N ILE A 8 11.90 2.23 5.27
CA ILE A 8 11.73 1.08 4.39
C ILE A 8 12.42 -0.16 4.98
N SER A 9 12.01 -1.32 4.50
CA SER A 9 12.57 -2.58 4.96
C SER A 9 13.19 -3.32 3.77
N PRO A 10 14.37 -2.84 3.28
CA PRO A 10 15.14 -1.76 3.87
C PRO A 10 15.22 -0.53 2.96
N SER A 11 15.93 0.50 3.43
CA SER A 11 16.07 1.74 2.68
C SER A 11 16.49 1.50 1.24
N LEU A 12 16.42 2.56 0.42
CA LEU A 12 16.78 2.44 -0.98
C LEU A 12 18.23 2.01 -1.14
N ASP A 13 19.11 2.56 -0.31
CA ASP A 13 20.52 2.23 -0.36
C ASP A 13 20.73 0.76 -0.01
N THR A 14 20.08 0.31 1.06
CA THR A 14 20.19 -1.07 1.51
C THR A 14 19.68 -2.02 0.42
N LEU A 15 18.59 -1.64 -0.23
CA LEU A 15 17.99 -2.46 -1.29
C LEU A 15 18.98 -2.66 -2.44
N SER A 16 19.70 -1.61 -2.80
CA SER A 16 20.66 -1.67 -3.88
C SER A 16 21.76 -2.68 -3.57
N SER A 17 21.99 -2.91 -2.27
CA SER A 17 23.00 -3.86 -1.84
C SER A 17 22.56 -5.28 -2.17
N TYR A 18 21.34 -5.40 -2.69
CA TYR A 18 20.76 -6.68 -3.07
C TYR A 18 21.59 -7.35 -4.16
N SER A 19 21.42 -8.66 -4.29
CA SER A 19 22.12 -9.41 -5.31
C SER A 19 21.43 -9.21 -6.65
N LEU A 20 22.00 -9.72 -7.73
CA LEU A 20 21.40 -9.55 -9.05
C LEU A 20 19.99 -10.13 -9.08
N LEU A 21 19.86 -11.38 -8.60
CA LEU A 21 18.56 -12.02 -8.56
C LEU A 21 17.65 -11.38 -7.50
N GLN A 22 18.25 -11.05 -6.36
CA GLN A 22 17.51 -10.44 -5.25
C GLN A 22 16.91 -9.09 -5.64
N LEU A 23 17.68 -8.29 -6.38
CA LEU A 23 17.21 -6.98 -6.84
C LEU A 23 15.98 -7.12 -7.73
N ARG A 24 16.00 -8.16 -8.56
CA ARG A 24 14.92 -8.42 -9.50
C ARG A 24 13.64 -8.85 -8.78
N LYS A 25 13.78 -9.37 -7.56
CA LYS A 25 12.63 -9.82 -6.80
C LYS A 25 12.73 -9.46 -5.32
N VAL A 26 12.17 -8.31 -4.95
CA VAL A 26 12.16 -7.82 -3.57
C VAL A 26 11.23 -8.66 -2.68
N PRO A 27 11.73 -9.69 -1.97
CA PRO A 27 10.90 -10.53 -1.12
C PRO A 27 10.05 -9.74 -0.12
N HIS A 28 10.62 -9.44 1.05
CA HIS A 28 9.90 -8.69 2.07
C HIS A 28 10.21 -7.20 2.01
N LEU A 29 9.30 -6.43 1.42
CA LEU A 29 9.48 -4.98 1.31
C LEU A 29 8.51 -4.26 2.22
N VAL A 30 9.04 -3.37 3.06
CA VAL A 30 8.19 -2.63 4.00
C VAL A 30 8.29 -1.13 3.74
N VAL A 31 7.16 -0.52 3.41
CA VAL A 31 7.10 0.91 3.16
C VAL A 31 5.96 1.53 3.96
N GLY A 32 6.26 2.61 4.68
CA GLY A 32 5.22 3.26 5.48
C GLY A 32 5.72 4.50 6.19
N HIS A 33 4.78 5.25 6.76
CA HIS A 33 5.12 6.47 7.49
C HIS A 33 4.49 6.43 8.89
N LYS A 34 4.60 5.27 9.53
CA LYS A 34 4.05 5.05 10.87
C LYS A 34 2.62 5.57 11.03
N SER A 35 2.46 6.84 11.36
CA SER A 35 1.15 7.44 11.55
C SER A 35 0.29 7.34 10.29
N TYR A 36 0.90 7.59 9.13
CA TYR A 36 0.17 7.53 7.87
C TYR A 36 -0.37 6.13 7.58
N GLY A 37 0.41 5.12 7.91
CA GLY A 37 0.00 3.74 7.67
C GLY A 37 1.13 2.89 7.15
N LYS A 38 1.14 1.62 7.55
CA LYS A 38 2.19 0.69 7.11
C LYS A 38 1.73 -0.19 5.96
N ILE A 39 2.51 -0.23 4.90
CA ILE A 39 2.20 -1.03 3.72
C ILE A 39 3.40 -1.88 3.31
N GLU A 40 3.15 -3.13 2.92
CA GLU A 40 4.23 -4.03 2.51
C GLU A 40 4.04 -4.49 1.07
N PHE A 41 5.14 -4.56 0.33
CA PHE A 41 5.10 -4.96 -1.08
C PHE A 41 5.88 -6.25 -1.34
N LEU A 42 5.24 -7.21 -2.00
CA LEU A 42 5.89 -8.47 -2.35
C LEU A 42 6.29 -8.48 -3.82
N GLU A 43 6.26 -7.30 -4.42
CA GLU A 43 6.61 -7.12 -5.83
C GLU A 43 8.10 -7.36 -6.06
N PRO A 44 8.52 -7.47 -7.36
CA PRO A 44 9.90 -7.71 -7.71
C PRO A 44 10.54 -6.45 -8.31
N VAL A 45 10.84 -5.50 -7.42
CA VAL A 45 11.45 -4.24 -7.81
C VAL A 45 12.85 -4.37 -8.36
N ASP A 46 13.00 -5.03 -9.51
CA ASP A 46 14.31 -5.21 -10.12
C ASP A 46 15.06 -3.91 -10.26
N LEU A 47 16.21 -3.81 -9.59
CA LEU A 47 17.04 -2.62 -9.63
C LEU A 47 18.20 -2.77 -10.61
N ALA A 48 18.29 -3.95 -11.26
CA ALA A 48 19.36 -4.21 -12.21
C ALA A 48 19.32 -3.21 -13.38
N GLY A 49 18.09 -2.91 -13.83
CA GLY A 49 17.94 -1.97 -14.94
C GLY A 49 17.29 -0.67 -14.51
N ILE A 50 16.03 -0.75 -14.12
CA ILE A 50 15.22 0.41 -13.67
C ILE A 50 15.66 0.94 -12.30
N PRO A 51 16.57 1.95 -12.26
CA PRO A 51 17.04 2.50 -10.99
C PRO A 51 16.10 3.56 -10.43
N LEU A 52 14.81 3.41 -10.71
CA LEU A 52 13.81 4.35 -10.23
C LEU A 52 13.79 4.37 -8.71
N THR A 53 13.93 3.19 -8.10
CA THR A 53 13.93 3.06 -6.65
C THR A 53 14.89 4.04 -5.98
N SER A 54 15.95 4.40 -6.70
CA SER A 54 16.95 5.33 -6.18
C SER A 54 16.32 6.68 -5.86
N LEU A 55 15.36 7.09 -6.69
CA LEU A 55 14.68 8.37 -6.49
C LEU A 55 13.95 8.39 -5.16
N GLY A 56 13.33 7.26 -4.82
CA GLY A 56 12.62 7.16 -3.56
C GLY A 56 11.23 7.75 -3.60
N GLY A 57 10.25 7.00 -3.11
CA GLY A 57 8.87 7.47 -3.10
C GLY A 57 8.26 7.55 -4.49
N VAL A 58 9.11 7.59 -5.51
CA VAL A 58 8.63 7.66 -6.88
C VAL A 58 7.89 6.39 -7.28
N ILE A 59 8.51 5.25 -6.98
CA ILE A 59 7.91 3.96 -7.32
C ILE A 59 6.70 3.68 -6.42
N ILE A 60 6.80 4.03 -5.15
CA ILE A 60 5.72 3.80 -4.21
C ILE A 60 5.21 5.11 -3.60
N THR A 61 3.90 5.30 -3.65
CA THR A 61 3.27 6.49 -3.11
C THR A 61 2.28 6.11 -2.01
N PHE A 62 2.38 6.76 -0.86
CA PHE A 62 1.46 6.46 0.24
C PHE A 62 0.74 7.71 0.71
N GLU A 63 -0.54 7.81 0.34
CA GLU A 63 -1.37 8.93 0.74
C GLU A 63 -1.89 8.74 2.16
N PRO A 64 -1.91 9.80 2.99
CA PRO A 64 -2.39 9.69 4.38
C PRO A 64 -3.90 9.50 4.45
N LYS A 65 -4.37 8.50 3.72
CA LYS A 65 -5.79 8.17 3.65
C LYS A 65 -6.01 7.12 2.57
N THR A 66 -5.14 7.13 1.56
CA THR A 66 -5.23 6.21 0.44
C THR A 66 -3.85 5.71 0.03
N CYS A 67 -3.79 4.48 -0.49
CA CYS A 67 -2.52 3.89 -0.91
C CYS A 67 -2.56 3.55 -2.40
N ILE A 68 -1.54 3.99 -3.13
CA ILE A 68 -1.46 3.73 -4.56
C ILE A 68 -0.23 2.89 -4.90
N ILE A 69 -0.46 1.70 -5.43
CA ILE A 69 0.62 0.80 -5.80
C ILE A 69 1.25 1.18 -7.14
N TYR A 70 0.41 1.38 -8.15
CA TYR A 70 0.90 1.74 -9.48
C TYR A 70 1.66 3.06 -9.46
N ALA A 71 1.14 4.03 -8.73
CA ALA A 71 1.77 5.34 -8.60
C ALA A 71 1.87 6.09 -9.91
N ASN A 72 2.77 5.65 -10.79
CA ASN A 72 2.98 6.31 -12.08
C ASN A 72 1.92 5.93 -13.12
N LEU A 73 1.08 4.95 -12.78
CA LEU A 73 0.00 4.46 -13.66
C LEU A 73 -1.12 5.50 -13.85
N PRO A 74 -1.07 6.35 -14.90
CA PRO A 74 -2.08 7.37 -15.14
C PRO A 74 -3.16 6.91 -16.11
N ASN A 75 -3.50 5.62 -16.08
CA ASN A 75 -4.54 5.08 -16.96
C ASN A 75 -5.15 3.82 -16.36
N ARG A 76 -4.59 2.65 -16.68
CA ARG A 76 -5.09 1.38 -16.18
C ARG A 76 -4.27 0.21 -16.72
N PRO A 77 -4.27 0.01 -18.06
CA PRO A 77 -3.53 -1.08 -18.69
C PRO A 77 -2.10 -0.69 -19.03
N LYS A 78 -1.51 0.18 -18.21
CA LYS A 78 -0.15 0.64 -18.43
C LYS A 78 0.81 -0.03 -17.44
N ARG A 79 0.52 -1.27 -17.08
CA ARG A 79 1.36 -2.01 -16.15
C ARG A 79 2.76 -2.18 -16.70
N GLY A 80 3.76 -2.04 -15.82
CA GLY A 80 5.14 -2.18 -16.25
C GLY A 80 5.78 -3.45 -15.75
N GLU A 81 7.12 -3.48 -15.72
CA GLU A 81 7.85 -4.64 -15.27
C GLU A 81 8.39 -4.42 -13.85
N GLY A 82 8.32 -5.47 -13.03
CA GLY A 82 8.80 -5.36 -11.66
C GLY A 82 7.70 -5.01 -10.67
N ILE A 83 6.48 -4.83 -11.18
CA ILE A 83 5.34 -4.50 -10.32
C ILE A 83 4.43 -5.70 -10.11
N ASN A 84 4.40 -6.21 -8.89
CA ASN A 84 3.56 -7.37 -8.56
C ASN A 84 2.39 -6.95 -7.67
N VAL A 85 1.17 -7.07 -8.18
CA VAL A 85 -0.02 -6.70 -7.40
C VAL A 85 -0.16 -7.50 -6.11
N ARG A 86 0.80 -8.37 -5.87
CA ARG A 86 0.82 -9.20 -4.68
C ARG A 86 1.38 -8.43 -3.49
N ALA A 87 0.66 -7.40 -3.06
CA ALA A 87 1.11 -6.57 -1.94
C ALA A 87 -0.01 -6.35 -0.93
N ARG A 88 0.37 -6.02 0.29
CA ARG A 88 -0.58 -5.78 1.36
C ARG A 88 -0.64 -4.29 1.70
N ILE A 89 -1.84 -3.75 1.86
CA ILE A 89 -2.00 -2.34 2.16
C ILE A 89 -2.72 -2.14 3.50
N THR A 90 -2.03 -1.46 4.42
CA THR A 90 -2.60 -1.18 5.74
C THR A 90 -2.65 0.33 5.96
N CYS A 91 -3.81 0.83 6.37
CA CYS A 91 -3.98 2.26 6.60
C CYS A 91 -4.88 2.53 7.80
N PHE A 92 -4.77 3.73 8.34
CA PHE A 92 -5.58 4.14 9.50
C PHE A 92 -6.79 4.97 9.05
N ASN A 93 -7.81 5.04 9.90
CA ASN A 93 -9.01 5.80 9.58
C ASN A 93 -9.68 5.28 8.31
N CYS A 94 -9.85 3.97 8.24
CA CYS A 94 -10.50 3.34 7.09
C CYS A 94 -11.91 3.87 6.91
N TYR A 95 -12.60 4.07 8.02
CA TYR A 95 -13.98 4.56 8.03
C TYR A 95 -14.08 5.98 7.45
N PRO A 96 -14.48 6.11 6.17
CA PRO A 96 -14.55 7.38 5.48
C PRO A 96 -15.98 7.78 5.08
N VAL A 97 -16.70 8.36 6.06
CA VAL A 97 -18.09 8.82 5.89
C VAL A 97 -19.02 7.78 5.28
N ASP A 98 -20.31 7.91 5.59
CA ASP A 98 -21.31 7.00 5.07
C ASP A 98 -21.84 7.53 3.73
N LYS A 99 -21.48 6.83 2.65
CA LYS A 99 -21.87 7.25 1.30
C LYS A 99 -23.38 7.07 1.06
N SER A 100 -24.03 6.23 1.84
CA SER A 100 -25.46 5.98 1.66
C SER A 100 -26.28 7.27 1.81
N THR A 101 -25.92 8.09 2.80
CA THR A 101 -26.62 9.34 3.03
C THR A 101 -25.67 10.53 3.05
N ARG A 102 -24.41 10.29 2.69
CA ARG A 102 -23.37 11.31 2.69
C ARG A 102 -22.96 11.65 4.12
N LYS A 103 -23.87 11.39 5.06
CA LYS A 103 -23.61 11.62 6.47
C LYS A 103 -22.45 10.76 6.93
N PRO A 104 -21.55 11.28 7.79
CA PRO A 104 -20.38 10.57 8.21
C PRO A 104 -20.40 10.22 9.70
N ILE A 105 -19.36 9.54 10.15
CA ILE A 105 -19.26 9.11 11.53
C ILE A 105 -18.01 9.72 12.18
N LYS A 106 -18.23 10.49 13.24
CA LYS A 106 -17.11 11.15 13.93
C LYS A 106 -16.88 10.54 15.32
N ASP A 107 -17.20 9.27 15.47
CA ASP A 107 -17.01 8.60 16.77
C ASP A 107 -16.61 7.13 16.57
N PRO A 108 -16.01 6.51 17.61
CA PRO A 108 -15.58 5.11 17.53
C PRO A 108 -16.73 4.14 17.80
N ASN A 109 -17.85 4.37 17.13
CA ASN A 109 -19.02 3.53 17.27
C ASN A 109 -19.26 2.71 16.02
N HIS A 110 -19.14 1.40 16.15
CA HIS A 110 -19.33 0.50 15.02
C HIS A 110 -20.82 0.37 14.69
N GLN A 111 -21.46 1.51 14.46
CA GLN A 111 -22.88 1.54 14.14
C GLN A 111 -23.18 0.74 12.88
N LEU A 112 -22.30 0.87 11.88
CA LEU A 112 -22.48 0.16 10.62
C LEU A 112 -21.20 -0.54 10.19
N VAL A 113 -20.26 -0.71 11.12
CA VAL A 113 -19.00 -1.37 10.81
C VAL A 113 -19.22 -2.81 10.36
N LYS A 114 -20.12 -3.50 11.05
CA LYS A 114 -20.42 -4.89 10.71
C LYS A 114 -20.93 -5.02 9.28
N ARG A 115 -21.79 -4.10 8.87
CA ARG A 115 -22.35 -4.11 7.52
C ARG A 115 -21.28 -3.81 6.48
N HIS A 116 -20.42 -2.84 6.79
CA HIS A 116 -19.36 -2.45 5.88
C HIS A 116 -18.41 -3.61 5.59
N ILE A 117 -18.09 -4.39 6.62
CA ILE A 117 -17.19 -5.51 6.47
C ILE A 117 -17.78 -6.60 5.58
N GLU A 118 -19.09 -6.84 5.74
CA GLU A 118 -19.78 -7.85 4.95
C GLU A 118 -19.69 -7.53 3.46
N ARG A 119 -19.83 -6.25 3.13
CA ARG A 119 -19.77 -5.81 1.74
C ARG A 119 -18.40 -6.15 1.13
N LEU A 120 -17.35 -5.96 1.93
CA LEU A 120 -15.99 -6.25 1.47
C LEU A 120 -15.85 -7.72 1.11
N LYS A 121 -16.45 -8.58 1.93
CA LYS A 121 -16.38 -10.02 1.70
C LYS A 121 -17.02 -10.39 0.37
N LYS A 122 -18.13 -9.74 0.03
CA LYS A 122 -18.82 -9.99 -1.23
C LYS A 122 -17.94 -9.60 -2.40
N ASN A 123 -17.23 -8.49 -2.22
CA ASN A 123 -16.32 -7.98 -3.24
C ASN A 123 -15.14 -8.92 -3.44
N PRO A 124 -15.15 -9.75 -4.51
CA PRO A 124 -14.07 -10.71 -4.75
C PRO A 124 -12.96 -10.11 -5.60
N ASN A 125 -12.73 -8.80 -5.42
CA ASN A 125 -11.68 -8.09 -6.13
C ASN A 125 -10.47 -7.91 -5.22
N SER A 126 -10.72 -7.94 -3.90
CA SER A 126 -9.67 -7.79 -2.91
C SER A 126 -9.75 -8.94 -1.90
N LYS A 127 -8.61 -9.31 -1.34
CA LYS A 127 -8.55 -10.39 -0.37
C LYS A 127 -8.52 -9.85 1.06
N PHE A 128 -9.53 -10.23 1.85
CA PHE A 128 -9.62 -9.79 3.24
C PHE A 128 -8.67 -10.60 4.12
N GLU A 129 -7.86 -9.91 4.91
CA GLU A 129 -6.91 -10.58 5.80
C GLU A 129 -7.46 -10.66 7.23
N SER A 130 -7.54 -9.52 7.89
CA SER A 130 -8.05 -9.46 9.25
C SER A 130 -8.50 -8.05 9.61
N TYR A 131 -9.60 -7.95 10.35
CA TYR A 131 -10.13 -6.66 10.76
C TYR A 131 -10.20 -6.57 12.29
N ASP A 132 -9.71 -5.45 12.83
CA ASP A 132 -9.72 -5.25 14.27
C ASP A 132 -10.74 -4.16 14.65
N ALA A 133 -11.75 -4.55 15.42
CA ALA A 133 -12.78 -3.60 15.85
C ALA A 133 -12.24 -2.60 16.86
N ASP A 134 -11.38 -3.07 17.76
CA ASP A 134 -10.81 -2.21 18.80
C ASP A 134 -9.98 -1.08 18.19
N SER A 135 -9.22 -1.37 17.15
CA SER A 135 -8.40 -0.36 16.50
C SER A 135 -9.06 0.19 15.23
N GLY A 136 -10.05 -0.53 14.72
CA GLY A 136 -10.74 -0.10 13.52
C GLY A 136 -9.87 -0.20 12.28
N THR A 137 -8.64 -0.67 12.45
CA THR A 137 -7.70 -0.82 11.34
C THR A 137 -8.11 -1.96 10.41
N TYR A 138 -8.10 -1.69 9.12
CA TYR A 138 -8.47 -2.68 8.12
C TYR A 138 -7.28 -3.01 7.22
N VAL A 139 -6.86 -4.28 7.22
CA VAL A 139 -5.73 -4.71 6.41
C VAL A 139 -6.16 -5.79 5.40
N PHE A 140 -5.95 -5.52 4.12
CA PHE A 140 -6.31 -6.49 3.08
C PHE A 140 -5.25 -6.51 1.98
N ILE A 141 -5.15 -7.64 1.29
CA ILE A 141 -4.16 -7.79 0.22
C ILE A 141 -4.84 -8.09 -1.11
N VAL A 142 -4.60 -7.23 -2.10
CA VAL A 142 -5.17 -7.40 -3.43
C VAL A 142 -4.18 -8.06 -4.38
N ASN A 143 -3.93 -9.35 -4.19
CA ASN A 143 -2.98 -10.07 -5.04
C ASN A 143 -3.69 -10.67 -6.25
N HIS A 144 -3.44 -10.08 -7.43
CA HIS A 144 -4.04 -10.56 -8.66
C HIS A 144 -3.08 -11.48 -9.41
N ALA A 145 -1.79 -11.25 -9.24
CA ALA A 145 -0.77 -12.05 -9.90
C ALA A 145 -0.85 -13.51 -9.48
N ALA A 146 -1.12 -13.74 -8.20
CA ALA A 146 -1.21 -15.09 -7.68
C ALA A 146 -2.67 -15.53 -7.55
N GLU A 147 -3.01 -16.62 -8.22
CA GLU A 147 -4.37 -17.16 -8.18
C GLU A 147 -4.35 -18.68 -8.10
N GLN A 148 -5.42 -19.24 -7.55
CA GLN A 148 -5.55 -20.69 -7.42
C GLN A 148 -6.40 -21.26 -8.53
N THR A 149 -5.76 -21.99 -9.43
CA THR A 149 -6.46 -22.61 -10.56
C THR A 149 -6.14 -24.09 -10.65
N GLY A 1 20.93 8.56 13.17
CA GLY A 1 20.71 8.09 11.77
C GLY A 1 19.47 7.22 11.64
N PRO A 2 18.26 7.80 11.81
CA PRO A 2 17.01 7.07 11.80
C PRO A 2 16.06 7.54 10.68
N ASN A 3 14.89 6.92 10.61
CA ASN A 3 13.90 7.27 9.60
C ASN A 3 13.22 8.59 9.93
N GLU A 4 13.18 9.49 8.96
CA GLU A 4 12.55 10.80 9.15
C GLU A 4 11.07 10.67 9.44
N ASN A 5 10.41 9.76 8.73
CA ASN A 5 8.97 9.54 8.91
C ASN A 5 8.54 8.15 8.44
N TYR A 6 9.22 7.62 7.42
CA TYR A 6 8.89 6.31 6.89
C TYR A 6 10.14 5.43 6.77
N TYR A 7 9.95 4.12 6.79
CA TYR A 7 11.06 3.18 6.68
C TYR A 7 10.78 2.13 5.61
N ILE A 8 11.86 1.59 5.06
CA ILE A 8 11.76 0.57 4.02
C ILE A 8 12.66 -0.62 4.35
N SER A 9 12.38 -1.77 3.76
CA SER A 9 13.19 -2.96 3.99
C SER A 9 13.82 -3.43 2.67
N PRO A 10 14.83 -2.70 2.17
CA PRO A 10 15.45 -1.55 2.82
C PRO A 10 15.23 -0.24 2.06
N SER A 11 15.79 0.85 2.61
CA SER A 11 15.64 2.17 1.99
C SER A 11 15.98 2.15 0.50
N LEU A 12 15.68 3.25 -0.18
CA LEU A 12 15.94 3.33 -1.61
C LEU A 12 17.43 3.19 -1.91
N ASP A 13 18.27 3.80 -1.08
CA ASP A 13 19.71 3.73 -1.27
C ASP A 13 20.22 2.31 -1.00
N THR A 14 19.78 1.73 0.13
CA THR A 14 20.18 0.37 0.48
C THR A 14 19.75 -0.63 -0.60
N LEU A 15 18.54 -0.43 -1.10
CA LEU A 15 17.99 -1.30 -2.14
C LEU A 15 18.85 -1.27 -3.39
N SER A 16 19.26 -0.07 -3.78
CA SER A 16 20.09 0.12 -4.97
C SER A 16 21.41 -0.62 -4.84
N SER A 17 21.98 -0.59 -3.63
CA SER A 17 23.26 -1.26 -3.38
C SER A 17 23.15 -2.77 -3.60
N TYR A 18 21.94 -3.23 -3.89
CA TYR A 18 21.69 -4.65 -4.15
C TYR A 18 22.50 -5.12 -5.35
N SER A 19 22.68 -6.44 -5.44
CA SER A 19 23.40 -7.03 -6.55
C SER A 19 22.49 -7.05 -7.77
N LEU A 20 23.01 -7.45 -8.92
CA LEU A 20 22.20 -7.48 -10.14
C LEU A 20 21.01 -8.42 -9.95
N LEU A 21 21.27 -9.60 -9.41
CA LEU A 21 20.20 -10.58 -9.16
C LEU A 21 19.28 -10.11 -8.04
N GLN A 22 19.90 -9.55 -6.98
CA GLN A 22 19.15 -9.08 -5.82
C GLN A 22 18.18 -7.95 -6.17
N LEU A 23 18.63 -7.02 -7.02
CA LEU A 23 17.79 -5.90 -7.43
C LEU A 23 16.58 -6.40 -8.18
N ARG A 24 16.80 -7.41 -9.02
CA ARG A 24 15.73 -7.99 -9.82
C ARG A 24 14.88 -8.97 -9.02
N LYS A 25 15.32 -9.29 -7.81
CA LYS A 25 14.59 -10.21 -6.95
C LYS A 25 14.39 -9.63 -5.55
N VAL A 26 13.34 -8.82 -5.41
CA VAL A 26 12.96 -8.16 -4.15
C VAL A 26 12.40 -9.16 -3.12
N PRO A 27 13.25 -9.75 -2.24
CA PRO A 27 12.78 -10.72 -1.25
C PRO A 27 11.74 -10.14 -0.28
N HIS A 28 12.18 -9.45 0.76
CA HIS A 28 11.26 -8.88 1.74
C HIS A 28 10.99 -7.40 1.47
N LEU A 29 9.73 -7.06 1.23
CA LEU A 29 9.35 -5.67 0.96
C LEU A 29 8.58 -5.07 2.14
N VAL A 30 9.13 -4.01 2.72
CA VAL A 30 8.48 -3.33 3.83
C VAL A 30 8.44 -1.82 3.57
N VAL A 31 7.25 -1.30 3.30
CA VAL A 31 7.08 0.12 3.03
C VAL A 31 5.97 0.71 3.89
N GLY A 32 6.26 1.82 4.55
CA GLY A 32 5.26 2.46 5.39
C GLY A 32 5.77 3.72 6.06
N HIS A 33 4.84 4.48 6.64
CA HIS A 33 5.17 5.72 7.33
C HIS A 33 4.74 5.63 8.78
N LYS A 34 5.65 6.02 9.69
CA LYS A 34 5.33 5.97 11.12
C LYS A 34 4.15 6.88 11.43
N SER A 35 4.11 8.04 10.81
CA SER A 35 3.01 8.98 11.00
C SER A 35 1.75 8.47 10.34
N TYR A 36 1.91 7.90 9.16
CA TYR A 36 0.80 7.34 8.40
C TYR A 36 1.30 6.42 7.30
N GLY A 37 1.24 5.12 7.54
CA GLY A 37 1.70 4.17 6.53
C GLY A 37 2.17 2.86 7.12
N LYS A 38 1.39 1.80 6.88
CA LYS A 38 1.74 0.47 7.36
C LYS A 38 1.41 -0.58 6.31
N ILE A 39 2.35 -0.81 5.40
CA ILE A 39 2.14 -1.79 4.33
C ILE A 39 3.34 -2.72 4.21
N GLU A 40 3.08 -4.00 3.98
CA GLU A 40 4.13 -4.99 3.83
C GLU A 40 3.90 -5.83 2.57
N PHE A 41 4.94 -5.95 1.74
CA PHE A 41 4.86 -6.72 0.51
C PHE A 41 5.56 -8.07 0.65
N LEU A 42 4.84 -9.16 0.38
CA LEU A 42 5.41 -10.49 0.45
C LEU A 42 5.78 -11.02 -0.93
N GLU A 43 5.74 -10.12 -1.90
CA GLU A 43 6.06 -10.45 -3.28
C GLU A 43 7.24 -9.60 -3.78
N PRO A 44 7.94 -10.05 -4.83
CA PRO A 44 9.11 -9.38 -5.36
C PRO A 44 8.91 -8.85 -6.77
N VAL A 45 9.94 -8.20 -7.32
CA VAL A 45 9.86 -7.64 -8.67
C VAL A 45 11.26 -7.34 -9.20
N ASP A 46 11.33 -6.67 -10.36
CA ASP A 46 12.60 -6.32 -10.95
C ASP A 46 12.86 -4.82 -10.80
N LEU A 47 13.83 -4.47 -9.96
CA LEU A 47 14.16 -3.07 -9.72
C LEU A 47 15.53 -2.71 -10.30
N ALA A 48 16.12 -3.64 -11.05
CA ALA A 48 17.42 -3.41 -11.67
C ALA A 48 17.38 -2.22 -12.63
N GLY A 49 16.27 -2.10 -13.36
CA GLY A 49 16.14 -1.01 -14.31
C GLY A 49 16.21 0.35 -13.66
N ILE A 50 15.60 0.49 -12.48
CA ILE A 50 15.61 1.75 -11.76
C ILE A 50 15.08 2.91 -12.63
N PRO A 51 13.82 2.82 -13.10
CA PRO A 51 13.21 3.85 -13.95
C PRO A 51 12.80 5.09 -13.14
N LEU A 52 13.69 5.56 -12.29
CA LEU A 52 13.42 6.74 -11.47
C LEU A 52 13.14 7.96 -12.33
N THR A 53 13.90 8.09 -13.43
CA THR A 53 13.75 9.23 -14.34
C THR A 53 12.29 9.49 -14.69
N SER A 54 11.53 8.41 -14.91
CA SER A 54 10.11 8.54 -15.23
C SER A 54 9.24 8.31 -14.01
N LEU A 55 9.75 7.54 -13.05
CA LEU A 55 9.04 7.23 -11.83
C LEU A 55 8.90 8.48 -10.95
N GLY A 56 9.98 9.25 -10.89
CA GLY A 56 9.99 10.46 -10.09
C GLY A 56 11.11 10.48 -9.08
N GLY A 57 11.38 9.32 -8.47
CA GLY A 57 12.45 9.24 -7.49
C GLY A 57 12.30 8.03 -6.59
N VAL A 58 11.43 8.15 -5.58
CA VAL A 58 11.19 7.07 -4.65
C VAL A 58 10.40 5.94 -5.31
N ILE A 59 9.72 6.26 -6.42
CA ILE A 59 8.92 5.29 -7.15
C ILE A 59 7.68 4.87 -6.36
N ILE A 60 7.70 5.14 -5.06
CA ILE A 60 6.58 4.78 -4.18
C ILE A 60 6.04 6.00 -3.46
N THR A 61 4.71 6.16 -3.48
CA THR A 61 4.07 7.27 -2.81
C THR A 61 2.92 6.77 -1.93
N PHE A 62 2.77 7.35 -0.75
CA PHE A 62 1.72 6.94 0.17
C PHE A 62 0.92 8.13 0.67
N GLU A 63 -0.34 8.20 0.26
CA GLU A 63 -1.24 9.26 0.69
C GLU A 63 -1.61 9.06 2.15
N PRO A 64 -1.74 10.14 2.93
CA PRO A 64 -2.09 10.02 4.34
C PRO A 64 -3.53 9.57 4.56
N LYS A 65 -3.84 8.44 3.95
CA LYS A 65 -5.16 7.84 4.03
C LYS A 65 -5.22 6.61 3.12
N THR A 66 -4.43 6.67 2.04
CA THR A 66 -4.37 5.57 1.08
C THR A 66 -2.98 5.50 0.44
N CYS A 67 -2.57 4.29 0.06
CA CYS A 67 -1.26 4.10 -0.58
C CYS A 67 -1.41 3.97 -2.09
N ILE A 68 -0.77 4.87 -2.83
CA ILE A 68 -0.86 4.86 -4.28
C ILE A 68 0.53 4.69 -4.91
N ILE A 69 0.69 3.62 -5.69
CA ILE A 69 1.95 3.33 -6.37
C ILE A 69 2.19 4.35 -7.49
N TYR A 70 1.13 4.68 -8.21
CA TYR A 70 1.21 5.63 -9.32
C TYR A 70 1.56 7.03 -8.83
N ALA A 71 1.14 7.35 -7.62
CA ALA A 71 1.40 8.67 -7.03
C ALA A 71 0.50 9.72 -7.65
N ASN A 72 -0.81 9.48 -7.58
CA ASN A 72 -1.79 10.40 -8.14
C ASN A 72 -1.61 10.56 -9.64
N LEU A 73 -1.00 9.56 -10.27
CA LEU A 73 -0.75 9.54 -11.71
C LEU A 73 -2.04 9.45 -12.55
N PRO A 74 -2.63 10.59 -12.97
CA PRO A 74 -3.86 10.59 -13.75
C PRO A 74 -3.64 10.61 -15.26
N ASN A 75 -2.63 9.88 -15.71
CA ASN A 75 -2.33 9.84 -17.15
C ASN A 75 -1.73 8.49 -17.55
N ARG A 76 -0.43 8.32 -17.31
CA ARG A 76 0.25 7.08 -17.64
C ARG A 76 1.74 7.15 -17.29
N PRO A 77 2.27 6.09 -16.65
CA PRO A 77 3.65 6.01 -16.22
C PRO A 77 4.52 5.05 -17.02
N LYS A 78 4.93 5.49 -18.22
CA LYS A 78 5.79 4.68 -19.09
C LYS A 78 5.25 3.24 -19.22
N ARG A 79 6.06 2.38 -19.84
CA ARG A 79 5.68 0.98 -20.01
C ARG A 79 5.48 0.29 -18.67
N GLY A 80 6.35 0.60 -17.72
CA GLY A 80 6.26 0.01 -16.40
C GLY A 80 6.87 -1.36 -16.32
N GLU A 81 7.00 -1.89 -15.11
CA GLU A 81 7.56 -3.21 -14.90
C GLU A 81 6.52 -4.16 -14.31
N GLY A 82 6.62 -5.44 -14.67
CA GLY A 82 5.68 -6.42 -14.17
C GLY A 82 5.80 -6.63 -12.67
N ILE A 83 5.24 -5.70 -11.90
CA ILE A 83 5.28 -5.79 -10.45
C ILE A 83 3.97 -6.30 -9.87
N ASN A 84 4.05 -7.34 -9.04
CA ASN A 84 2.86 -7.92 -8.43
C ASN A 84 2.53 -7.19 -7.13
N VAL A 85 1.25 -6.96 -6.89
CA VAL A 85 0.80 -6.28 -5.68
C VAL A 85 0.20 -7.26 -4.68
N ARG A 86 0.74 -8.47 -4.65
CA ARG A 86 0.26 -9.50 -3.72
C ARG A 86 0.83 -9.26 -2.33
N ALA A 87 0.45 -8.13 -1.73
CA ALA A 87 0.94 -7.77 -0.39
C ALA A 87 -0.21 -7.30 0.49
N ARG A 88 0.06 -7.19 1.79
CA ARG A 88 -0.95 -6.75 2.74
C ARG A 88 -0.76 -5.28 3.08
N ILE A 89 -1.78 -4.48 2.80
CA ILE A 89 -1.74 -3.05 3.08
C ILE A 89 -2.67 -2.68 4.23
N THR A 90 -2.14 -1.95 5.20
CA THR A 90 -2.92 -1.52 6.35
C THR A 90 -3.07 0.00 6.36
N CYS A 91 -4.31 0.47 6.32
CA CYS A 91 -4.58 1.91 6.31
C CYS A 91 -5.45 2.31 7.49
N PHE A 92 -5.13 3.46 8.08
CA PHE A 92 -5.87 3.97 9.23
C PHE A 92 -6.88 5.04 8.79
N ASN A 93 -7.77 5.42 9.70
CA ASN A 93 -8.78 6.43 9.40
C ASN A 93 -9.68 5.99 8.24
N CYS A 94 -10.15 4.76 8.29
CA CYS A 94 -11.02 4.21 7.26
C CYS A 94 -12.30 5.03 7.13
N TYR A 95 -12.83 5.45 8.28
CA TYR A 95 -14.06 6.26 8.37
C TYR A 95 -13.89 7.68 7.83
N PRO A 96 -14.20 7.92 6.53
CA PRO A 96 -14.07 9.24 5.92
C PRO A 96 -15.32 10.10 6.12
N VAL A 97 -16.13 10.27 5.07
CA VAL A 97 -17.35 11.07 5.14
C VAL A 97 -18.53 10.33 4.53
N ASP A 98 -19.68 10.36 5.20
CA ASP A 98 -20.87 9.69 4.70
C ASP A 98 -21.53 10.53 3.61
N LYS A 99 -21.45 10.04 2.37
CA LYS A 99 -22.02 10.73 1.21
C LYS A 99 -23.52 10.52 1.08
N SER A 100 -24.04 9.46 1.71
CA SER A 100 -25.47 9.15 1.62
C SER A 100 -26.33 10.30 2.14
N THR A 101 -25.89 10.90 3.24
CA THR A 101 -26.60 12.02 3.85
C THR A 101 -25.69 13.23 4.00
N ARG A 102 -24.59 13.22 3.28
CA ARG A 102 -23.61 14.29 3.36
C ARG A 102 -23.04 14.40 4.77
N LYS A 103 -23.20 13.31 5.53
CA LYS A 103 -22.72 13.23 6.90
C LYS A 103 -21.19 13.32 6.94
N PRO A 104 -20.64 14.24 7.76
CA PRO A 104 -19.22 14.44 7.86
C PRO A 104 -18.70 13.97 9.21
N ILE A 105 -18.46 12.66 9.28
CA ILE A 105 -17.99 12.01 10.50
C ILE A 105 -16.48 11.83 10.50
N LYS A 106 -15.83 12.42 11.50
CA LYS A 106 -14.39 12.33 11.64
C LYS A 106 -14.01 11.46 12.84
N ASP A 107 -14.93 10.57 13.23
CA ASP A 107 -14.70 9.68 14.36
C ASP A 107 -15.32 8.29 14.10
N PRO A 108 -14.96 7.29 14.95
CA PRO A 108 -15.42 5.92 14.76
C PRO A 108 -16.33 5.47 15.94
N ASN A 109 -17.60 5.87 15.87
CA ASN A 109 -18.56 5.52 16.90
C ASN A 109 -19.20 4.14 16.63
N HIS A 110 -18.77 3.51 15.54
CA HIS A 110 -19.29 2.19 15.14
C HIS A 110 -20.74 2.28 14.67
N GLN A 111 -21.23 3.51 14.49
CA GLN A 111 -22.60 3.72 14.05
C GLN A 111 -22.84 3.13 12.66
N LEU A 112 -21.84 3.22 11.78
CA LEU A 112 -21.97 2.70 10.43
C LEU A 112 -20.77 1.82 10.04
N VAL A 113 -20.10 1.24 11.03
CA VAL A 113 -18.94 0.39 10.77
C VAL A 113 -19.35 -0.83 9.92
N LYS A 114 -20.48 -1.43 10.25
CA LYS A 114 -20.95 -2.60 9.52
C LYS A 114 -21.20 -2.29 8.04
N ARG A 115 -21.77 -1.13 7.78
CA ARG A 115 -22.06 -0.73 6.41
C ARG A 115 -20.79 -0.53 5.59
N HIS A 116 -19.77 0.08 6.21
CA HIS A 116 -18.50 0.31 5.54
C HIS A 116 -17.83 -1.00 5.14
N ILE A 117 -17.91 -2.00 6.02
CA ILE A 117 -17.30 -3.29 5.76
C ILE A 117 -18.06 -4.05 4.68
N GLU A 118 -19.36 -3.78 4.58
CA GLU A 118 -20.21 -4.44 3.58
C GLU A 118 -19.71 -4.20 2.17
N ARG A 119 -19.24 -2.98 1.89
CA ARG A 119 -18.75 -2.65 0.57
C ARG A 119 -17.56 -3.53 0.20
N LEU A 120 -16.68 -3.76 1.17
CA LEU A 120 -15.49 -4.59 0.98
C LEU A 120 -15.92 -6.01 0.60
N LYS A 121 -16.96 -6.50 1.26
CA LYS A 121 -17.48 -7.84 1.01
C LYS A 121 -17.95 -7.99 -0.42
N LYS A 122 -18.52 -6.91 -0.97
CA LYS A 122 -19.03 -6.93 -2.34
C LYS A 122 -17.89 -7.11 -3.36
N ASN A 123 -16.68 -7.39 -2.87
CA ASN A 123 -15.51 -7.61 -3.72
C ASN A 123 -15.41 -6.57 -4.84
N PRO A 124 -14.98 -5.34 -4.54
CA PRO A 124 -14.87 -4.25 -5.48
C PRO A 124 -13.43 -3.80 -5.76
N ASN A 125 -12.75 -4.60 -6.59
CA ASN A 125 -11.36 -4.31 -6.96
C ASN A 125 -10.46 -4.36 -5.70
N SER A 126 -10.94 -5.01 -4.64
CA SER A 126 -10.17 -5.13 -3.42
C SER A 126 -10.40 -6.48 -2.76
N LYS A 127 -9.38 -6.98 -2.06
CA LYS A 127 -9.48 -8.26 -1.37
C LYS A 127 -9.50 -8.07 0.14
N PHE A 128 -10.58 -8.53 0.78
CA PHE A 128 -10.71 -8.40 2.22
C PHE A 128 -10.09 -9.58 2.95
N GLU A 129 -9.11 -9.30 3.79
CA GLU A 129 -8.43 -10.34 4.57
C GLU A 129 -8.94 -10.36 6.01
N SER A 130 -8.47 -9.40 6.80
CA SER A 130 -8.88 -9.29 8.20
C SER A 130 -9.34 -7.88 8.54
N TYR A 131 -10.44 -7.78 9.29
CA TYR A 131 -10.98 -6.48 9.68
C TYR A 131 -11.02 -6.36 11.21
N ASP A 132 -10.58 -5.22 11.72
CA ASP A 132 -10.57 -4.97 13.16
C ASP A 132 -11.64 -3.94 13.54
N ALA A 133 -12.68 -4.40 14.22
CA ALA A 133 -13.76 -3.51 14.65
C ALA A 133 -13.32 -2.56 15.76
N ASP A 134 -12.51 -3.07 16.67
CA ASP A 134 -12.02 -2.26 17.78
C ASP A 134 -11.19 -1.07 17.30
N SER A 135 -10.37 -1.30 16.29
CA SER A 135 -9.53 -0.24 15.75
C SER A 135 -10.12 0.35 14.47
N GLY A 136 -11.17 -0.29 13.94
CA GLY A 136 -11.81 0.18 12.73
C GLY A 136 -10.95 -0.03 11.50
N THR A 137 -9.64 -0.22 11.73
CA THR A 137 -8.70 -0.44 10.63
C THR A 137 -8.76 -1.89 10.16
N TYR A 138 -8.68 -2.09 8.85
CA TYR A 138 -8.73 -3.43 8.28
C TYR A 138 -7.53 -3.66 7.35
N VAL A 139 -7.17 -4.92 7.15
CA VAL A 139 -6.04 -5.25 6.29
C VAL A 139 -6.54 -5.94 5.02
N PHE A 140 -6.24 -5.32 3.87
CA PHE A 140 -6.66 -5.86 2.58
C PHE A 140 -5.44 -6.13 1.69
N ILE A 141 -5.55 -7.13 0.83
CA ILE A 141 -4.45 -7.49 -0.06
C ILE A 141 -4.88 -7.36 -1.52
N VAL A 142 -4.18 -6.51 -2.27
CA VAL A 142 -4.46 -6.32 -3.68
C VAL A 142 -4.08 -7.54 -4.49
N ASN A 143 -4.82 -8.63 -4.30
CA ASN A 143 -4.53 -9.87 -5.02
C ASN A 143 -4.65 -9.69 -6.53
N HIS A 144 -5.65 -8.93 -6.94
CA HIS A 144 -5.87 -8.68 -8.36
C HIS A 144 -4.97 -7.56 -8.87
N ALA A 145 -3.67 -7.85 -8.98
CA ALA A 145 -2.70 -6.87 -9.45
C ALA A 145 -2.93 -6.56 -10.93
N ALA A 146 -3.22 -7.59 -11.71
CA ALA A 146 -3.46 -7.41 -13.14
C ALA A 146 -4.96 -7.39 -13.46
N GLU A 147 -5.38 -6.38 -14.22
CA GLU A 147 -6.78 -6.24 -14.59
C GLU A 147 -7.00 -6.67 -16.04
N GLN A 148 -8.00 -7.52 -16.26
CA GLN A 148 -8.32 -8.00 -17.59
C GLN A 148 -9.33 -7.06 -18.24
N THR A 149 -8.92 -6.51 -19.35
CA THR A 149 -9.75 -5.59 -20.11
C THR A 149 -10.80 -6.35 -20.92
N GLY A 1 17.60 7.67 4.44
CA GLY A 1 16.34 7.89 5.20
C GLY A 1 16.39 7.29 6.60
N PRO A 2 17.44 7.58 7.39
CA PRO A 2 17.57 7.06 8.75
C PRO A 2 16.59 7.70 9.73
N ASN A 3 15.48 8.20 9.20
CA ASN A 3 14.47 8.84 10.02
C ASN A 3 13.70 7.83 10.85
N GLU A 4 13.52 8.12 12.13
CA GLU A 4 12.80 7.24 13.03
C GLU A 4 11.31 7.21 12.72
N ASN A 5 10.80 8.30 12.15
CA ASN A 5 9.38 8.41 11.83
C ASN A 5 8.97 7.35 10.80
N TYR A 6 9.83 7.09 9.82
CA TYR A 6 9.53 6.10 8.80
C TYR A 6 10.74 5.20 8.53
N TYR A 7 10.47 3.94 8.19
CA TYR A 7 11.54 2.99 7.91
C TYR A 7 11.17 2.08 6.74
N ILE A 8 12.18 1.52 6.09
CA ILE A 8 11.97 0.63 4.95
C ILE A 8 12.77 -0.66 5.12
N SER A 9 12.36 -1.70 4.42
CA SER A 9 13.05 -2.99 4.50
C SER A 9 13.54 -3.42 3.11
N PRO A 10 14.55 -2.71 2.56
CA PRO A 10 15.28 -1.65 3.21
C PRO A 10 15.08 -0.29 2.52
N SER A 11 15.72 0.75 3.06
CA SER A 11 15.61 2.09 2.51
C SER A 11 15.97 2.11 1.03
N LEU A 12 15.68 3.23 0.37
CA LEU A 12 15.95 3.36 -1.05
C LEU A 12 17.45 3.23 -1.33
N ASP A 13 18.26 3.83 -0.47
CA ASP A 13 19.71 3.75 -0.63
C ASP A 13 20.18 2.31 -0.49
N THR A 14 19.67 1.62 0.53
CA THR A 14 20.04 0.22 0.78
C THR A 14 19.67 -0.65 -0.41
N LEU A 15 18.50 -0.40 -1.00
CA LEU A 15 18.03 -1.17 -2.14
C LEU A 15 18.97 -1.02 -3.34
N SER A 16 19.45 0.20 -3.55
CA SER A 16 20.37 0.47 -4.65
C SER A 16 21.65 -0.35 -4.51
N SER A 17 22.13 -0.48 -3.29
CA SER A 17 23.35 -1.25 -3.03
C SER A 17 23.20 -2.69 -3.48
N TYR A 18 21.97 -3.07 -3.85
CA TYR A 18 21.67 -4.42 -4.32
C TYR A 18 22.47 -4.76 -5.55
N SER A 19 22.61 -6.05 -5.82
CA SER A 19 23.32 -6.52 -7.00
C SER A 19 22.43 -6.38 -8.22
N LEU A 20 22.95 -6.69 -9.40
CA LEU A 20 22.15 -6.57 -10.62
C LEU A 20 20.91 -7.46 -10.54
N LEU A 21 21.11 -8.71 -10.15
CA LEU A 21 20.00 -9.65 -10.01
C LEU A 21 19.11 -9.28 -8.83
N GLN A 22 19.74 -8.88 -7.73
CA GLN A 22 19.00 -8.51 -6.52
C GLN A 22 18.09 -7.31 -6.75
N LEU A 23 18.59 -6.30 -7.47
CA LEU A 23 17.80 -5.11 -7.76
C LEU A 23 16.55 -5.48 -8.57
N ARG A 24 16.75 -6.40 -9.50
CA ARG A 24 15.67 -6.84 -10.37
C ARG A 24 14.63 -7.66 -9.60
N LYS A 25 15.08 -8.48 -8.67
CA LYS A 25 14.19 -9.32 -7.89
C LYS A 25 14.13 -8.87 -6.43
N VAL A 26 13.27 -7.89 -6.15
CA VAL A 26 13.06 -7.34 -4.81
C VAL A 26 12.31 -8.33 -3.90
N PRO A 27 13.03 -9.17 -3.11
CA PRO A 27 12.38 -10.14 -2.23
C PRO A 27 11.38 -9.51 -1.26
N HIS A 28 11.81 -9.20 -0.04
CA HIS A 28 10.92 -8.59 0.95
C HIS A 28 11.07 -7.07 0.99
N LEU A 29 10.06 -6.37 0.50
CA LEU A 29 10.07 -4.91 0.51
C LEU A 29 9.04 -4.38 1.50
N VAL A 30 9.52 -3.63 2.50
CA VAL A 30 8.61 -3.09 3.51
C VAL A 30 8.71 -1.55 3.55
N VAL A 31 7.58 -0.89 3.29
CA VAL A 31 7.52 0.55 3.30
C VAL A 31 6.35 1.03 4.17
N GLY A 32 6.62 1.95 5.08
CA GLY A 32 5.57 2.46 5.94
C GLY A 32 6.00 3.65 6.77
N HIS A 33 5.04 4.41 7.26
CA HIS A 33 5.30 5.58 8.09
C HIS A 33 4.29 5.68 9.22
N LYS A 34 4.71 6.24 10.35
CA LYS A 34 3.82 6.37 11.50
C LYS A 34 2.62 7.25 11.15
N SER A 35 2.86 8.33 10.41
CA SER A 35 1.80 9.25 10.03
C SER A 35 0.80 8.57 9.10
N TYR A 36 1.31 7.76 8.18
CA TYR A 36 0.46 7.05 7.22
C TYR A 36 0.02 5.69 7.75
N GLY A 37 0.98 4.75 7.78
CA GLY A 37 0.69 3.42 8.26
C GLY A 37 1.78 2.42 7.88
N LYS A 38 1.66 1.19 8.36
CA LYS A 38 2.63 0.14 8.06
C LYS A 38 2.18 -0.71 6.87
N ILE A 39 2.99 -0.72 5.82
CA ILE A 39 2.67 -1.50 4.62
C ILE A 39 3.87 -2.37 4.22
N GLU A 40 3.58 -3.62 3.90
CA GLU A 40 4.64 -4.55 3.48
C GLU A 40 4.26 -5.26 2.18
N PHE A 41 5.15 -5.21 1.20
CA PHE A 41 4.91 -5.84 -0.09
C PHE A 41 5.81 -7.05 -0.29
N LEU A 42 5.21 -8.18 -0.66
CA LEU A 42 5.99 -9.40 -0.90
C LEU A 42 6.22 -9.61 -2.39
N GLU A 43 5.68 -8.69 -3.15
CA GLU A 43 5.81 -8.70 -4.60
C GLU A 43 7.16 -8.16 -5.04
N PRO A 44 7.60 -8.46 -6.27
CA PRO A 44 8.90 -8.05 -6.78
C PRO A 44 8.78 -7.08 -7.96
N VAL A 45 9.92 -6.63 -8.47
CA VAL A 45 9.95 -5.70 -9.61
C VAL A 45 11.38 -5.40 -10.03
N ASP A 46 11.57 -5.04 -11.28
CA ASP A 46 12.90 -4.73 -11.79
C ASP A 46 13.17 -3.23 -11.71
N LEU A 47 14.14 -2.86 -10.88
CA LEU A 47 14.50 -1.45 -10.71
C LEU A 47 15.83 -1.13 -11.39
N ALA A 48 16.57 -2.16 -11.79
CA ALA A 48 17.85 -1.97 -12.46
C ALA A 48 17.68 -1.17 -13.74
N GLY A 49 16.62 -1.47 -14.47
CA GLY A 49 16.34 -0.77 -15.71
C GLY A 49 15.67 0.59 -15.47
N ILE A 50 14.50 0.52 -14.81
CA ILE A 50 13.69 1.72 -14.50
C ILE A 50 14.34 2.60 -13.41
N PRO A 51 15.13 3.65 -13.80
CA PRO A 51 15.79 4.52 -12.83
C PRO A 51 14.78 5.40 -12.09
N LEU A 52 13.63 4.84 -11.77
CA LEU A 52 12.58 5.57 -11.06
C LEU A 52 13.08 6.04 -9.70
N THR A 53 13.84 5.19 -9.03
CA THR A 53 14.38 5.52 -7.70
C THR A 53 15.03 6.90 -7.66
N SER A 54 15.69 7.27 -8.76
CA SER A 54 16.33 8.58 -8.85
C SER A 54 15.31 9.70 -8.70
N LEU A 55 14.14 9.50 -9.29
CA LEU A 55 13.07 10.49 -9.23
C LEU A 55 12.62 10.68 -7.78
N GLY A 56 12.55 9.57 -7.05
CA GLY A 56 12.15 9.60 -5.66
C GLY A 56 12.11 8.22 -5.05
N GLY A 57 10.94 7.59 -5.10
CA GLY A 57 10.80 6.25 -4.58
C GLY A 57 11.03 5.20 -5.65
N VAL A 58 11.10 3.94 -5.23
CA VAL A 58 11.32 2.85 -6.19
C VAL A 58 10.19 2.80 -7.22
N ILE A 59 8.96 2.81 -6.73
CA ILE A 59 7.77 2.77 -7.59
C ILE A 59 6.50 2.48 -6.79
N ILE A 60 6.48 2.89 -5.52
CA ILE A 60 5.34 2.67 -4.65
C ILE A 60 4.75 3.98 -4.15
N THR A 61 3.44 4.14 -4.28
CA THR A 61 2.76 5.34 -3.82
C THR A 61 1.79 4.99 -2.69
N PHE A 62 1.81 5.77 -1.63
CA PHE A 62 0.95 5.50 -0.48
C PHE A 62 0.27 6.76 0.04
N GLU A 63 -1.04 6.83 -0.17
CA GLU A 63 -1.85 7.94 0.31
C GLU A 63 -2.05 7.81 1.82
N PRO A 64 -2.10 8.93 2.56
CA PRO A 64 -2.27 8.88 4.02
C PRO A 64 -3.66 8.42 4.44
N LYS A 65 -4.05 7.26 3.94
CA LYS A 65 -5.34 6.64 4.24
C LYS A 65 -5.61 5.50 3.26
N THR A 66 -5.01 5.63 2.08
CA THR A 66 -5.16 4.62 1.03
C THR A 66 -3.82 4.35 0.35
N CYS A 67 -3.54 3.09 0.05
CA CYS A 67 -2.28 2.74 -0.61
C CYS A 67 -2.53 2.10 -1.97
N ILE A 68 -1.88 2.66 -3.00
CA ILE A 68 -2.02 2.13 -4.35
C ILE A 68 -0.66 1.68 -4.91
N ILE A 69 -0.57 0.40 -5.23
CA ILE A 69 0.66 -0.17 -5.78
C ILE A 69 0.90 0.34 -7.21
N TYR A 70 -0.19 0.42 -7.98
CA TYR A 70 -0.11 0.88 -9.36
C TYR A 70 0.42 2.31 -9.46
N ALA A 71 -0.02 3.16 -8.54
CA ALA A 71 0.41 4.55 -8.53
C ALA A 71 -0.04 5.26 -9.80
N ASN A 72 -1.35 5.41 -9.95
CA ASN A 72 -1.93 6.05 -11.12
C ASN A 72 -1.56 5.30 -12.40
N LEU A 73 -1.38 3.99 -12.25
CA LEU A 73 -1.04 3.08 -13.36
C LEU A 73 -2.19 2.89 -14.35
N PRO A 74 -2.24 3.69 -15.44
CA PRO A 74 -3.32 3.58 -16.44
C PRO A 74 -3.24 2.27 -17.24
N ASN A 75 -2.87 1.20 -16.56
CA ASN A 75 -2.75 -0.10 -17.22
C ASN A 75 -1.74 -0.07 -18.35
N ARG A 76 -0.78 0.86 -18.25
CA ARG A 76 0.29 1.04 -19.25
C ARG A 76 1.31 -0.10 -19.20
N PRO A 77 1.14 -1.14 -20.04
CA PRO A 77 2.05 -2.29 -20.04
C PRO A 77 2.99 -2.25 -21.24
N LYS A 78 3.43 -1.06 -21.63
CA LYS A 78 4.34 -0.91 -22.75
C LYS A 78 5.68 -1.61 -22.45
N ARG A 79 6.14 -1.47 -21.21
CA ARG A 79 7.40 -2.09 -20.80
C ARG A 79 7.25 -3.60 -20.66
N GLY A 80 8.28 -4.32 -21.09
CA GLY A 80 8.25 -5.77 -21.01
C GLY A 80 8.39 -6.27 -19.59
N GLU A 81 8.13 -5.39 -18.62
CA GLU A 81 8.24 -5.75 -17.21
C GLU A 81 6.86 -6.03 -16.61
N GLY A 82 6.79 -7.06 -15.77
CA GLY A 82 5.53 -7.42 -15.15
C GLY A 82 5.46 -7.01 -13.69
N ILE A 83 4.36 -6.37 -13.32
CA ILE A 83 4.17 -5.92 -11.94
C ILE A 83 3.29 -6.88 -11.15
N ASN A 84 3.85 -7.43 -10.07
CA ASN A 84 3.12 -8.37 -9.22
C ASN A 84 2.54 -7.65 -8.01
N VAL A 85 1.27 -7.90 -7.71
CA VAL A 85 0.62 -7.26 -6.58
C VAL A 85 0.45 -8.25 -5.42
N ARG A 86 1.39 -9.16 -5.28
CA ARG A 86 1.35 -10.15 -4.21
C ARG A 86 1.85 -9.54 -2.90
N ALA A 87 1.14 -8.54 -2.41
CA ALA A 87 1.52 -7.87 -1.17
C ALA A 87 0.31 -7.46 -0.36
N ARG A 88 0.52 -7.22 0.93
CA ARG A 88 -0.56 -6.81 1.84
C ARG A 88 -0.27 -5.42 2.39
N ILE A 89 -1.26 -4.52 2.27
CA ILE A 89 -1.10 -3.16 2.76
C ILE A 89 -1.98 -2.91 3.98
N THR A 90 -1.37 -2.36 5.03
CA THR A 90 -2.10 -2.05 6.25
C THR A 90 -2.02 -0.56 6.55
N CYS A 91 -3.18 0.05 6.81
CA CYS A 91 -3.24 1.48 7.12
C CYS A 91 -4.19 1.76 8.27
N PHE A 92 -4.03 2.93 8.88
CA PHE A 92 -4.86 3.32 10.01
C PHE A 92 -5.04 4.83 10.09
N ASN A 93 -5.96 5.26 10.94
CA ASN A 93 -6.22 6.68 11.12
C ASN A 93 -6.71 7.34 9.83
N CYS A 94 -7.51 6.62 9.06
CA CYS A 94 -8.05 7.15 7.81
C CYS A 94 -9.08 8.23 8.11
N TYR A 95 -9.88 7.98 9.14
CA TYR A 95 -10.93 8.89 9.58
C TYR A 95 -10.47 10.36 9.64
N PRO A 96 -9.31 10.63 10.27
CA PRO A 96 -8.80 12.00 10.41
C PRO A 96 -8.44 12.65 9.07
N VAL A 97 -9.03 12.15 7.99
CA VAL A 97 -8.76 12.71 6.67
C VAL A 97 -10.00 12.69 5.78
N ASP A 98 -10.68 13.82 5.69
CA ASP A 98 -11.88 13.93 4.85
C ASP A 98 -11.47 14.35 3.44
N LYS A 99 -11.74 13.51 2.46
CA LYS A 99 -11.37 13.78 1.08
C LYS A 99 -12.07 15.03 0.52
N SER A 100 -13.25 15.32 1.02
CA SER A 100 -14.03 16.47 0.55
C SER A 100 -13.29 17.81 0.74
N THR A 101 -12.86 18.09 1.97
CA THR A 101 -12.17 19.34 2.26
C THR A 101 -10.84 19.10 2.95
N ARG A 102 -10.36 17.87 2.87
CA ARG A 102 -9.11 17.49 3.51
C ARG A 102 -9.23 17.69 5.01
N LYS A 103 -10.42 17.42 5.53
CA LYS A 103 -10.72 17.55 6.95
C LYS A 103 -9.88 16.61 7.79
N PRO A 104 -9.33 17.08 8.93
CA PRO A 104 -8.48 16.29 9.80
C PRO A 104 -9.17 16.01 11.14
N ILE A 105 -10.02 14.99 11.14
CA ILE A 105 -10.79 14.62 12.33
C ILE A 105 -10.03 13.58 13.16
N LYS A 106 -9.47 14.01 14.27
CA LYS A 106 -8.73 13.12 15.16
C LYS A 106 -9.61 12.67 16.32
N ASP A 107 -10.62 11.86 16.00
CA ASP A 107 -11.53 11.34 17.00
C ASP A 107 -12.07 9.98 16.63
N PRO A 108 -12.71 9.26 17.57
CA PRO A 108 -13.24 7.94 17.37
C PRO A 108 -14.76 7.86 17.35
N ASN A 109 -15.36 8.27 16.23
CA ASN A 109 -16.79 8.24 16.07
C ASN A 109 -17.23 7.29 14.98
N HIS A 110 -18.07 6.35 15.35
CA HIS A 110 -18.58 5.37 14.41
C HIS A 110 -19.66 5.96 13.50
N GLN A 111 -19.73 7.29 13.48
CA GLN A 111 -20.71 8.00 12.65
C GLN A 111 -20.54 7.64 11.18
N LEU A 112 -19.30 7.50 10.75
CA LEU A 112 -19.02 7.16 9.34
C LEU A 112 -18.01 6.01 9.26
N VAL A 113 -17.87 5.26 10.34
CA VAL A 113 -16.95 4.14 10.38
C VAL A 113 -17.51 2.97 9.56
N LYS A 114 -18.76 2.61 9.83
CA LYS A 114 -19.41 1.50 9.14
C LYS A 114 -19.58 1.80 7.66
N ARG A 115 -19.94 3.03 7.33
CA ARG A 115 -20.14 3.43 5.95
C ARG A 115 -18.84 3.30 5.14
N HIS A 116 -17.73 3.67 5.76
CA HIS A 116 -16.43 3.59 5.08
C HIS A 116 -16.12 2.15 4.68
N ILE A 117 -16.40 1.21 5.58
CA ILE A 117 -16.17 -0.19 5.30
C ILE A 117 -17.09 -0.69 4.18
N GLU A 118 -18.34 -0.24 4.20
CA GLU A 118 -19.32 -0.63 3.19
C GLU A 118 -18.85 -0.21 1.81
N ARG A 119 -18.30 1.01 1.71
CA ARG A 119 -17.81 1.53 0.44
C ARG A 119 -16.71 0.64 -0.12
N LEU A 120 -15.85 0.17 0.78
CA LEU A 120 -14.74 -0.68 0.38
C LEU A 120 -15.27 -1.98 -0.21
N LYS A 121 -16.34 -2.50 0.38
CA LYS A 121 -16.95 -3.74 -0.07
C LYS A 121 -17.44 -3.61 -1.52
N LYS A 122 -18.01 -2.46 -1.85
CA LYS A 122 -18.51 -2.22 -3.21
C LYS A 122 -17.36 -2.31 -4.20
N ASN A 123 -16.22 -1.74 -3.82
CA ASN A 123 -15.02 -1.73 -4.65
C ASN A 123 -14.45 -3.14 -4.79
N PRO A 124 -14.72 -3.83 -5.92
CA PRO A 124 -14.26 -5.19 -6.12
C PRO A 124 -12.86 -5.22 -6.76
N ASN A 125 -12.06 -4.23 -6.45
CA ASN A 125 -10.69 -4.14 -6.96
C ASN A 125 -9.69 -4.62 -5.91
N SER A 126 -10.10 -4.60 -4.65
CA SER A 126 -9.26 -5.03 -3.55
C SER A 126 -9.99 -6.05 -2.68
N LYS A 127 -9.25 -6.96 -2.06
CA LYS A 127 -9.85 -7.98 -1.22
C LYS A 127 -9.83 -7.57 0.25
N PHE A 128 -11.01 -7.55 0.85
CA PHE A 128 -11.14 -7.17 2.26
C PHE A 128 -10.85 -8.35 3.17
N GLU A 129 -9.81 -8.23 4.00
CA GLU A 129 -9.44 -9.30 4.92
C GLU A 129 -10.10 -9.10 6.29
N SER A 130 -9.52 -8.21 7.10
CA SER A 130 -10.05 -7.93 8.42
C SER A 130 -9.96 -6.44 8.74
N TYR A 131 -11.00 -5.90 9.38
CA TYR A 131 -11.03 -4.49 9.74
C TYR A 131 -11.38 -4.32 11.22
N ASP A 132 -10.59 -3.52 11.92
CA ASP A 132 -10.83 -3.27 13.34
C ASP A 132 -11.32 -1.84 13.57
N ALA A 133 -12.53 -1.72 14.09
CA ALA A 133 -13.13 -0.42 14.35
C ALA A 133 -12.42 0.29 15.51
N ASP A 134 -12.07 -0.47 16.54
CA ASP A 134 -11.41 0.08 17.72
C ASP A 134 -10.08 0.74 17.37
N SER A 135 -9.31 0.09 16.50
CA SER A 135 -8.01 0.62 16.10
C SER A 135 -8.08 1.36 14.76
N GLY A 136 -9.15 1.12 14.01
CA GLY A 136 -9.31 1.76 12.71
C GLY A 136 -8.36 1.20 11.66
N THR A 137 -7.62 0.17 12.03
CA THR A 137 -6.67 -0.46 11.12
C THR A 137 -7.39 -1.26 10.03
N TYR A 138 -7.00 -1.03 8.79
CA TYR A 138 -7.60 -1.72 7.65
C TYR A 138 -6.54 -2.52 6.91
N VAL A 139 -6.73 -3.84 6.85
CA VAL A 139 -5.80 -4.73 6.17
C VAL A 139 -6.49 -5.50 5.05
N PHE A 140 -5.98 -5.34 3.83
CA PHE A 140 -6.53 -6.03 2.67
C PHE A 140 -5.42 -6.53 1.75
N ILE A 141 -5.68 -7.63 1.06
CA ILE A 141 -4.71 -8.21 0.14
C ILE A 141 -5.28 -8.26 -1.28
N VAL A 142 -4.52 -7.73 -2.24
CA VAL A 142 -4.96 -7.72 -3.63
C VAL A 142 -3.95 -8.49 -4.50
N ASN A 143 -4.03 -9.82 -4.45
CA ASN A 143 -3.14 -10.65 -5.24
C ASN A 143 -3.79 -11.06 -6.55
N HIS A 144 -3.28 -10.51 -7.65
CA HIS A 144 -3.81 -10.81 -8.97
C HIS A 144 -3.59 -12.28 -9.32
N ALA A 145 -2.42 -12.79 -8.97
CA ALA A 145 -2.08 -14.19 -9.24
C ALA A 145 -3.05 -15.14 -8.55
N ALA A 146 -3.42 -14.81 -7.32
CA ALA A 146 -4.34 -15.65 -6.56
C ALA A 146 -5.76 -15.11 -6.62
N GLU A 147 -6.68 -15.93 -7.12
CA GLU A 147 -8.08 -15.54 -7.23
C GLU A 147 -8.96 -16.50 -6.43
N GLN A 148 -9.84 -15.93 -5.61
CA GLN A 148 -10.74 -16.70 -4.78
C GLN A 148 -11.66 -17.52 -5.65
N THR A 149 -11.85 -18.72 -5.18
CA THR A 149 -12.71 -19.70 -5.85
C THR A 149 -13.91 -20.05 -4.98
N GLY A 1 11.63 14.80 12.20
CA GLY A 1 12.73 14.95 11.21
C GLY A 1 12.28 14.67 9.79
N PRO A 2 13.21 14.52 8.83
CA PRO A 2 12.87 14.26 7.44
C PRO A 2 12.27 12.87 7.24
N ASN A 3 13.12 11.85 7.11
CA ASN A 3 12.66 10.48 6.93
C ASN A 3 12.93 9.63 8.17
N GLU A 4 13.14 10.29 9.29
CA GLU A 4 13.42 9.60 10.55
C GLU A 4 12.17 8.87 11.05
N ASN A 5 11.02 9.52 10.91
CA ASN A 5 9.75 8.95 11.36
C ASN A 5 9.43 7.63 10.66
N TYR A 6 9.73 7.55 9.36
CA TYR A 6 9.45 6.34 8.60
C TYR A 6 10.74 5.63 8.18
N TYR A 7 10.71 4.30 8.23
CA TYR A 7 11.86 3.49 7.85
C TYR A 7 11.44 2.40 6.85
N ILE A 8 12.39 1.96 6.03
CA ILE A 8 12.10 0.93 5.02
C ILE A 8 13.05 -0.27 5.18
N SER A 9 12.47 -1.46 4.94
CA SER A 9 13.21 -2.75 5.06
C SER A 9 13.63 -3.23 3.60
N PRO A 10 14.51 -2.50 2.90
CA PRO A 10 15.25 -1.35 3.32
C PRO A 10 14.95 -0.07 2.57
N SER A 11 15.63 1.02 2.93
CA SER A 11 15.43 2.32 2.31
C SER A 11 15.44 2.23 0.79
N LEU A 12 14.98 3.30 0.14
CA LEU A 12 14.91 3.33 -1.30
C LEU A 12 16.31 3.18 -1.91
N ASP A 13 17.28 3.82 -1.29
CA ASP A 13 18.67 3.75 -1.74
C ASP A 13 19.22 2.33 -1.57
N THR A 14 18.87 1.69 -0.45
CA THR A 14 19.34 0.34 -0.18
C THR A 14 18.91 -0.63 -1.28
N LEU A 15 17.67 -0.48 -1.75
CA LEU A 15 17.14 -1.35 -2.79
C LEU A 15 17.97 -1.22 -4.06
N SER A 16 18.24 0.01 -4.47
CA SER A 16 19.03 0.29 -5.66
C SER A 16 20.43 -0.30 -5.54
N SER A 17 21.01 -0.19 -4.34
CA SER A 17 22.35 -0.70 -4.09
C SER A 17 22.40 -2.23 -4.23
N TYR A 18 21.24 -2.82 -4.53
CA TYR A 18 21.15 -4.27 -4.69
C TYR A 18 22.03 -4.75 -5.83
N SER A 19 22.34 -6.04 -5.81
CA SER A 19 23.16 -6.63 -6.86
C SER A 19 22.31 -6.82 -8.11
N LEU A 20 22.91 -7.26 -9.20
CA LEU A 20 22.16 -7.44 -10.45
C LEU A 20 21.05 -8.46 -10.24
N LEU A 21 21.37 -9.58 -9.60
CA LEU A 21 20.38 -10.61 -9.34
C LEU A 21 19.38 -10.16 -8.28
N GLN A 22 19.89 -9.48 -7.24
CA GLN A 22 19.05 -9.01 -6.14
C GLN A 22 18.01 -7.99 -6.61
N LEU A 23 18.43 -7.06 -7.46
CA LEU A 23 17.52 -6.04 -7.98
C LEU A 23 16.38 -6.68 -8.75
N ARG A 24 16.72 -7.70 -9.52
CA ARG A 24 15.75 -8.43 -10.33
C ARG A 24 14.75 -9.15 -9.44
N LYS A 25 15.24 -9.73 -8.34
CA LYS A 25 14.40 -10.46 -7.41
C LYS A 25 14.13 -9.62 -6.17
N VAL A 26 13.00 -8.92 -6.18
CA VAL A 26 12.56 -8.06 -5.06
C VAL A 26 12.12 -8.86 -3.83
N PRO A 27 13.04 -9.12 -2.86
CA PRO A 27 12.70 -9.88 -1.65
C PRO A 27 11.53 -9.26 -0.87
N HIS A 28 11.46 -9.55 0.42
CA HIS A 28 10.38 -9.00 1.24
C HIS A 28 10.75 -7.64 1.81
N LEU A 29 10.19 -6.60 1.20
CA LEU A 29 10.46 -5.23 1.64
C LEU A 29 9.28 -4.69 2.44
N VAL A 30 9.57 -3.95 3.50
CA VAL A 30 8.52 -3.39 4.34
C VAL A 30 8.61 -1.87 4.38
N VAL A 31 7.49 -1.21 4.09
CA VAL A 31 7.43 0.25 4.11
C VAL A 31 6.40 0.72 5.14
N GLY A 32 6.86 1.51 6.11
CA GLY A 32 5.95 1.99 7.14
C GLY A 32 6.22 3.43 7.53
N HIS A 33 5.15 4.22 7.58
CA HIS A 33 5.26 5.63 7.94
C HIS A 33 4.41 5.90 9.17
N LYS A 34 4.99 6.56 10.17
CA LYS A 34 4.27 6.86 11.40
C LYS A 34 3.05 7.74 11.12
N SER A 35 3.23 8.70 10.22
CA SER A 35 2.15 9.61 9.86
C SER A 35 1.07 8.90 9.04
N TYR A 36 1.52 8.02 8.13
CA TYR A 36 0.59 7.29 7.28
C TYR A 36 0.20 5.94 7.88
N GLY A 37 1.09 4.96 7.76
CA GLY A 37 0.81 3.64 8.30
C GLY A 37 1.88 2.62 7.92
N LYS A 38 1.73 1.40 8.44
CA LYS A 38 2.69 0.34 8.16
C LYS A 38 2.18 -0.61 7.07
N ILE A 39 2.94 -0.71 5.98
CA ILE A 39 2.58 -1.58 4.87
C ILE A 39 3.77 -2.46 4.47
N GLU A 40 3.50 -3.74 4.16
CA GLU A 40 4.56 -4.65 3.78
C GLU A 40 4.18 -5.47 2.55
N PHE A 41 5.06 -5.50 1.57
CA PHE A 41 4.84 -6.26 0.35
C PHE A 41 5.93 -7.31 0.16
N LEU A 42 5.52 -8.57 0.02
CA LEU A 42 6.49 -9.66 -0.15
C LEU A 42 6.60 -10.06 -1.62
N GLU A 43 5.98 -9.27 -2.48
CA GLU A 43 6.00 -9.51 -3.92
C GLU A 43 7.26 -8.91 -4.55
N PRO A 44 7.87 -9.61 -5.52
CA PRO A 44 9.10 -9.17 -6.16
C PRO A 44 8.91 -8.86 -7.64
N VAL A 45 9.99 -8.44 -8.30
CA VAL A 45 9.95 -8.09 -9.71
C VAL A 45 11.30 -7.59 -10.20
N ASP A 46 11.49 -7.57 -11.52
CA ASP A 46 12.74 -7.08 -12.09
C ASP A 46 12.69 -5.58 -12.26
N LEU A 47 13.57 -4.87 -11.56
CA LEU A 47 13.60 -3.42 -11.63
C LEU A 47 14.84 -2.92 -12.36
N ALA A 48 15.89 -3.75 -12.38
CA ALA A 48 17.14 -3.39 -13.05
C ALA A 48 17.70 -2.07 -12.53
N GLY A 49 17.28 -0.96 -13.13
CA GLY A 49 17.76 0.35 -12.72
C GLY A 49 16.95 0.95 -11.59
N ILE A 50 15.66 0.62 -11.55
CA ILE A 50 14.76 1.15 -10.51
C ILE A 50 14.70 2.67 -10.57
N PRO A 51 14.24 3.24 -11.71
CA PRO A 51 14.14 4.67 -11.91
C PRO A 51 12.71 5.19 -11.76
N LEU A 52 11.93 4.57 -10.88
CA LEU A 52 10.55 4.96 -10.65
C LEU A 52 10.48 6.35 -10.03
N THR A 53 11.41 6.61 -9.10
CA THR A 53 11.46 7.91 -8.40
C THR A 53 11.41 9.08 -9.38
N SER A 54 11.96 8.88 -10.56
CA SER A 54 11.97 9.92 -11.59
C SER A 54 10.55 10.17 -12.09
N LEU A 55 9.73 9.13 -12.06
CA LEU A 55 8.34 9.23 -12.52
C LEU A 55 7.59 10.26 -11.68
N GLY A 56 7.84 10.25 -10.38
CA GLY A 56 7.20 11.18 -9.47
C GLY A 56 8.20 11.93 -8.62
N GLY A 57 8.73 11.25 -7.60
CA GLY A 57 9.71 11.86 -6.72
C GLY A 57 10.33 10.82 -5.84
N VAL A 58 9.50 9.89 -5.40
CA VAL A 58 9.91 8.78 -4.58
C VAL A 58 9.46 7.50 -5.24
N ILE A 59 10.38 6.56 -5.39
CA ILE A 59 10.09 5.28 -6.02
C ILE A 59 8.88 4.58 -5.36
N ILE A 60 8.40 5.15 -4.26
CA ILE A 60 7.26 4.60 -3.53
C ILE A 60 6.32 5.71 -3.05
N THR A 61 5.02 5.47 -3.14
CA THR A 61 4.03 6.45 -2.70
C THR A 61 3.00 5.80 -1.77
N PHE A 62 2.61 6.53 -0.73
CA PHE A 62 1.64 6.01 0.23
C PHE A 62 0.51 7.01 0.46
N GLU A 63 -0.67 6.68 -0.05
CA GLU A 63 -1.85 7.53 0.14
C GLU A 63 -2.41 7.32 1.54
N PRO A 64 -2.82 8.41 2.24
CA PRO A 64 -3.35 8.28 3.59
C PRO A 64 -4.74 7.67 3.61
N LYS A 65 -4.88 6.66 2.78
CA LYS A 65 -6.12 5.91 2.62
C LYS A 65 -5.84 4.62 1.85
N THR A 66 -4.87 4.68 0.95
CA THR A 66 -4.49 3.55 0.13
C THR A 66 -3.00 3.60 -0.23
N CYS A 67 -2.46 2.48 -0.71
CA CYS A 67 -1.06 2.41 -1.10
C CYS A 67 -0.92 2.18 -2.60
N ILE A 68 -0.09 2.98 -3.24
CA ILE A 68 0.13 2.86 -4.68
C ILE A 68 1.59 2.55 -5.00
N ILE A 69 1.82 1.41 -5.63
CA ILE A 69 3.17 0.99 -6.00
C ILE A 69 3.41 1.24 -7.49
N TYR A 70 2.36 1.13 -8.29
CA TYR A 70 2.44 1.33 -9.73
C TYR A 70 2.70 2.79 -10.08
N ALA A 71 2.17 3.70 -9.26
CA ALA A 71 2.34 5.13 -9.48
C ALA A 71 1.66 5.58 -10.77
N ASN A 72 0.33 5.52 -10.77
CA ASN A 72 -0.48 5.92 -11.92
C ASN A 72 -0.27 4.97 -13.11
N LEU A 73 0.32 3.81 -12.83
CA LEU A 73 0.57 2.76 -13.82
C LEU A 73 -0.70 2.09 -14.32
N PRO A 74 -1.29 2.55 -15.45
CA PRO A 74 -2.54 2.03 -15.96
C PRO A 74 -2.37 1.28 -17.28
N ASN A 75 -1.99 0.00 -17.15
CA ASN A 75 -1.77 -0.87 -18.30
C ASN A 75 -0.58 -0.40 -19.14
N ARG A 76 0.15 0.58 -18.62
CA ARG A 76 1.35 1.14 -19.28
C ARG A 76 2.53 0.16 -19.26
N PRO A 77 2.72 -0.65 -20.31
CA PRO A 77 3.80 -1.63 -20.36
C PRO A 77 4.96 -1.16 -21.21
N LYS A 78 5.21 0.15 -21.21
CA LYS A 78 6.31 0.73 -21.97
C LYS A 78 7.64 0.14 -21.51
N ARG A 79 7.78 -0.02 -20.20
CA ARG A 79 9.00 -0.56 -19.61
C ARG A 79 9.15 -2.04 -19.96
N GLY A 80 8.05 -2.77 -19.95
CA GLY A 80 8.08 -4.19 -20.27
C GLY A 80 8.28 -5.04 -19.03
N GLU A 81 8.15 -4.45 -17.85
CA GLU A 81 8.33 -5.16 -16.59
C GLU A 81 6.98 -5.42 -15.93
N GLY A 82 6.83 -6.61 -15.35
CA GLY A 82 5.57 -6.95 -14.69
C GLY A 82 5.75 -7.27 -13.22
N ILE A 83 5.21 -6.42 -12.37
CA ILE A 83 5.29 -6.61 -10.92
C ILE A 83 3.94 -6.99 -10.33
N ASN A 84 3.90 -8.07 -9.57
CA ASN A 84 2.68 -8.55 -8.95
C ASN A 84 2.35 -7.74 -7.69
N VAL A 85 1.07 -7.65 -7.35
CA VAL A 85 0.65 -6.91 -6.17
C VAL A 85 0.25 -7.85 -5.04
N ARG A 86 0.92 -8.99 -4.97
CA ARG A 86 0.64 -9.98 -3.93
C ARG A 86 1.23 -9.53 -2.58
N ALA A 87 0.71 -8.42 -2.07
CA ALA A 87 1.18 -7.86 -0.80
C ALA A 87 0.02 -7.38 0.05
N ARG A 88 0.27 -7.25 1.35
CA ARG A 88 -0.77 -6.80 2.28
C ARG A 88 -0.50 -5.36 2.71
N ILE A 89 -1.55 -4.53 2.69
CA ILE A 89 -1.43 -3.13 3.07
C ILE A 89 -2.15 -2.85 4.39
N THR A 90 -1.44 -2.22 5.31
CA THR A 90 -1.99 -1.87 6.61
C THR A 90 -1.96 -0.36 6.82
N CYS A 91 -3.10 0.20 7.22
CA CYS A 91 -3.19 1.64 7.45
C CYS A 91 -4.01 1.95 8.69
N PHE A 92 -3.83 3.15 9.23
CA PHE A 92 -4.54 3.57 10.43
C PHE A 92 -4.98 5.03 10.35
N ASN A 93 -5.83 5.43 11.29
CA ASN A 93 -6.34 6.81 11.33
C ASN A 93 -7.09 7.16 10.05
N CYS A 94 -7.88 6.21 9.55
CA CYS A 94 -8.66 6.42 8.33
C CYS A 94 -9.79 7.43 8.57
N TYR A 95 -10.19 7.57 9.83
CA TYR A 95 -11.26 8.49 10.27
C TYR A 95 -10.87 9.96 10.15
N PRO A 96 -11.14 10.63 9.01
CA PRO A 96 -10.80 12.04 8.82
C PRO A 96 -11.90 12.99 9.30
N VAL A 97 -12.27 12.88 10.58
CA VAL A 97 -13.31 13.71 11.20
C VAL A 97 -14.60 13.75 10.37
N ASP A 98 -15.68 14.25 10.98
CA ASP A 98 -16.96 14.34 10.29
C ASP A 98 -17.09 15.68 9.59
N LYS A 99 -17.05 15.65 8.26
CA LYS A 99 -17.15 16.86 7.44
C LYS A 99 -18.54 17.46 7.49
N SER A 100 -19.55 16.62 7.71
CA SER A 100 -20.94 17.07 7.73
C SER A 100 -21.17 18.11 8.83
N THR A 101 -20.56 17.90 9.99
CA THR A 101 -20.72 18.83 11.11
C THR A 101 -19.38 19.40 11.57
N ARG A 102 -18.30 18.98 10.92
CA ARG A 102 -16.96 19.43 11.28
C ARG A 102 -16.63 19.07 12.72
N LYS A 103 -17.34 18.06 13.23
CA LYS A 103 -17.17 17.55 14.60
C LYS A 103 -15.84 16.80 14.80
N PRO A 104 -14.77 17.49 15.26
CA PRO A 104 -13.46 16.85 15.48
C PRO A 104 -13.59 15.53 16.23
N ILE A 105 -13.34 14.43 15.53
CA ILE A 105 -13.45 13.11 16.13
C ILE A 105 -12.08 12.59 16.57
N LYS A 106 -11.84 12.60 17.87
CA LYS A 106 -10.59 12.14 18.44
C LYS A 106 -10.78 10.84 19.22
N ASP A 107 -11.87 10.13 18.93
CA ASP A 107 -12.17 8.88 19.61
C ASP A 107 -12.84 7.90 18.67
N PRO A 108 -12.94 6.61 19.05
CA PRO A 108 -13.50 5.56 18.23
C PRO A 108 -14.80 4.98 18.80
N ASN A 109 -15.90 5.66 18.53
CA ASN A 109 -17.21 5.23 18.99
C ASN A 109 -17.96 4.44 17.92
N HIS A 110 -17.30 4.25 16.78
CA HIS A 110 -17.88 3.52 15.66
C HIS A 110 -19.15 4.21 15.17
N GLN A 111 -19.19 5.53 15.32
CA GLN A 111 -20.34 6.30 14.88
C GLN A 111 -20.57 6.16 13.37
N LEU A 112 -19.48 6.14 12.62
CA LEU A 112 -19.55 6.01 11.17
C LEU A 112 -18.56 4.97 10.65
N VAL A 113 -18.09 4.12 11.56
CA VAL A 113 -17.13 3.08 11.19
C VAL A 113 -17.75 2.12 10.18
N LYS A 114 -19.01 1.76 10.40
CA LYS A 114 -19.70 0.84 9.50
C LYS A 114 -19.77 1.42 8.08
N ARG A 115 -20.04 2.72 7.99
CA ARG A 115 -20.15 3.38 6.70
C ARG A 115 -18.82 3.35 5.94
N HIS A 116 -17.73 3.56 6.67
CA HIS A 116 -16.40 3.57 6.06
C HIS A 116 -16.06 2.21 5.46
N ILE A 117 -16.42 1.14 6.15
CA ILE A 117 -16.16 -0.22 5.68
C ILE A 117 -16.97 -0.54 4.43
N GLU A 118 -18.21 -0.08 4.41
CA GLU A 118 -19.10 -0.32 3.27
C GLU A 118 -18.52 0.27 1.99
N ARG A 119 -17.93 1.47 2.11
CA ARG A 119 -17.34 2.13 0.95
C ARG A 119 -16.23 1.27 0.35
N LEU A 120 -15.44 0.66 1.22
CA LEU A 120 -14.33 -0.18 0.77
C LEU A 120 -14.88 -1.37 -0.02
N LYS A 121 -15.99 -1.93 0.46
CA LYS A 121 -16.62 -3.06 -0.19
C LYS A 121 -17.04 -2.72 -1.62
N LYS A 122 -17.55 -1.51 -1.79
CA LYS A 122 -18.01 -1.04 -3.10
C LYS A 122 -16.85 -1.04 -4.09
N ASN A 123 -15.67 -0.63 -3.63
CA ASN A 123 -14.46 -0.58 -4.43
C ASN A 123 -13.99 -1.98 -4.82
N PRO A 124 -14.32 -2.45 -6.05
CA PRO A 124 -13.93 -3.79 -6.50
C PRO A 124 -12.54 -3.81 -7.13
N ASN A 125 -11.67 -2.94 -6.64
CA ASN A 125 -10.29 -2.86 -7.14
C ASN A 125 -9.34 -3.64 -6.24
N SER A 126 -9.79 -3.89 -5.02
CA SER A 126 -8.99 -4.63 -4.04
C SER A 126 -9.86 -5.58 -3.23
N LYS A 127 -9.24 -6.59 -2.63
CA LYS A 127 -9.97 -7.57 -1.83
C LYS A 127 -9.86 -7.25 -0.35
N PHE A 128 -11.00 -7.31 0.35
CA PHE A 128 -11.02 -7.04 1.78
C PHE A 128 -10.63 -8.28 2.59
N GLU A 129 -9.55 -8.15 3.35
CA GLU A 129 -9.07 -9.25 4.18
C GLU A 129 -9.82 -9.30 5.51
N SER A 130 -9.55 -8.30 6.35
CA SER A 130 -10.21 -8.21 7.66
C SER A 130 -9.96 -6.84 8.27
N TYR A 131 -11.01 -6.25 8.84
CA TYR A 131 -10.91 -4.94 9.48
C TYR A 131 -11.29 -5.02 10.94
N ASP A 132 -10.55 -4.29 11.78
CA ASP A 132 -10.80 -4.28 13.21
C ASP A 132 -11.39 -2.93 13.64
N ALA A 133 -12.58 -2.95 14.20
CA ALA A 133 -13.25 -1.73 14.64
C ALA A 133 -12.56 -1.12 15.85
N ASP A 134 -12.13 -1.97 16.77
CA ASP A 134 -11.46 -1.53 18.00
C ASP A 134 -10.19 -0.75 17.69
N SER A 135 -9.42 -1.21 16.71
CA SER A 135 -8.17 -0.54 16.35
C SER A 135 -8.34 0.34 15.12
N GLY A 136 -9.42 0.12 14.37
CA GLY A 136 -9.66 0.90 13.17
C GLY A 136 -8.70 0.57 12.05
N THR A 137 -7.88 -0.46 12.26
CA THR A 137 -6.92 -0.89 11.25
C THR A 137 -7.59 -1.61 10.09
N TYR A 138 -7.23 -1.22 8.87
CA TYR A 138 -7.79 -1.82 7.68
C TYR A 138 -6.70 -2.52 6.86
N VAL A 139 -6.86 -3.83 6.68
CA VAL A 139 -5.90 -4.62 5.92
C VAL A 139 -6.57 -5.30 4.73
N PHE A 140 -6.04 -5.06 3.53
CA PHE A 140 -6.59 -5.65 2.32
C PHE A 140 -5.48 -6.08 1.38
N ILE A 141 -5.73 -7.13 0.59
CA ILE A 141 -4.73 -7.63 -0.34
C ILE A 141 -5.25 -7.57 -1.78
N VAL A 142 -4.52 -6.85 -2.64
CA VAL A 142 -4.91 -6.71 -4.03
C VAL A 142 -4.08 -7.65 -4.90
N ASN A 143 -4.39 -8.95 -4.84
CA ASN A 143 -3.66 -9.94 -5.62
C ASN A 143 -4.31 -10.16 -6.99
N HIS A 144 -3.70 -9.56 -8.02
CA HIS A 144 -4.20 -9.68 -9.37
C HIS A 144 -3.88 -11.06 -9.96
N ALA A 145 -2.71 -11.58 -9.60
CA ALA A 145 -2.26 -12.87 -10.10
C ALA A 145 -3.21 -14.00 -9.71
N ALA A 146 -3.73 -13.94 -8.49
CA ALA A 146 -4.65 -14.97 -8.01
C ALA A 146 -6.07 -14.69 -8.48
N GLU A 147 -6.60 -15.59 -9.30
CA GLU A 147 -7.96 -15.45 -9.82
C GLU A 147 -8.82 -16.64 -9.42
N GLN A 148 -10.08 -16.38 -9.07
CA GLN A 148 -10.99 -17.42 -8.67
C GLN A 148 -11.73 -17.93 -9.90
N THR A 149 -11.57 -19.21 -10.14
CA THR A 149 -12.20 -19.88 -11.27
C THR A 149 -13.27 -20.87 -10.79
N GLY A 1 6.99 19.26 14.61
CA GLY A 1 8.18 18.37 14.77
C GLY A 1 8.67 17.82 13.43
N PRO A 2 9.96 18.02 13.10
CA PRO A 2 10.53 17.53 11.84
C PRO A 2 11.06 16.11 11.95
N ASN A 3 10.42 15.30 12.79
CA ASN A 3 10.83 13.92 12.98
C ASN A 3 10.43 13.05 11.80
N GLU A 4 11.39 12.30 11.26
CA GLU A 4 11.13 11.42 10.13
C GLU A 4 10.76 10.02 10.59
N ASN A 5 9.46 9.72 10.52
CA ASN A 5 8.97 8.41 10.93
C ASN A 5 8.89 7.44 9.75
N TYR A 6 9.28 7.92 8.57
CA TYR A 6 9.25 7.08 7.36
C TYR A 6 10.49 6.20 7.28
N TYR A 7 10.29 4.92 6.96
CA TYR A 7 11.39 3.98 6.85
C TYR A 7 11.12 2.96 5.75
N ILE A 8 12.18 2.36 5.22
CA ILE A 8 12.05 1.36 4.16
C ILE A 8 12.83 0.09 4.50
N SER A 9 12.16 -1.07 4.32
CA SER A 9 12.76 -2.39 4.61
C SER A 9 13.37 -3.05 3.34
N PRO A 10 14.44 -2.48 2.71
CA PRO A 10 15.20 -1.35 3.17
C PRO A 10 15.17 -0.15 2.22
N SER A 11 15.88 0.91 2.59
CA SER A 11 15.94 2.14 1.80
C SER A 11 16.26 1.84 0.33
N LEU A 12 16.13 2.85 -0.52
CA LEU A 12 16.39 2.69 -1.94
C LEU A 12 17.84 2.26 -2.19
N ASP A 13 18.77 2.84 -1.45
CA ASP A 13 20.18 2.50 -1.61
C ASP A 13 20.44 1.05 -1.24
N THR A 14 19.88 0.61 -0.11
CA THR A 14 20.05 -0.76 0.35
C THR A 14 19.50 -1.75 -0.68
N LEU A 15 18.35 -1.40 -1.27
CA LEU A 15 17.72 -2.25 -2.27
C LEU A 15 18.61 -2.41 -3.50
N SER A 16 19.25 -1.32 -3.91
CA SER A 16 20.12 -1.33 -5.08
C SER A 16 21.27 -2.31 -4.91
N SER A 17 21.80 -2.39 -3.69
CA SER A 17 22.91 -3.30 -3.40
C SER A 17 22.50 -4.75 -3.60
N TYR A 18 21.23 -4.96 -3.94
CA TYR A 18 20.69 -6.30 -4.17
C TYR A 18 21.31 -6.92 -5.41
N SER A 19 21.21 -8.24 -5.49
CA SER A 19 21.72 -8.98 -6.64
C SER A 19 20.74 -8.84 -7.79
N LEU A 20 21.08 -9.39 -8.95
CA LEU A 20 20.20 -9.29 -10.11
C LEU A 20 18.84 -9.93 -9.83
N LEU A 21 18.88 -11.15 -9.30
CA LEU A 21 17.65 -11.86 -8.96
C LEU A 21 16.95 -11.21 -7.76
N GLN A 22 17.75 -10.80 -6.77
CA GLN A 22 17.23 -10.19 -5.56
C GLN A 22 16.50 -8.87 -5.85
N LEU A 23 17.05 -8.08 -6.77
CA LEU A 23 16.46 -6.80 -7.13
C LEU A 23 15.06 -7.01 -7.70
N ARG A 24 14.94 -8.06 -8.51
CA ARG A 24 13.67 -8.39 -9.16
C ARG A 24 12.74 -9.15 -8.21
N LYS A 25 13.27 -9.58 -7.07
CA LYS A 25 12.47 -10.32 -6.09
C LYS A 25 12.57 -9.71 -4.70
N VAL A 26 11.74 -8.69 -4.45
CA VAL A 26 11.67 -7.98 -3.17
C VAL A 26 11.08 -8.84 -2.05
N PRO A 27 11.89 -9.57 -1.26
CA PRO A 27 11.37 -10.41 -0.17
C PRO A 27 10.57 -9.60 0.85
N HIS A 28 11.21 -9.15 1.92
CA HIS A 28 10.53 -8.36 2.94
C HIS A 28 10.74 -6.86 2.72
N LEU A 29 9.74 -6.21 2.13
CA LEU A 29 9.83 -4.78 1.87
C LEU A 29 8.83 -4.00 2.72
N VAL A 30 9.33 -3.05 3.49
CA VAL A 30 8.47 -2.24 4.35
C VAL A 30 8.57 -0.76 3.98
N VAL A 31 7.46 -0.18 3.58
CA VAL A 31 7.41 1.23 3.22
C VAL A 31 6.15 1.90 3.75
N GLY A 32 6.30 3.10 4.29
CA GLY A 32 5.14 3.81 4.81
C GLY A 32 5.48 4.71 5.99
N HIS A 33 4.44 5.23 6.63
CA HIS A 33 4.60 6.11 7.77
C HIS A 33 3.79 5.60 8.95
N LYS A 34 4.35 5.70 10.16
CA LYS A 34 3.66 5.23 11.36
C LYS A 34 2.34 5.96 11.54
N SER A 35 2.35 7.26 11.29
CA SER A 35 1.15 8.07 11.41
C SER A 35 0.13 7.71 10.35
N TYR A 36 0.59 7.44 9.13
CA TYR A 36 -0.28 7.09 8.02
C TYR A 36 -0.57 5.59 7.98
N GLY A 37 0.41 4.80 7.55
CA GLY A 37 0.24 3.36 7.47
C GLY A 37 1.46 2.65 6.90
N LYS A 38 1.60 1.38 7.25
CA LYS A 38 2.73 0.57 6.78
C LYS A 38 2.32 -0.34 5.62
N ILE A 39 3.11 -0.29 4.54
CA ILE A 39 2.84 -1.12 3.37
C ILE A 39 4.03 -2.04 3.09
N GLU A 40 3.76 -3.34 2.92
CA GLU A 40 4.83 -4.30 2.65
C GLU A 40 4.50 -5.19 1.46
N PHE A 41 5.45 -5.33 0.55
CA PHE A 41 5.27 -6.17 -0.64
C PHE A 41 6.14 -7.42 -0.57
N LEU A 42 5.51 -8.58 -0.75
CA LEU A 42 6.23 -9.85 -0.73
C LEU A 42 6.27 -10.50 -2.11
N GLU A 43 5.86 -9.74 -3.10
CA GLU A 43 5.82 -10.20 -4.49
C GLU A 43 7.20 -10.13 -5.13
N PRO A 44 7.35 -10.71 -6.34
CA PRO A 44 8.61 -10.71 -7.07
C PRO A 44 8.62 -9.60 -8.13
N VAL A 45 8.77 -8.36 -7.68
CA VAL A 45 8.78 -7.22 -8.58
C VAL A 45 10.07 -7.20 -9.41
N ASP A 46 10.07 -7.93 -10.51
CA ASP A 46 11.24 -7.98 -11.39
C ASP A 46 11.44 -6.63 -12.04
N LEU A 47 12.27 -5.83 -11.39
CA LEU A 47 12.58 -4.50 -11.85
C LEU A 47 13.76 -4.54 -12.80
N ALA A 48 14.93 -4.86 -12.27
CA ALA A 48 16.16 -4.94 -13.06
C ALA A 48 16.40 -3.66 -13.84
N GLY A 49 16.13 -2.52 -13.20
CA GLY A 49 16.31 -1.24 -13.84
C GLY A 49 15.20 -0.27 -13.51
N ILE A 50 15.07 0.03 -12.21
CA ILE A 50 14.05 0.94 -11.66
C ILE A 50 14.27 2.41 -12.04
N PRO A 51 13.68 2.89 -13.16
CA PRO A 51 13.84 4.29 -13.58
C PRO A 51 13.11 5.25 -12.64
N LEU A 52 13.00 4.86 -11.37
CA LEU A 52 12.33 5.67 -10.36
C LEU A 52 13.01 7.03 -10.21
N THR A 53 14.34 7.03 -10.26
CA THR A 53 15.11 8.27 -10.10
C THR A 53 14.60 9.36 -11.02
N SER A 54 14.13 8.98 -12.21
CA SER A 54 13.61 9.94 -13.17
C SER A 54 12.42 10.70 -12.59
N LEU A 55 11.46 9.96 -12.03
CA LEU A 55 10.27 10.56 -11.44
C LEU A 55 10.62 11.32 -10.17
N GLY A 56 11.52 10.75 -9.37
CA GLY A 56 11.93 11.38 -8.13
C GLY A 56 11.06 10.99 -6.94
N GLY A 57 9.96 10.30 -7.21
CA GLY A 57 9.07 9.87 -6.14
C GLY A 57 9.30 8.42 -5.73
N VAL A 58 10.34 7.80 -6.29
CA VAL A 58 10.66 6.41 -5.98
C VAL A 58 9.48 5.49 -6.30
N ILE A 59 8.57 5.96 -7.15
CA ILE A 59 7.40 5.18 -7.54
C ILE A 59 6.56 4.79 -6.31
N ILE A 60 6.89 5.35 -5.15
CA ILE A 60 6.16 5.03 -3.93
C ILE A 60 5.52 6.27 -3.32
N THR A 61 4.19 6.24 -3.19
CA THR A 61 3.45 7.36 -2.61
C THR A 61 2.36 6.85 -1.67
N PHE A 62 2.16 7.53 -0.56
CA PHE A 62 1.14 7.12 0.40
C PHE A 62 0.29 8.31 0.85
N GLU A 63 -1.00 8.23 0.56
CA GLU A 63 -1.94 9.27 0.93
C GLU A 63 -2.28 9.17 2.42
N PRO A 64 -3.14 10.05 2.94
CA PRO A 64 -3.52 10.07 4.34
C PRO A 64 -4.92 9.54 4.49
N LYS A 65 -4.94 8.19 4.49
CA LYS A 65 -6.15 7.36 4.54
C LYS A 65 -6.34 6.75 3.15
N THR A 66 -5.29 6.85 2.31
CA THR A 66 -5.33 6.32 0.96
C THR A 66 -3.94 5.85 0.51
N CYS A 67 -3.88 4.73 -0.18
CA CYS A 67 -2.60 4.19 -0.65
C CYS A 67 -2.54 4.18 -2.18
N ILE A 68 -1.56 4.88 -2.73
CA ILE A 68 -1.38 4.95 -4.17
C ILE A 68 -0.01 4.39 -4.57
N ILE A 69 0.00 3.35 -5.40
CA ILE A 69 1.24 2.74 -5.84
C ILE A 69 1.75 3.39 -7.12
N TYR A 70 1.17 3.00 -8.25
CA TYR A 70 1.57 3.55 -9.54
C TYR A 70 1.34 5.06 -9.59
N ALA A 71 0.22 5.49 -9.02
CA ALA A 71 -0.13 6.91 -9.00
C ALA A 71 -0.39 7.43 -10.42
N ASN A 72 -1.60 7.95 -10.64
CA ASN A 72 -1.97 8.47 -11.95
C ASN A 72 -1.90 7.37 -13.00
N LEU A 73 -2.35 6.18 -12.63
CA LEU A 73 -2.35 5.01 -13.51
C LEU A 73 -3.26 5.21 -14.72
N PRO A 74 -2.70 5.58 -15.90
CA PRO A 74 -3.46 5.82 -17.11
C PRO A 74 -3.34 4.67 -18.10
N ASN A 75 -3.22 3.45 -17.57
CA ASN A 75 -3.10 2.26 -18.39
C ASN A 75 -1.87 2.31 -19.30
N ARG A 76 -1.03 3.31 -19.10
CA ARG A 76 0.19 3.47 -19.91
C ARG A 76 1.02 2.18 -19.96
N PRO A 77 1.35 1.60 -18.78
CA PRO A 77 2.14 0.39 -18.70
C PRO A 77 1.28 -0.88 -18.64
N LYS A 78 0.65 -1.11 -17.48
CA LYS A 78 -0.19 -2.29 -17.27
C LYS A 78 0.51 -3.57 -17.71
N ARG A 79 1.66 -3.86 -17.09
CA ARG A 79 2.43 -5.04 -17.40
C ARG A 79 1.79 -6.29 -16.76
N GLY A 80 1.42 -7.25 -17.61
CA GLY A 80 0.80 -8.47 -17.10
C GLY A 80 1.78 -9.33 -16.33
N GLU A 81 3.01 -9.42 -16.82
CA GLU A 81 4.03 -10.23 -16.16
C GLU A 81 5.23 -9.37 -15.75
N GLY A 82 5.68 -9.54 -14.51
CA GLY A 82 6.80 -8.78 -14.02
C GLY A 82 6.49 -8.01 -12.75
N ILE A 83 5.39 -7.27 -12.76
CA ILE A 83 4.98 -6.49 -11.60
C ILE A 83 3.88 -7.22 -10.82
N ASN A 84 4.23 -7.67 -9.62
CA ASN A 84 3.28 -8.37 -8.76
C ASN A 84 2.89 -7.52 -7.56
N VAL A 85 1.60 -7.26 -7.41
CA VAL A 85 1.12 -6.44 -6.30
C VAL A 85 0.47 -7.29 -5.22
N ARG A 86 0.96 -8.51 -5.05
CA ARG A 86 0.43 -9.42 -4.03
C ARG A 86 1.07 -9.10 -2.68
N ALA A 87 0.79 -7.90 -2.17
CA ALA A 87 1.33 -7.47 -0.89
C ALA A 87 0.23 -7.05 0.07
N ARG A 88 0.55 -7.02 1.36
CA ARG A 88 -0.41 -6.64 2.37
C ARG A 88 -0.16 -5.21 2.84
N ILE A 89 -1.17 -4.35 2.66
CA ILE A 89 -1.05 -2.96 3.06
C ILE A 89 -1.82 -2.69 4.34
N THR A 90 -1.15 -2.05 5.30
CA THR A 90 -1.77 -1.72 6.58
C THR A 90 -2.02 -0.23 6.70
N CYS A 91 -3.29 0.14 6.90
CA CYS A 91 -3.67 1.54 7.03
C CYS A 91 -4.54 1.73 8.26
N PHE A 92 -4.47 2.92 8.86
CA PHE A 92 -5.26 3.22 10.05
C PHE A 92 -6.49 4.06 9.73
N ASN A 93 -7.57 3.83 10.47
CA ASN A 93 -8.80 4.56 10.26
C ASN A 93 -9.17 5.35 11.51
N CYS A 94 -9.25 6.67 11.36
CA CYS A 94 -9.58 7.54 12.48
C CYS A 94 -10.96 7.21 13.05
N TYR A 95 -12.02 7.60 12.32
CA TYR A 95 -13.40 7.33 12.75
C TYR A 95 -13.62 7.74 14.22
N PRO A 96 -13.42 9.03 14.56
CA PRO A 96 -13.56 9.53 15.92
C PRO A 96 -14.85 10.31 16.17
N VAL A 97 -15.95 9.92 15.50
CA VAL A 97 -17.22 10.59 15.71
C VAL A 97 -18.40 9.66 15.60
N ASP A 98 -18.21 8.67 14.81
CA ASP A 98 -19.24 7.68 14.54
C ASP A 98 -19.55 6.86 15.78
N LYS A 99 -20.84 6.72 16.06
CA LYS A 99 -21.35 5.97 17.19
C LYS A 99 -21.09 6.73 18.49
N SER A 100 -20.03 7.53 18.50
CA SER A 100 -19.70 8.32 19.68
C SER A 100 -20.71 9.44 19.82
N THR A 101 -20.92 10.16 18.73
CA THR A 101 -21.89 11.24 18.66
C THR A 101 -22.88 11.00 17.52
N ARG A 102 -22.61 9.97 16.73
CA ARG A 102 -23.44 9.60 15.59
C ARG A 102 -23.60 10.76 14.63
N LYS A 103 -22.51 11.05 13.94
CA LYS A 103 -22.42 12.14 12.96
C LYS A 103 -20.94 12.45 12.80
N PRO A 104 -20.20 11.53 12.15
CA PRO A 104 -18.76 11.63 12.01
C PRO A 104 -18.25 11.71 10.59
N ILE A 105 -16.93 11.79 10.47
CA ILE A 105 -16.27 11.81 9.17
C ILE A 105 -16.97 12.77 8.19
N LYS A 106 -16.53 14.03 8.19
CA LYS A 106 -17.09 15.04 7.30
C LYS A 106 -16.47 14.91 5.91
N ASP A 107 -16.12 13.68 5.55
CA ASP A 107 -15.52 13.37 4.27
C ASP A 107 -16.04 12.03 3.75
N PRO A 108 -15.63 11.61 2.53
CA PRO A 108 -16.09 10.41 1.91
C PRO A 108 -14.98 9.38 1.75
N ASN A 109 -15.31 8.25 1.17
CA ASN A 109 -14.35 7.17 0.99
C ASN A 109 -13.83 6.69 2.36
N HIS A 110 -14.52 7.12 3.42
CA HIS A 110 -14.15 6.75 4.78
C HIS A 110 -15.33 6.96 5.74
N GLN A 111 -16.41 7.56 5.23
CA GLN A 111 -17.60 7.82 6.04
C GLN A 111 -18.18 6.52 6.57
N LEU A 112 -18.19 5.49 5.73
CA LEU A 112 -18.70 4.18 6.12
C LEU A 112 -17.88 3.07 5.48
N VAL A 113 -16.65 2.93 5.95
CA VAL A 113 -15.72 1.93 5.44
C VAL A 113 -16.25 0.51 5.63
N LYS A 114 -16.93 0.29 6.74
CA LYS A 114 -17.49 -1.01 7.05
C LYS A 114 -18.46 -1.43 5.96
N ARG A 115 -19.13 -0.45 5.37
CA ARG A 115 -20.07 -0.73 4.29
C ARG A 115 -19.34 -1.18 3.04
N HIS A 116 -18.22 -0.52 2.76
CA HIS A 116 -17.40 -0.83 1.60
C HIS A 116 -16.68 -2.16 1.77
N ILE A 117 -16.21 -2.42 3.00
CA ILE A 117 -15.47 -3.64 3.29
C ILE A 117 -16.34 -4.88 3.08
N GLU A 118 -17.62 -4.80 3.43
CA GLU A 118 -18.52 -5.94 3.26
C GLU A 118 -18.62 -6.33 1.79
N ARG A 119 -18.68 -5.31 0.92
CA ARG A 119 -18.76 -5.54 -0.51
C ARG A 119 -17.51 -6.28 -1.00
N LEU A 120 -16.37 -5.92 -0.43
CA LEU A 120 -15.09 -6.51 -0.81
C LEU A 120 -15.11 -8.02 -0.54
N LYS A 121 -15.71 -8.41 0.57
CA LYS A 121 -15.79 -9.82 0.93
C LYS A 121 -16.51 -10.62 -0.15
N LYS A 122 -17.60 -10.05 -0.66
CA LYS A 122 -18.37 -10.71 -1.72
C LYS A 122 -17.53 -10.79 -2.99
N ASN A 123 -16.80 -9.71 -3.25
CA ASN A 123 -15.92 -9.60 -4.42
C ASN A 123 -14.74 -10.56 -4.29
N PRO A 124 -14.78 -11.73 -4.95
CA PRO A 124 -13.72 -12.72 -4.86
C PRO A 124 -12.59 -12.42 -5.85
N ASN A 125 -12.41 -11.14 -6.16
CA ASN A 125 -11.35 -10.70 -7.06
C ASN A 125 -10.19 -10.11 -6.26
N SER A 126 -10.49 -9.66 -5.04
CA SER A 126 -9.47 -9.08 -4.17
C SER A 126 -9.25 -9.96 -2.96
N LYS A 127 -8.10 -9.81 -2.31
CA LYS A 127 -7.78 -10.61 -1.13
C LYS A 127 -8.02 -9.83 0.16
N PHE A 128 -8.91 -10.36 1.00
CA PHE A 128 -9.23 -9.73 2.27
C PHE A 128 -8.32 -10.26 3.37
N GLU A 129 -7.65 -9.35 4.07
CA GLU A 129 -6.75 -9.75 5.15
C GLU A 129 -7.48 -9.82 6.48
N SER A 130 -7.74 -8.67 7.08
CA SER A 130 -8.45 -8.60 8.36
C SER A 130 -8.90 -7.18 8.65
N TYR A 131 -10.10 -7.04 9.22
CA TYR A 131 -10.64 -5.74 9.56
C TYR A 131 -10.91 -5.63 11.06
N ASP A 132 -10.35 -4.59 11.68
CA ASP A 132 -10.54 -4.37 13.11
C ASP A 132 -11.36 -3.11 13.36
N ALA A 133 -12.59 -3.29 13.83
CA ALA A 133 -13.48 -2.18 14.11
C ALA A 133 -13.01 -1.38 15.33
N ASP A 134 -12.54 -2.09 16.34
CA ASP A 134 -12.08 -1.45 17.58
C ASP A 134 -10.92 -0.49 17.33
N SER A 135 -9.99 -0.89 16.47
CA SER A 135 -8.83 -0.06 16.16
C SER A 135 -9.02 0.69 14.85
N GLY A 136 -9.95 0.23 14.02
CA GLY A 136 -10.19 0.89 12.75
C GLY A 136 -9.16 0.52 11.70
N THR A 137 -8.20 -0.33 12.07
CA THR A 137 -7.14 -0.75 11.16
C THR A 137 -7.68 -1.73 10.12
N TYR A 138 -7.39 -1.44 8.85
CA TYR A 138 -7.84 -2.30 7.75
C TYR A 138 -6.65 -2.81 6.95
N VAL A 139 -6.61 -4.12 6.71
CA VAL A 139 -5.54 -4.73 5.96
C VAL A 139 -6.10 -5.58 4.81
N PHE A 140 -5.57 -5.36 3.61
CA PHE A 140 -6.00 -6.09 2.43
C PHE A 140 -4.88 -6.14 1.39
N ILE A 141 -5.01 -7.03 0.42
CA ILE A 141 -4.00 -7.18 -0.63
C ILE A 141 -4.60 -6.90 -2.00
N VAL A 142 -4.08 -5.89 -2.69
CA VAL A 142 -4.55 -5.53 -4.02
C VAL A 142 -3.93 -6.43 -5.08
N ASN A 143 -4.30 -7.71 -5.06
CA ASN A 143 -3.77 -8.67 -6.02
C ASN A 143 -4.18 -8.29 -7.44
N HIS A 144 -3.21 -8.27 -8.35
CA HIS A 144 -3.45 -7.93 -9.75
C HIS A 144 -3.57 -9.18 -10.62
N ALA A 145 -3.16 -10.32 -10.07
CA ALA A 145 -3.21 -11.59 -10.79
C ALA A 145 -4.64 -11.93 -11.21
N ALA A 146 -5.59 -11.67 -10.33
CA ALA A 146 -6.99 -11.95 -10.61
C ALA A 146 -7.59 -10.95 -11.59
N GLU A 147 -8.69 -11.33 -12.21
CA GLU A 147 -9.37 -10.47 -13.18
C GLU A 147 -8.46 -10.12 -14.36
N GLN A 148 -7.78 -11.12 -14.90
CA GLN A 148 -6.90 -10.92 -16.04
C GLN A 148 -7.67 -10.86 -17.35
N THR A 149 -8.97 -11.00 -17.24
CA THR A 149 -9.86 -10.96 -18.39
C THR A 149 -9.52 -12.08 -19.38
N GLY A 1 4.30 21.61 9.01
CA GLY A 1 3.85 20.20 9.20
C GLY A 1 4.51 19.54 10.39
N PRO A 2 4.54 18.18 10.43
CA PRO A 2 5.06 17.43 11.54
C PRO A 2 6.25 16.53 11.16
N ASN A 3 6.77 15.79 12.14
CA ASN A 3 7.89 14.89 11.89
C ASN A 3 7.41 13.53 11.43
N GLU A 4 7.79 13.16 10.21
CA GLU A 4 7.40 11.87 9.65
C GLU A 4 8.53 10.87 9.78
N ASN A 5 8.34 9.90 10.66
CA ASN A 5 9.34 8.86 10.89
C ASN A 5 8.96 7.58 10.17
N TYR A 6 9.72 7.26 9.13
CA TYR A 6 9.47 6.06 8.34
C TYR A 6 10.77 5.32 8.06
N TYR A 7 10.67 4.00 7.93
CA TYR A 7 11.84 3.17 7.67
C TYR A 7 11.53 2.09 6.63
N ILE A 8 12.57 1.57 5.99
CA ILE A 8 12.40 0.53 4.98
C ILE A 8 13.36 -0.63 5.23
N SER A 9 13.02 -1.79 4.67
CA SER A 9 13.85 -2.98 4.81
C SER A 9 14.23 -3.52 3.43
N PRO A 10 15.17 -2.84 2.73
CA PRO A 10 15.92 -1.71 3.23
C PRO A 10 15.63 -0.41 2.49
N SER A 11 16.29 0.67 2.90
CA SER A 11 16.10 1.99 2.30
C SER A 11 16.13 1.92 0.78
N LEU A 12 15.63 2.97 0.14
CA LEU A 12 15.60 3.04 -1.32
C LEU A 12 17.01 2.94 -1.87
N ASP A 13 17.94 3.65 -1.22
CA ASP A 13 19.34 3.63 -1.63
C ASP A 13 19.95 2.25 -1.44
N THR A 14 19.58 1.60 -0.34
CA THR A 14 20.09 0.27 -0.03
C THR A 14 19.71 -0.72 -1.13
N LEU A 15 18.49 -0.59 -1.65
CA LEU A 15 18.02 -1.47 -2.71
C LEU A 15 18.88 -1.33 -3.96
N SER A 16 19.20 -0.08 -4.29
CA SER A 16 20.04 0.22 -5.45
C SER A 16 21.40 -0.42 -5.33
N SER A 17 21.94 -0.44 -4.10
CA SER A 17 23.26 -1.01 -3.85
C SER A 17 23.29 -2.51 -4.14
N TYR A 18 22.17 -3.04 -4.60
CA TYR A 18 22.07 -4.47 -4.94
C TYR A 18 22.88 -4.79 -6.17
N SER A 19 23.22 -6.07 -6.32
CA SER A 19 23.96 -6.52 -7.49
C SER A 19 23.00 -6.65 -8.66
N LEU A 20 23.51 -6.96 -9.84
CA LEU A 20 22.66 -7.10 -11.02
C LEU A 20 21.57 -8.14 -10.79
N LEU A 21 21.96 -9.28 -10.23
CA LEU A 21 21.02 -10.36 -9.93
C LEU A 21 20.07 -9.99 -8.79
N GLN A 22 20.61 -9.33 -7.77
CA GLN A 22 19.82 -8.95 -6.60
C GLN A 22 18.77 -7.89 -6.95
N LEU A 23 19.15 -6.92 -7.77
CA LEU A 23 18.23 -5.86 -8.15
C LEU A 23 17.06 -6.42 -8.95
N ARG A 24 17.38 -7.37 -9.82
CA ARG A 24 16.40 -8.02 -10.66
C ARG A 24 15.35 -8.77 -9.84
N LYS A 25 15.82 -9.44 -8.79
CA LYS A 25 14.94 -10.21 -7.91
C LYS A 25 14.87 -9.57 -6.53
N VAL A 26 14.09 -8.51 -6.42
CA VAL A 26 13.92 -7.81 -5.15
C VAL A 26 13.17 -8.67 -4.13
N PRO A 27 13.87 -9.14 -3.06
CA PRO A 27 13.26 -9.98 -2.02
C PRO A 27 12.03 -9.32 -1.37
N HIS A 28 11.71 -9.71 -0.15
CA HIS A 28 10.56 -9.14 0.54
C HIS A 28 10.94 -7.87 1.28
N LEU A 29 10.45 -6.74 0.76
CA LEU A 29 10.73 -5.44 1.36
C LEU A 29 9.56 -4.95 2.19
N VAL A 30 9.85 -4.38 3.35
CA VAL A 30 8.81 -3.87 4.24
C VAL A 30 9.00 -2.37 4.47
N VAL A 31 7.98 -1.59 4.09
CA VAL A 31 8.05 -0.15 4.27
C VAL A 31 6.92 0.33 5.17
N GLY A 32 7.26 1.11 6.18
CA GLY A 32 6.26 1.62 7.10
C GLY A 32 6.40 3.10 7.36
N HIS A 33 5.29 3.81 7.30
CA HIS A 33 5.27 5.25 7.54
C HIS A 33 4.38 5.59 8.72
N LYS A 34 4.87 6.41 9.62
CA LYS A 34 4.10 6.82 10.80
C LYS A 34 2.93 7.71 10.40
N SER A 35 3.18 8.62 9.46
CA SER A 35 2.17 9.56 9.00
C SER A 35 1.00 8.91 8.26
N TYR A 36 1.30 7.91 7.43
CA TYR A 36 0.23 7.26 6.66
C TYR A 36 -0.04 5.84 7.15
N GLY A 37 0.94 5.24 7.81
CA GLY A 37 0.77 3.88 8.31
C GLY A 37 1.84 2.93 7.79
N LYS A 38 1.82 1.69 8.27
CA LYS A 38 2.80 0.69 7.85
C LYS A 38 2.26 -0.18 6.72
N ILE A 39 3.10 -0.47 5.73
CA ILE A 39 2.70 -1.30 4.60
C ILE A 39 3.71 -2.41 4.34
N GLU A 40 3.25 -3.46 3.64
CA GLU A 40 4.13 -4.58 3.32
C GLU A 40 3.87 -5.08 1.90
N PHE A 41 4.91 -5.67 1.28
CA PHE A 41 4.78 -6.19 -0.07
C PHE A 41 5.92 -7.16 -0.39
N LEU A 42 5.56 -8.37 -0.78
CA LEU A 42 6.55 -9.39 -1.12
C LEU A 42 6.77 -9.51 -2.62
N GLU A 43 6.21 -8.55 -3.35
CA GLU A 43 6.34 -8.51 -4.81
C GLU A 43 7.76 -8.17 -5.23
N PRO A 44 8.19 -8.60 -6.43
CA PRO A 44 9.54 -8.39 -6.93
C PRO A 44 9.57 -7.49 -8.17
N VAL A 45 10.79 -7.21 -8.67
CA VAL A 45 10.95 -6.36 -9.84
C VAL A 45 12.43 -6.11 -10.14
N ASP A 46 12.72 -5.60 -11.33
CA ASP A 46 14.09 -5.32 -11.71
C ASP A 46 14.40 -3.84 -11.54
N LEU A 47 15.38 -3.53 -10.70
CA LEU A 47 15.77 -2.15 -10.44
C LEU A 47 17.02 -1.77 -11.25
N ALA A 48 17.51 -2.69 -12.06
CA ALA A 48 18.69 -2.44 -12.88
C ALA A 48 18.45 -1.29 -13.84
N GLY A 49 17.25 -1.24 -14.43
CA GLY A 49 16.92 -0.20 -15.35
C GLY A 49 16.18 0.96 -14.71
N ILE A 50 14.98 0.66 -14.18
CA ILE A 50 14.10 1.64 -13.51
C ILE A 50 14.67 2.12 -12.17
N PRO A 51 15.45 3.21 -12.12
CA PRO A 51 16.03 3.72 -10.90
C PRO A 51 15.22 4.88 -10.32
N LEU A 52 13.90 4.83 -10.49
CA LEU A 52 13.03 5.88 -9.99
C LEU A 52 13.04 5.92 -8.46
N THR A 53 13.05 4.74 -7.85
CA THR A 53 13.04 4.61 -6.39
C THR A 53 14.09 5.54 -5.75
N SER A 54 15.31 5.48 -6.28
CA SER A 54 16.39 6.33 -5.77
C SER A 54 16.07 7.79 -6.08
N LEU A 55 15.53 8.02 -7.26
CA LEU A 55 15.17 9.37 -7.68
C LEU A 55 14.13 9.99 -6.76
N GLY A 56 13.19 9.18 -6.32
CA GLY A 56 12.15 9.66 -5.43
C GLY A 56 11.12 8.59 -5.11
N GLY A 57 10.03 8.99 -4.46
CA GLY A 57 8.98 8.07 -4.11
C GLY A 57 8.03 7.77 -5.25
N VAL A 58 8.48 8.05 -6.47
CA VAL A 58 7.65 7.81 -7.65
C VAL A 58 7.29 6.32 -7.76
N ILE A 59 8.27 5.47 -7.45
CA ILE A 59 8.06 4.03 -7.51
C ILE A 59 7.15 3.58 -6.36
N ILE A 60 7.34 4.15 -5.18
CA ILE A 60 6.53 3.77 -4.02
C ILE A 60 5.77 4.98 -3.46
N THR A 61 4.45 4.88 -3.45
CA THR A 61 3.60 5.96 -2.93
C THR A 61 2.60 5.40 -1.93
N PHE A 62 2.36 6.13 -0.85
CA PHE A 62 1.42 5.68 0.17
C PHE A 62 0.52 6.81 0.64
N GLU A 63 -0.74 6.77 0.25
CA GLU A 63 -1.72 7.77 0.63
C GLU A 63 -2.24 7.50 2.04
N PRO A 64 -2.43 8.55 2.87
CA PRO A 64 -2.92 8.37 4.24
C PRO A 64 -4.39 8.01 4.28
N LYS A 65 -4.74 7.10 3.40
CA LYS A 65 -6.10 6.59 3.26
C LYS A 65 -6.07 5.30 2.46
N THR A 66 -5.15 5.24 1.50
CA THR A 66 -4.98 4.08 0.65
C THR A 66 -3.53 3.93 0.22
N CYS A 67 -3.09 2.70 -0.01
CA CYS A 67 -1.71 2.46 -0.43
C CYS A 67 -1.65 2.02 -1.89
N ILE A 68 -1.01 2.83 -2.72
CA ILE A 68 -0.87 2.53 -4.14
C ILE A 68 0.62 2.44 -4.51
N ILE A 69 1.03 1.27 -5.00
CA ILE A 69 2.42 1.05 -5.38
C ILE A 69 2.73 1.53 -6.80
N TYR A 70 1.92 1.09 -7.76
CA TYR A 70 2.12 1.48 -9.16
C TYR A 70 1.82 2.96 -9.38
N ALA A 71 0.77 3.44 -8.75
CA ALA A 71 0.34 4.85 -8.87
C ALA A 71 0.37 5.34 -10.33
N ASN A 72 1.52 5.90 -10.75
CA ASN A 72 1.64 6.41 -12.12
C ASN A 72 1.91 5.28 -13.11
N LEU A 73 2.04 4.06 -12.59
CA LEU A 73 2.34 2.87 -13.41
C LEU A 73 1.12 2.55 -14.29
N PRO A 74 1.20 2.91 -15.61
CA PRO A 74 0.11 2.68 -16.53
C PRO A 74 0.43 1.49 -17.44
N ASN A 75 1.15 0.52 -16.88
CA ASN A 75 1.54 -0.69 -17.61
C ASN A 75 0.95 -1.93 -16.95
N ARG A 76 -0.04 -1.70 -16.07
CA ARG A 76 -0.73 -2.76 -15.31
C ARG A 76 -0.71 -4.14 -16.01
N PRO A 77 -1.09 -4.21 -17.30
CA PRO A 77 -1.13 -5.47 -18.05
C PRO A 77 0.25 -6.13 -18.20
N LYS A 78 1.18 -5.80 -17.31
CA LYS A 78 2.52 -6.38 -17.35
C LYS A 78 2.49 -7.85 -16.98
N ARG A 79 1.93 -8.67 -17.86
CA ARG A 79 1.83 -10.10 -17.62
C ARG A 79 3.20 -10.75 -17.47
N GLY A 80 4.16 -10.31 -18.28
CA GLY A 80 5.49 -10.86 -18.22
C GLY A 80 6.24 -10.45 -16.97
N GLU A 81 6.57 -9.16 -16.87
CA GLU A 81 7.28 -8.64 -15.72
C GLU A 81 6.59 -7.39 -15.17
N GLY A 82 6.72 -7.17 -13.86
CA GLY A 82 6.10 -6.02 -13.23
C GLY A 82 5.97 -6.17 -11.73
N ILE A 83 5.23 -5.25 -11.11
CA ILE A 83 5.02 -5.26 -9.67
C ILE A 83 3.72 -5.97 -9.32
N ASN A 84 3.82 -7.00 -8.49
CA ASN A 84 2.64 -7.77 -8.08
C ASN A 84 2.05 -7.20 -6.80
N VAL A 85 0.87 -6.58 -6.91
CA VAL A 85 0.17 -6.00 -5.76
C VAL A 85 -0.17 -7.02 -4.69
N ARG A 86 0.37 -8.22 -4.82
CA ARG A 86 0.13 -9.30 -3.87
C ARG A 86 0.82 -9.00 -2.54
N ALA A 87 0.30 -8.00 -1.83
CA ALA A 87 0.87 -7.61 -0.54
C ALA A 87 -0.21 -7.17 0.44
N ARG A 88 0.12 -7.19 1.72
CA ARG A 88 -0.82 -6.79 2.76
C ARG A 88 -0.49 -5.38 3.24
N ILE A 89 -1.45 -4.49 3.09
CA ILE A 89 -1.28 -3.09 3.48
C ILE A 89 -2.21 -2.71 4.64
N THR A 90 -1.64 -2.12 5.67
CA THR A 90 -2.41 -1.68 6.83
C THR A 90 -2.28 -0.17 7.01
N CYS A 91 -3.40 0.52 7.16
CA CYS A 91 -3.39 1.96 7.33
C CYS A 91 -4.42 2.42 8.37
N PHE A 92 -4.20 3.62 8.89
CA PHE A 92 -5.10 4.19 9.90
C PHE A 92 -5.89 5.36 9.32
N ASN A 93 -6.71 5.99 10.15
CA ASN A 93 -7.52 7.12 9.72
C ASN A 93 -8.44 6.72 8.58
N CYS A 94 -9.09 5.57 8.73
CA CYS A 94 -10.00 5.05 7.70
C CYS A 94 -11.17 6.00 7.51
N TYR A 95 -11.65 6.56 8.62
CA TYR A 95 -12.78 7.51 8.65
C TYR A 95 -12.44 8.85 7.98
N PRO A 96 -12.71 9.03 6.68
CA PRO A 96 -12.42 10.26 5.97
C PRO A 96 -13.57 11.25 5.99
N VAL A 97 -14.12 11.50 7.18
CA VAL A 97 -15.24 12.44 7.38
C VAL A 97 -16.41 12.13 6.44
N ASP A 98 -17.55 12.77 6.69
CA ASP A 98 -18.73 12.58 5.87
C ASP A 98 -18.86 13.73 4.89
N LYS A 99 -18.76 13.44 3.61
CA LYS A 99 -18.85 14.45 2.55
C LYS A 99 -20.25 15.02 2.42
N SER A 100 -21.24 14.14 2.53
CA SER A 100 -22.64 14.54 2.39
C SER A 100 -23.03 15.62 3.39
N THR A 101 -22.41 15.60 4.57
CA THR A 101 -22.74 16.59 5.59
C THR A 101 -21.52 17.43 5.99
N ARG A 102 -20.35 17.06 5.48
CA ARG A 102 -19.11 17.78 5.81
C ARG A 102 -18.85 17.74 7.32
N LYS A 103 -19.46 16.76 7.98
CA LYS A 103 -19.34 16.55 9.44
C LYS A 103 -17.95 16.04 9.85
N PRO A 104 -17.02 16.95 10.22
CA PRO A 104 -15.66 16.53 10.63
C PRO A 104 -15.68 15.40 11.65
N ILE A 105 -15.37 14.19 11.19
CA ILE A 105 -15.36 13.01 12.05
C ILE A 105 -13.94 12.68 12.48
N LYS A 106 -13.67 12.84 13.78
CA LYS A 106 -12.34 12.56 14.33
C LYS A 106 -12.42 11.56 15.47
N ASP A 107 -13.31 10.58 15.31
CA ASP A 107 -13.51 9.54 16.32
C ASP A 107 -13.79 8.21 15.64
N PRO A 108 -13.91 7.11 16.40
CA PRO A 108 -14.12 5.79 15.86
C PRO A 108 -15.49 5.24 16.26
N ASN A 109 -16.50 5.67 15.50
CA ASN A 109 -17.87 5.27 15.72
C ASN A 109 -18.39 4.50 14.52
N HIS A 110 -18.77 3.25 14.76
CA HIS A 110 -19.29 2.38 13.71
C HIS A 110 -20.65 2.86 13.20
N GLN A 111 -20.91 4.16 13.35
CA GLN A 111 -22.19 4.72 12.92
C GLN A 111 -22.38 4.52 11.41
N LEU A 112 -21.30 4.70 10.66
CA LEU A 112 -21.34 4.52 9.20
C LEU A 112 -20.19 3.62 8.73
N VAL A 113 -19.52 2.98 9.66
CA VAL A 113 -18.41 2.09 9.34
C VAL A 113 -18.89 0.85 8.58
N LYS A 114 -20.04 0.32 9.01
CA LYS A 114 -20.61 -0.87 8.38
C LYS A 114 -20.91 -0.63 6.91
N ARG A 115 -21.42 0.54 6.57
CA ARG A 115 -21.75 0.87 5.19
C ARG A 115 -20.50 0.81 4.31
N HIS A 116 -19.39 1.33 4.82
CA HIS A 116 -18.14 1.32 4.08
C HIS A 116 -17.68 -0.12 3.81
N ILE A 117 -17.85 -0.97 4.80
CA ILE A 117 -17.45 -2.37 4.67
C ILE A 117 -18.31 -3.10 3.65
N GLU A 118 -19.60 -2.78 3.61
CA GLU A 118 -20.52 -3.43 2.68
C GLU A 118 -20.08 -3.16 1.24
N ARG A 119 -19.65 -1.95 0.95
CA ARG A 119 -19.21 -1.59 -0.39
C ARG A 119 -17.95 -2.39 -0.74
N LEU A 120 -17.08 -2.52 0.24
CA LEU A 120 -15.83 -3.27 0.07
C LEU A 120 -16.12 -4.74 -0.22
N LYS A 121 -17.11 -5.26 0.48
CA LYS A 121 -17.48 -6.68 0.34
C LYS A 121 -17.90 -6.99 -1.11
N LYS A 122 -18.64 -6.07 -1.72
CA LYS A 122 -19.08 -6.26 -3.10
C LYS A 122 -18.02 -5.77 -4.08
N ASN A 123 -17.02 -5.08 -3.55
CA ASN A 123 -15.88 -4.54 -4.31
C ASN A 123 -14.99 -5.67 -4.84
N PRO A 124 -15.15 -6.10 -6.11
CA PRO A 124 -14.34 -7.19 -6.65
C PRO A 124 -13.06 -6.64 -7.30
N ASN A 125 -12.55 -5.55 -6.73
CA ASN A 125 -11.31 -4.93 -7.22
C ASN A 125 -10.18 -5.16 -6.20
N SER A 126 -10.56 -5.43 -4.95
CA SER A 126 -9.59 -5.67 -3.89
C SER A 126 -10.05 -6.81 -2.97
N LYS A 127 -9.11 -7.39 -2.25
CA LYS A 127 -9.42 -8.49 -1.35
C LYS A 127 -9.52 -8.00 0.10
N PHE A 128 -10.65 -8.29 0.74
CA PHE A 128 -10.86 -7.89 2.13
C PHE A 128 -10.35 -8.95 3.09
N GLU A 129 -9.40 -8.56 3.94
CA GLU A 129 -8.83 -9.48 4.91
C GLU A 129 -9.68 -9.52 6.19
N SER A 130 -9.65 -8.42 6.94
CA SER A 130 -10.41 -8.32 8.17
C SER A 130 -10.45 -6.86 8.65
N TYR A 131 -11.63 -6.42 9.08
CA TYR A 131 -11.79 -5.05 9.57
C TYR A 131 -12.26 -5.05 11.02
N ASP A 132 -11.63 -4.21 11.83
CA ASP A 132 -11.98 -4.10 13.24
C ASP A 132 -12.66 -2.76 13.52
N ALA A 133 -13.90 -2.81 13.99
CA ALA A 133 -14.65 -1.59 14.30
C ALA A 133 -14.07 -0.86 15.50
N ASP A 134 -13.64 -1.62 16.50
CA ASP A 134 -13.06 -1.04 17.72
C ASP A 134 -11.83 -0.20 17.42
N SER A 135 -10.96 -0.70 16.56
CA SER A 135 -9.74 0.01 16.20
C SER A 135 -9.88 0.79 14.89
N GLY A 136 -10.89 0.45 14.11
CA GLY A 136 -11.12 1.13 12.84
C GLY A 136 -10.06 0.79 11.80
N THR A 137 -9.11 -0.07 12.19
CA THR A 137 -8.02 -0.47 11.29
C THR A 137 -8.54 -1.39 10.19
N TYR A 138 -8.19 -1.07 8.94
CA TYR A 138 -8.61 -1.88 7.81
C TYR A 138 -7.40 -2.48 7.09
N VAL A 139 -7.36 -3.80 6.99
CA VAL A 139 -6.27 -4.49 6.33
C VAL A 139 -6.78 -5.33 5.16
N PHE A 140 -6.29 -5.03 3.95
CA PHE A 140 -6.69 -5.76 2.77
C PHE A 140 -5.49 -6.02 1.86
N ILE A 141 -5.50 -7.15 1.17
CA ILE A 141 -4.41 -7.52 0.27
C ILE A 141 -4.92 -7.68 -1.15
N VAL A 142 -4.33 -6.96 -2.09
CA VAL A 142 -4.73 -7.03 -3.49
C VAL A 142 -4.23 -8.34 -4.09
N ASN A 143 -4.92 -9.42 -3.74
CA ASN A 143 -4.58 -10.76 -4.24
C ASN A 143 -4.96 -10.90 -5.71
N HIS A 144 -4.36 -11.88 -6.37
CA HIS A 144 -4.63 -12.13 -7.79
C HIS A 144 -4.19 -10.95 -8.65
N ALA A 145 -2.97 -10.50 -8.44
CA ALA A 145 -2.42 -9.38 -9.21
C ALA A 145 -2.40 -9.70 -10.70
N ALA A 146 -2.41 -10.98 -11.04
CA ALA A 146 -2.39 -11.44 -12.44
C ALA A 146 -0.99 -11.33 -13.04
N GLU A 147 -0.26 -12.43 -13.01
CA GLU A 147 1.10 -12.47 -13.55
C GLU A 147 1.34 -13.78 -14.29
N GLN A 148 2.34 -13.78 -15.17
CA GLN A 148 2.70 -14.96 -15.94
C GLN A 148 3.53 -15.95 -15.13
N THR A 149 3.80 -15.56 -13.91
CA THR A 149 4.58 -16.39 -12.99
C THR A 149 5.99 -16.63 -13.54
N GLY A 1 4.62 15.00 4.24
CA GLY A 1 5.49 16.18 3.96
C GLY A 1 6.97 15.84 4.01
N PRO A 2 7.45 15.23 5.11
CA PRO A 2 8.85 14.92 5.32
C PRO A 2 9.12 13.42 5.48
N ASN A 3 10.38 13.06 5.69
CA ASN A 3 10.76 11.67 5.85
C ASN A 3 10.95 11.31 7.32
N GLU A 4 10.40 12.15 8.20
CA GLU A 4 10.49 11.93 9.64
C GLU A 4 9.86 10.59 10.04
N ASN A 5 8.74 10.27 9.42
CA ASN A 5 8.04 9.02 9.70
C ASN A 5 8.14 8.06 8.52
N TYR A 6 9.08 8.34 7.63
CA TYR A 6 9.28 7.52 6.44
C TYR A 6 10.45 6.55 6.61
N TYR A 7 10.16 5.26 6.48
CA TYR A 7 11.18 4.23 6.62
C TYR A 7 10.97 3.12 5.60
N ILE A 8 12.04 2.43 5.24
CA ILE A 8 11.96 1.34 4.27
C ILE A 8 12.67 0.09 4.79
N SER A 9 11.98 -1.06 4.67
CA SER A 9 12.51 -2.38 5.10
C SER A 9 13.24 -3.14 3.96
N PRO A 10 14.41 -2.65 3.45
CA PRO A 10 15.16 -1.53 3.95
C PRO A 10 15.29 -0.37 2.95
N SER A 11 15.98 0.68 3.36
CA SER A 11 16.19 1.87 2.53
C SER A 11 16.48 1.52 1.08
N LEU A 12 16.31 2.50 0.20
CA LEU A 12 16.54 2.27 -1.23
C LEU A 12 17.97 1.85 -1.48
N ASP A 13 18.90 2.48 -0.77
CA ASP A 13 20.31 2.13 -0.90
C ASP A 13 20.58 0.72 -0.38
N THR A 14 19.94 0.39 0.74
CA THR A 14 20.11 -0.93 1.34
C THR A 14 19.67 -2.03 0.38
N LEU A 15 18.57 -1.77 -0.34
CA LEU A 15 18.03 -2.74 -1.29
C LEU A 15 19.05 -3.02 -2.40
N SER A 16 19.73 -1.97 -2.85
CA SER A 16 20.72 -2.09 -3.91
C SER A 16 21.99 -2.78 -3.40
N SER A 17 22.07 -2.96 -2.09
CA SER A 17 23.24 -3.58 -1.46
C SER A 17 23.28 -5.09 -1.69
N TYR A 18 22.23 -5.65 -2.28
CA TYR A 18 22.19 -7.09 -2.54
C TYR A 18 22.79 -7.42 -3.91
N SER A 19 22.00 -7.20 -4.96
CA SER A 19 22.45 -7.47 -6.32
C SER A 19 21.46 -6.91 -7.34
N LEU A 20 21.82 -6.96 -8.61
CA LEU A 20 20.95 -6.45 -9.67
C LEU A 20 19.61 -7.19 -9.69
N LEU A 21 19.68 -8.52 -9.67
CA LEU A 21 18.46 -9.33 -9.67
C LEU A 21 17.67 -9.12 -8.39
N GLN A 22 18.41 -9.04 -7.28
CA GLN A 22 17.81 -8.83 -5.97
C GLN A 22 17.06 -7.50 -5.91
N LEU A 23 17.60 -6.48 -6.57
CA LEU A 23 16.97 -5.16 -6.60
C LEU A 23 15.60 -5.26 -7.24
N ARG A 24 15.50 -6.05 -8.29
CA ARG A 24 14.23 -6.24 -9.00
C ARG A 24 13.39 -7.33 -8.35
N LYS A 25 13.98 -8.07 -7.42
CA LYS A 25 13.27 -9.15 -6.75
C LYS A 25 13.38 -8.99 -5.22
N VAL A 26 13.00 -7.80 -4.76
CA VAL A 26 13.03 -7.45 -3.34
C VAL A 26 11.97 -8.20 -2.52
N PRO A 27 12.33 -9.34 -1.90
CA PRO A 27 11.39 -10.14 -1.10
C PRO A 27 10.60 -9.32 -0.08
N HIS A 28 11.21 -9.06 1.07
CA HIS A 28 10.54 -8.29 2.12
C HIS A 28 10.90 -6.82 2.05
N LEU A 29 10.01 -6.02 1.48
CA LEU A 29 10.21 -4.58 1.36
C LEU A 29 9.08 -3.82 2.06
N VAL A 30 9.44 -2.89 2.94
CA VAL A 30 8.43 -2.11 3.65
C VAL A 30 8.61 -0.62 3.37
N VAL A 31 7.57 -0.02 2.79
CA VAL A 31 7.60 1.39 2.47
C VAL A 31 6.34 2.09 2.99
N GLY A 32 6.52 3.20 3.69
CA GLY A 32 5.38 3.92 4.22
C GLY A 32 5.72 4.80 5.41
N HIS A 33 4.68 5.38 6.01
CA HIS A 33 4.86 6.24 7.17
C HIS A 33 4.09 5.69 8.37
N LYS A 34 4.72 5.70 9.53
CA LYS A 34 4.08 5.19 10.74
C LYS A 34 2.81 5.98 11.06
N SER A 35 2.89 7.29 10.86
CA SER A 35 1.75 8.18 11.12
C SER A 35 0.57 7.84 10.21
N TYR A 36 0.85 7.54 8.95
CA TYR A 36 -0.20 7.21 8.00
C TYR A 36 -0.51 5.71 8.00
N GLY A 37 0.37 4.92 7.39
CA GLY A 37 0.17 3.48 7.34
C GLY A 37 1.34 2.74 6.72
N LYS A 38 1.56 1.52 7.18
CA LYS A 38 2.66 0.70 6.67
C LYS A 38 2.16 -0.33 5.66
N ILE A 39 2.93 -0.52 4.59
CA ILE A 39 2.57 -1.48 3.55
C ILE A 39 3.75 -2.41 3.25
N GLU A 40 3.46 -3.69 3.04
CA GLU A 40 4.51 -4.67 2.75
C GLU A 40 4.26 -5.35 1.42
N PHE A 41 5.25 -5.30 0.54
CA PHE A 41 5.15 -5.92 -0.78
C PHE A 41 6.06 -7.14 -0.90
N LEU A 42 5.47 -8.29 -1.21
CA LEU A 42 6.25 -9.52 -1.37
C LEU A 42 6.50 -9.81 -2.84
N GLU A 43 6.17 -8.85 -3.67
CA GLU A 43 6.34 -8.94 -5.12
C GLU A 43 7.80 -8.69 -5.51
N PRO A 44 8.11 -8.65 -6.82
CA PRO A 44 9.44 -8.46 -7.34
C PRO A 44 9.57 -7.11 -8.06
N VAL A 45 9.79 -6.07 -7.27
CA VAL A 45 9.91 -4.71 -7.78
C VAL A 45 11.15 -4.50 -8.63
N ASP A 46 11.04 -4.73 -9.95
CA ASP A 46 12.16 -4.56 -10.86
C ASP A 46 12.63 -3.10 -10.82
N LEU A 47 13.54 -2.80 -9.89
CA LEU A 47 14.05 -1.44 -9.74
C LEU A 47 15.42 -1.27 -10.40
N ALA A 48 15.95 -2.33 -10.99
CA ALA A 48 17.25 -2.25 -11.64
C ALA A 48 17.22 -1.23 -12.78
N GLY A 49 16.11 -1.21 -13.53
CA GLY A 49 15.97 -0.28 -14.63
C GLY A 49 15.39 1.05 -14.17
N ILE A 50 14.27 0.96 -13.45
CA ILE A 50 13.55 2.14 -12.90
C ILE A 50 14.31 2.82 -11.77
N PRO A 51 15.14 3.86 -12.06
CA PRO A 51 15.90 4.56 -11.02
C PRO A 51 15.00 5.41 -10.11
N LEU A 52 13.92 4.79 -9.64
CA LEU A 52 12.99 5.48 -8.75
C LEU A 52 13.67 5.94 -7.47
N THR A 53 14.56 5.09 -6.95
CA THR A 53 15.28 5.41 -5.70
C THR A 53 15.87 6.82 -5.74
N SER A 54 16.57 7.14 -6.82
CA SER A 54 17.16 8.47 -6.97
C SER A 54 16.08 9.54 -6.96
N LEU A 55 14.97 9.26 -7.63
CA LEU A 55 13.85 10.19 -7.72
C LEU A 55 13.16 10.34 -6.37
N GLY A 56 13.02 9.22 -5.65
CA GLY A 56 12.37 9.25 -4.35
C GLY A 56 11.12 8.40 -4.31
N GLY A 57 10.88 7.64 -5.37
CA GLY A 57 9.70 6.78 -5.43
C GLY A 57 8.50 7.48 -6.03
N VAL A 58 8.69 8.11 -7.17
CA VAL A 58 7.62 8.82 -7.86
C VAL A 58 6.48 7.87 -8.21
N ILE A 59 6.82 6.67 -8.67
CA ILE A 59 5.82 5.68 -9.05
C ILE A 59 5.00 5.25 -7.83
N ILE A 60 5.65 5.11 -6.69
CA ILE A 60 4.98 4.70 -5.46
C ILE A 60 4.52 5.92 -4.66
N THR A 61 3.20 6.02 -4.44
CA THR A 61 2.63 7.13 -3.70
C THR A 61 1.74 6.63 -2.57
N PHE A 62 1.80 7.28 -1.42
CA PHE A 62 1.00 6.89 -0.27
C PHE A 62 0.40 8.12 0.41
N GLU A 63 -0.65 7.90 1.19
CA GLU A 63 -1.33 8.97 1.90
C GLU A 63 -2.18 8.41 3.05
N PRO A 64 -2.99 9.23 3.73
CA PRO A 64 -3.79 8.78 4.85
C PRO A 64 -5.23 8.62 4.40
N LYS A 65 -5.44 7.45 3.80
CA LYS A 65 -6.70 7.04 3.19
C LYS A 65 -6.63 7.39 1.71
N THR A 66 -5.40 7.56 1.21
CA THR A 66 -5.20 7.90 -0.20
C THR A 66 -3.99 7.15 -0.77
N CYS A 67 -4.23 6.34 -1.79
CA CYS A 67 -3.18 5.58 -2.44
C CYS A 67 -3.07 5.95 -3.91
N ILE A 68 -1.85 6.25 -4.36
CA ILE A 68 -1.63 6.63 -5.75
C ILE A 68 -0.72 5.63 -6.45
N ILE A 69 -1.23 5.01 -7.51
CA ILE A 69 -0.45 4.03 -8.27
C ILE A 69 -0.71 4.16 -9.77
N TYR A 70 -1.95 4.47 -10.13
CA TYR A 70 -2.33 4.63 -11.52
C TYR A 70 -1.93 6.00 -12.07
N ALA A 71 -1.53 6.91 -11.18
CA ALA A 71 -1.14 8.25 -11.59
C ALA A 71 0.06 8.21 -12.55
N ASN A 72 1.00 7.31 -12.26
CA ASN A 72 2.19 7.17 -13.10
C ASN A 72 2.01 6.06 -14.14
N LEU A 73 0.95 5.26 -13.96
CA LEU A 73 0.61 4.14 -14.86
C LEU A 73 0.11 4.59 -16.23
N PRO A 74 1.01 4.74 -17.24
CA PRO A 74 0.61 5.16 -18.58
C PRO A 74 0.21 3.99 -19.47
N ASN A 75 -0.78 3.22 -19.03
CA ASN A 75 -1.24 2.06 -19.78
C ASN A 75 -0.12 1.06 -19.97
N ARG A 76 0.71 0.91 -18.93
CA ARG A 76 1.87 0.00 -18.92
C ARG A 76 1.45 -1.48 -18.86
N PRO A 77 1.30 -2.17 -20.01
CA PRO A 77 0.92 -3.58 -20.03
C PRO A 77 2.10 -4.50 -19.75
N LYS A 78 3.05 -4.01 -18.96
CA LYS A 78 4.25 -4.78 -18.61
C LYS A 78 4.95 -5.32 -19.87
N ARG A 79 5.29 -4.41 -20.78
CA ARG A 79 5.96 -4.79 -22.02
C ARG A 79 7.31 -5.44 -21.73
N GLY A 80 8.03 -4.89 -20.75
CA GLY A 80 9.33 -5.44 -20.40
C GLY A 80 9.41 -5.84 -18.95
N GLU A 81 8.82 -5.05 -18.07
CA GLU A 81 8.83 -5.33 -16.64
C GLU A 81 7.42 -5.66 -16.14
N GLY A 82 7.33 -6.64 -15.26
CA GLY A 82 6.04 -7.02 -14.71
C GLY A 82 5.89 -6.65 -13.25
N ILE A 83 4.79 -6.00 -12.92
CA ILE A 83 4.52 -5.57 -11.55
C ILE A 83 3.56 -6.54 -10.86
N ASN A 84 4.03 -7.16 -9.78
CA ASN A 84 3.21 -8.11 -9.03
C ASN A 84 2.56 -7.42 -7.83
N VAL A 85 1.30 -7.76 -7.58
CA VAL A 85 0.58 -7.17 -6.45
C VAL A 85 0.45 -8.15 -5.30
N ARG A 86 1.45 -9.00 -5.14
CA ARG A 86 1.46 -9.99 -4.06
C ARG A 86 1.90 -9.34 -2.76
N ALA A 87 1.11 -8.39 -2.28
CA ALA A 87 1.43 -7.68 -1.05
C ALA A 87 0.18 -7.31 -0.27
N ARG A 88 0.35 -7.04 1.02
CA ARG A 88 -0.77 -6.65 1.87
C ARG A 88 -0.67 -5.17 2.23
N ILE A 89 -1.82 -4.50 2.24
CA ILE A 89 -1.85 -3.07 2.56
C ILE A 89 -2.39 -2.81 3.96
N THR A 90 -1.58 -2.19 4.79
CA THR A 90 -1.97 -1.86 6.16
C THR A 90 -2.25 -0.37 6.28
N CYS A 91 -3.47 -0.03 6.65
CA CYS A 91 -3.86 1.37 6.79
C CYS A 91 -4.23 1.71 8.23
N PHE A 92 -4.19 3.00 8.55
CA PHE A 92 -4.52 3.47 9.89
C PHE A 92 -6.03 3.53 10.10
N ASN A 93 -6.46 4.22 11.17
CA ASN A 93 -7.87 4.35 11.48
C ASN A 93 -8.62 5.02 10.34
N CYS A 94 -9.31 4.22 9.56
CA CYS A 94 -10.08 4.71 8.42
C CYS A 94 -11.31 5.49 8.87
N TYR A 95 -11.64 5.38 10.15
CA TYR A 95 -12.80 6.05 10.74
C TYR A 95 -12.66 7.58 10.67
N PRO A 96 -13.29 8.24 9.67
CA PRO A 96 -13.21 9.69 9.52
C PRO A 96 -14.35 10.41 10.21
N VAL A 97 -14.77 9.89 11.36
CA VAL A 97 -15.85 10.48 12.14
C VAL A 97 -17.12 10.63 11.30
N ASP A 98 -18.24 10.96 11.95
CA ASP A 98 -19.50 11.12 11.26
C ASP A 98 -19.68 12.59 10.86
N LYS A 99 -19.52 12.87 9.57
CA LYS A 99 -19.63 14.23 9.04
C LYS A 99 -21.05 14.76 9.08
N SER A 100 -22.01 13.89 8.77
CA SER A 100 -23.41 14.29 8.73
C SER A 100 -23.88 14.85 10.07
N THR A 101 -23.35 14.31 11.16
CA THR A 101 -23.74 14.77 12.49
C THR A 101 -22.54 15.24 13.31
N ARG A 102 -21.38 15.30 12.67
CA ARG A 102 -20.16 15.70 13.35
C ARG A 102 -19.84 14.77 14.51
N LYS A 103 -20.34 13.54 14.41
CA LYS A 103 -20.13 12.54 15.45
C LYS A 103 -18.65 12.24 15.63
N PRO A 104 -18.16 12.20 16.89
CA PRO A 104 -16.77 11.96 17.19
C PRO A 104 -16.57 10.61 17.85
N ILE A 105 -16.49 9.58 17.00
CA ILE A 105 -16.33 8.21 17.45
C ILE A 105 -14.86 7.91 17.76
N LYS A 106 -14.52 7.92 19.04
CA LYS A 106 -13.17 7.65 19.49
C LYS A 106 -13.11 6.44 20.40
N ASP A 107 -14.00 5.47 20.15
CA ASP A 107 -14.06 4.26 20.96
C ASP A 107 -14.30 3.03 20.09
N PRO A 108 -14.08 1.82 20.65
CA PRO A 108 -14.26 0.56 19.91
C PRO A 108 -15.72 0.30 19.53
N ASN A 109 -16.46 1.36 19.24
CA ASN A 109 -17.85 1.24 18.86
C ASN A 109 -17.99 1.33 17.35
N HIS A 110 -18.32 0.21 16.73
CA HIS A 110 -18.48 0.16 15.29
C HIS A 110 -19.84 0.71 14.85
N GLN A 111 -20.02 2.01 15.00
CA GLN A 111 -21.27 2.66 14.63
C GLN A 111 -21.54 2.47 13.14
N LEU A 112 -20.50 2.58 12.33
CA LEU A 112 -20.63 2.41 10.88
C LEU A 112 -19.56 1.46 10.34
N VAL A 113 -18.85 0.78 11.24
CA VAL A 113 -17.80 -0.16 10.86
C VAL A 113 -18.35 -1.30 10.02
N LYS A 114 -19.53 -1.79 10.39
CA LYS A 114 -20.15 -2.90 9.67
C LYS A 114 -20.41 -2.56 8.22
N ARG A 115 -20.87 -1.34 7.96
CA ARG A 115 -21.15 -0.90 6.59
C ARG A 115 -19.89 -0.94 5.74
N HIS A 116 -18.78 -0.45 6.29
CA HIS A 116 -17.51 -0.43 5.58
C HIS A 116 -17.05 -1.85 5.24
N ILE A 117 -17.25 -2.77 6.19
CA ILE A 117 -16.86 -4.15 6.01
C ILE A 117 -17.67 -4.82 4.89
N GLU A 118 -18.96 -4.50 4.81
CA GLU A 118 -19.83 -5.07 3.80
C GLU A 118 -19.33 -4.71 2.39
N ARG A 119 -18.91 -3.47 2.21
CA ARG A 119 -18.40 -3.02 0.92
C ARG A 119 -17.09 -3.72 0.58
N LEU A 120 -16.25 -3.88 1.60
CA LEU A 120 -14.96 -4.54 1.44
C LEU A 120 -15.15 -6.03 1.15
N LYS A 121 -16.12 -6.62 1.83
CA LYS A 121 -16.43 -8.03 1.68
C LYS A 121 -16.81 -8.37 0.24
N LYS A 122 -17.56 -7.47 -0.40
CA LYS A 122 -17.99 -7.69 -1.77
C LYS A 122 -16.79 -7.70 -2.73
N ASN A 123 -15.59 -7.55 -2.19
CA ASN A 123 -14.37 -7.55 -2.99
C ASN A 123 -14.44 -6.51 -4.13
N PRO A 124 -14.65 -5.23 -3.80
CA PRO A 124 -14.74 -4.17 -4.80
C PRO A 124 -13.35 -3.74 -5.32
N ASN A 125 -12.84 -2.62 -4.82
CA ASN A 125 -11.53 -2.12 -5.24
C ASN A 125 -10.41 -3.03 -4.74
N SER A 126 -10.55 -3.50 -3.51
CA SER A 126 -9.53 -4.37 -2.91
C SER A 126 -10.19 -5.48 -2.10
N LYS A 127 -9.42 -6.55 -1.86
CA LYS A 127 -9.93 -7.68 -1.09
C LYS A 127 -9.74 -7.44 0.41
N PHE A 128 -10.76 -7.81 1.18
CA PHE A 128 -10.72 -7.64 2.63
C PHE A 128 -10.14 -8.87 3.32
N GLU A 129 -9.04 -8.67 4.04
CA GLU A 129 -8.40 -9.77 4.76
C GLU A 129 -9.04 -9.95 6.14
N SER A 130 -8.86 -8.95 6.99
CA SER A 130 -9.42 -8.97 8.33
C SER A 130 -9.34 -7.60 8.99
N TYR A 131 -10.28 -7.32 9.88
CA TYR A 131 -10.32 -6.04 10.58
C TYR A 131 -10.28 -6.25 12.10
N ASP A 132 -9.52 -5.41 12.78
CA ASP A 132 -9.40 -5.50 14.23
C ASP A 132 -10.08 -4.31 14.90
N ALA A 133 -11.09 -4.60 15.72
CA ALA A 133 -11.84 -3.56 16.42
C ALA A 133 -10.99 -2.88 17.49
N ASP A 134 -10.20 -3.67 18.22
CA ASP A 134 -9.37 -3.15 19.29
C ASP A 134 -8.35 -2.14 18.78
N SER A 135 -7.76 -2.41 17.62
CA SER A 135 -6.77 -1.50 17.05
C SER A 135 -7.36 -0.64 15.94
N GLY A 136 -8.54 -1.02 15.47
CA GLY A 136 -9.19 -0.27 14.41
C GLY A 136 -8.51 -0.47 13.07
N THR A 137 -7.26 -0.92 13.10
CA THR A 137 -6.49 -1.15 11.89
C THR A 137 -6.84 -2.51 11.28
N TYR A 138 -6.93 -2.56 9.96
CA TYR A 138 -7.26 -3.80 9.26
C TYR A 138 -6.26 -4.07 8.13
N VAL A 139 -6.13 -5.34 7.77
CA VAL A 139 -5.20 -5.72 6.70
C VAL A 139 -5.95 -6.05 5.42
N PHE A 140 -5.47 -5.49 4.31
CA PHE A 140 -6.09 -5.72 3.00
C PHE A 140 -5.12 -6.38 2.04
N ILE A 141 -5.61 -7.32 1.25
CA ILE A 141 -4.78 -8.02 0.28
C ILE A 141 -5.38 -7.97 -1.12
N VAL A 142 -4.57 -7.58 -2.10
CA VAL A 142 -5.02 -7.48 -3.47
C VAL A 142 -4.05 -8.17 -4.43
N ASN A 143 -3.73 -9.43 -4.14
CA ASN A 143 -2.81 -10.19 -4.96
C ASN A 143 -3.52 -10.75 -6.19
N HIS A 144 -3.23 -10.17 -7.35
CA HIS A 144 -3.82 -10.61 -8.60
C HIS A 144 -3.47 -12.07 -8.90
N ALA A 145 -2.23 -12.44 -8.62
CA ALA A 145 -1.75 -13.80 -8.85
C ALA A 145 -2.56 -14.81 -8.04
N ALA A 146 -2.88 -14.47 -6.81
CA ALA A 146 -3.64 -15.36 -5.94
C ALA A 146 -5.15 -15.15 -6.11
N GLU A 147 -5.85 -16.20 -6.52
CA GLU A 147 -7.28 -16.13 -6.71
C GLU A 147 -8.01 -17.12 -5.81
N GLN A 148 -9.14 -16.70 -5.25
CA GLN A 148 -9.91 -17.56 -4.35
C GLN A 148 -10.77 -18.55 -5.14
N THR A 149 -10.68 -18.46 -6.44
CA THR A 149 -11.43 -19.34 -7.34
C THR A 149 -10.50 -20.14 -8.22
N GLY A 1 10.70 18.21 3.71
CA GLY A 1 11.67 17.28 4.34
C GLY A 1 11.21 15.84 4.29
N PRO A 2 11.64 15.01 5.27
CA PRO A 2 11.32 13.59 5.32
C PRO A 2 10.50 13.20 6.55
N ASN A 3 10.16 11.92 6.65
CA ASN A 3 9.37 11.44 7.79
C ASN A 3 10.26 10.76 8.82
N GLU A 4 10.25 11.31 10.03
CA GLU A 4 11.06 10.76 11.12
C GLU A 4 10.67 9.33 11.45
N ASN A 5 9.37 9.05 11.40
CA ASN A 5 8.86 7.71 11.70
C ASN A 5 8.77 6.85 10.44
N TYR A 6 9.37 7.33 9.35
CA TYR A 6 9.34 6.62 8.09
C TYR A 6 10.62 5.80 7.89
N TYR A 7 10.45 4.51 7.60
CA TYR A 7 11.58 3.62 7.40
C TYR A 7 11.32 2.67 6.23
N ILE A 8 12.39 2.14 5.65
CA ILE A 8 12.26 1.22 4.52
C ILE A 8 13.11 -0.04 4.75
N SER A 9 12.51 -1.20 4.46
CA SER A 9 13.16 -2.53 4.62
C SER A 9 13.82 -3.00 3.29
N PRO A 10 14.88 -2.35 2.76
CA PRO A 10 15.59 -1.24 3.38
C PRO A 10 15.52 0.06 2.55
N SER A 11 16.20 1.10 3.07
CA SER A 11 16.23 2.42 2.42
C SER A 11 16.44 2.31 0.91
N LEU A 12 16.20 3.41 0.21
CA LEU A 12 16.35 3.44 -1.24
C LEU A 12 17.77 3.09 -1.66
N ASP A 13 18.76 3.60 -0.94
CA ASP A 13 20.16 3.32 -1.25
C ASP A 13 20.49 1.86 -0.97
N THR A 14 20.01 1.36 0.17
CA THR A 14 20.26 -0.03 0.55
C THR A 14 19.69 -0.99 -0.49
N LEU A 15 18.50 -0.66 -1.00
CA LEU A 15 17.83 -1.49 -1.99
C LEU A 15 18.65 -1.63 -3.26
N SER A 16 19.28 -0.53 -3.67
CA SER A 16 20.10 -0.52 -4.88
C SER A 16 21.37 -1.36 -4.69
N SER A 17 21.74 -1.60 -3.44
CA SER A 17 22.92 -2.39 -3.14
C SER A 17 22.64 -3.88 -3.28
N TYR A 18 21.40 -4.21 -3.63
CA TYR A 18 20.98 -5.60 -3.80
C TYR A 18 21.56 -6.19 -5.08
N SER A 19 21.59 -7.52 -5.13
CA SER A 19 22.08 -8.22 -6.30
C SER A 19 21.10 -8.06 -7.46
N LEU A 20 21.44 -8.59 -8.62
CA LEU A 20 20.57 -8.48 -9.79
C LEU A 20 19.21 -9.12 -9.51
N LEU A 21 19.22 -10.34 -9.01
CA LEU A 21 17.98 -11.04 -8.68
C LEU A 21 17.30 -10.41 -7.47
N GLN A 22 18.07 -10.03 -6.46
CA GLN A 22 17.53 -9.44 -5.25
C GLN A 22 16.78 -8.15 -5.56
N LEU A 23 17.35 -7.31 -6.40
CA LEU A 23 16.72 -6.05 -6.77
C LEU A 23 15.50 -6.31 -7.64
N ARG A 24 15.64 -7.27 -8.54
CA ARG A 24 14.57 -7.66 -9.45
C ARG A 24 13.43 -8.33 -8.70
N LYS A 25 13.78 -9.16 -7.74
CA LYS A 25 12.79 -9.89 -6.95
C LYS A 25 13.00 -9.64 -5.46
N VAL A 26 12.50 -8.49 -5.00
CA VAL A 26 12.59 -8.05 -3.59
C VAL A 26 11.70 -8.88 -2.65
N PRO A 27 12.22 -9.97 -2.05
CA PRO A 27 11.44 -10.82 -1.14
C PRO A 27 10.59 -10.02 -0.14
N HIS A 28 11.20 -9.60 0.97
CA HIS A 28 10.47 -8.85 1.99
C HIS A 28 10.66 -7.33 1.83
N LEU A 29 9.55 -6.63 1.64
CA LEU A 29 9.58 -5.17 1.49
C LEU A 29 8.75 -4.50 2.58
N VAL A 30 9.36 -3.55 3.28
CA VAL A 30 8.67 -2.83 4.33
C VAL A 30 8.76 -1.32 4.12
N VAL A 31 7.64 -0.71 3.80
CA VAL A 31 7.58 0.73 3.56
C VAL A 31 6.32 1.33 4.18
N GLY A 32 6.47 2.51 4.77
CA GLY A 32 5.32 3.16 5.38
C GLY A 32 5.69 4.14 6.47
N HIS A 33 4.68 4.66 7.14
CA HIS A 33 4.86 5.61 8.23
C HIS A 33 3.75 5.47 9.25
N LYS A 34 3.98 5.97 10.46
CA LYS A 34 3.00 5.89 11.52
C LYS A 34 1.70 6.59 11.12
N SER A 35 1.84 7.74 10.47
CA SER A 35 0.69 8.52 10.03
C SER A 35 -0.11 7.79 8.95
N TYR A 36 0.61 7.16 8.02
CA TYR A 36 -0.04 6.44 6.93
C TYR A 36 -0.31 4.98 7.30
N GLY A 37 0.75 4.17 7.36
CA GLY A 37 0.62 2.78 7.69
C GLY A 37 1.80 1.94 7.23
N LYS A 38 1.75 0.65 7.51
CA LYS A 38 2.83 -0.26 7.12
C LYS A 38 2.49 -0.99 5.81
N ILE A 39 3.43 -0.96 4.86
CA ILE A 39 3.22 -1.61 3.58
C ILE A 39 4.31 -2.67 3.34
N GLU A 40 3.89 -3.87 2.94
CA GLU A 40 4.85 -4.94 2.68
C GLU A 40 4.58 -5.61 1.33
N PHE A 41 5.64 -5.76 0.54
CA PHE A 41 5.53 -6.38 -0.78
C PHE A 41 6.37 -7.64 -0.85
N LEU A 42 5.74 -8.76 -1.19
CA LEU A 42 6.44 -10.03 -1.33
C LEU A 42 6.57 -10.44 -2.79
N GLU A 43 6.28 -9.51 -3.67
CA GLU A 43 6.35 -9.73 -5.10
C GLU A 43 7.77 -9.49 -5.63
N PRO A 44 7.99 -9.68 -6.95
CA PRO A 44 9.29 -9.53 -7.57
C PRO A 44 9.34 -8.34 -8.52
N VAL A 45 9.56 -7.16 -7.95
CA VAL A 45 9.62 -5.93 -8.73
C VAL A 45 10.88 -5.88 -9.58
N ASP A 46 10.83 -6.55 -10.72
CA ASP A 46 11.98 -6.60 -11.62
C ASP A 46 12.28 -5.21 -12.17
N LEU A 47 13.26 -4.54 -11.56
CA LEU A 47 13.64 -3.20 -11.98
C LEU A 47 14.99 -3.21 -12.68
N ALA A 48 15.90 -4.04 -12.18
CA ALA A 48 17.24 -4.15 -12.76
C ALA A 48 17.94 -2.79 -12.81
N GLY A 49 17.77 -2.00 -11.75
CA GLY A 49 18.41 -0.70 -11.69
C GLY A 49 17.43 0.46 -11.56
N ILE A 50 16.14 0.15 -11.55
CA ILE A 50 15.07 1.15 -11.43
C ILE A 50 15.01 1.79 -10.04
N PRO A 51 15.67 2.95 -9.82
CA PRO A 51 15.69 3.60 -8.52
C PRO A 51 14.75 4.80 -8.48
N LEU A 52 13.65 4.70 -9.21
CA LEU A 52 12.64 5.75 -9.26
C LEU A 52 12.04 5.98 -7.87
N THR A 53 11.82 4.88 -7.15
CA THR A 53 11.23 4.94 -5.80
C THR A 53 11.93 5.99 -4.94
N SER A 54 13.25 5.96 -4.91
CA SER A 54 14.03 6.92 -4.14
C SER A 54 13.81 8.32 -4.70
N LEU A 55 13.76 8.39 -6.02
CA LEU A 55 13.54 9.65 -6.72
C LEU A 55 12.20 10.26 -6.34
N GLY A 56 11.19 9.40 -6.21
CA GLY A 56 9.86 9.86 -5.86
C GLY A 56 8.90 9.72 -7.02
N GLY A 57 8.88 8.53 -7.62
CA GLY A 57 8.01 8.29 -8.76
C GLY A 57 6.65 7.78 -8.36
N VAL A 58 5.90 7.32 -9.36
CA VAL A 58 4.55 6.80 -9.15
C VAL A 58 4.57 5.36 -8.61
N ILE A 59 5.72 4.70 -8.71
CA ILE A 59 5.84 3.33 -8.24
C ILE A 59 5.51 3.21 -6.75
N ILE A 60 6.01 4.13 -5.94
CA ILE A 60 5.74 4.12 -4.51
C ILE A 60 5.03 5.40 -4.07
N THR A 61 3.83 5.24 -3.52
CA THR A 61 3.05 6.37 -3.04
C THR A 61 2.08 5.93 -1.94
N PHE A 62 1.77 6.84 -1.02
CA PHE A 62 0.87 6.53 0.08
C PHE A 62 -0.13 7.65 0.32
N GLU A 63 -1.40 7.39 0.01
CA GLU A 63 -2.45 8.37 0.22
C GLU A 63 -2.76 8.46 1.71
N PRO A 64 -3.05 9.67 2.24
CA PRO A 64 -3.34 9.84 3.66
C PRO A 64 -4.69 9.24 4.06
N LYS A 65 -4.85 7.97 3.73
CA LYS A 65 -6.08 7.22 4.04
C LYS A 65 -6.12 5.94 3.20
N THR A 66 -5.39 5.95 2.09
CA THR A 66 -5.36 4.80 1.18
C THR A 66 -3.94 4.58 0.65
N CYS A 67 -3.62 3.33 0.36
CA CYS A 67 -2.30 2.99 -0.17
C CYS A 67 -2.36 2.72 -1.67
N ILE A 68 -1.53 3.41 -2.43
CA ILE A 68 -1.50 3.25 -3.88
C ILE A 68 -0.12 2.77 -4.34
N ILE A 69 -0.08 1.61 -4.99
CA ILE A 69 1.16 1.03 -5.48
C ILE A 69 1.48 1.50 -6.89
N TYR A 70 0.82 0.89 -7.88
CA TYR A 70 1.05 1.24 -9.28
C TYR A 70 0.58 2.66 -9.59
N ALA A 71 -0.71 2.92 -9.35
CA ALA A 71 -1.29 4.24 -9.61
C ALA A 71 -2.79 4.23 -9.36
N ASN A 72 -3.39 5.41 -9.43
CA ASN A 72 -4.83 5.53 -9.24
C ASN A 72 -5.55 4.71 -10.30
N LEU A 73 -4.97 4.73 -11.51
CA LEU A 73 -5.45 4.00 -12.70
C LEU A 73 -5.08 2.50 -12.69
N PRO A 74 -5.80 1.62 -11.96
CA PRO A 74 -5.47 0.20 -11.93
C PRO A 74 -6.28 -0.60 -12.94
N ASN A 75 -6.61 0.03 -14.06
CA ASN A 75 -7.38 -0.62 -15.11
C ASN A 75 -6.52 -0.90 -16.34
N ARG A 76 -5.61 0.03 -16.64
CA ARG A 76 -4.73 -0.10 -17.78
C ARG A 76 -3.27 0.13 -17.39
N PRO A 77 -2.61 -0.88 -16.78
CA PRO A 77 -1.23 -0.78 -16.34
C PRO A 77 -0.27 -1.46 -17.30
N LYS A 78 -0.60 -1.42 -18.59
CA LYS A 78 0.25 -2.04 -19.61
C LYS A 78 1.63 -1.42 -19.62
N ARG A 79 1.70 -0.10 -19.45
CA ARG A 79 2.97 0.61 -19.44
C ARG A 79 3.67 0.46 -18.09
N GLY A 80 4.93 0.09 -18.12
CA GLY A 80 5.69 -0.07 -16.89
C GLY A 80 6.41 -1.41 -16.82
N GLU A 81 6.55 -1.94 -15.61
CA GLU A 81 7.23 -3.21 -15.40
C GLU A 81 6.23 -4.30 -15.06
N GLY A 82 6.65 -5.55 -15.25
CA GLY A 82 5.79 -6.68 -14.95
C GLY A 82 5.75 -6.99 -13.46
N ILE A 83 5.63 -5.96 -12.64
CA ILE A 83 5.58 -6.13 -11.19
C ILE A 83 4.16 -6.32 -10.69
N ASN A 84 3.92 -7.45 -10.01
CA ASN A 84 2.60 -7.75 -9.49
C ASN A 84 2.37 -7.00 -8.17
N VAL A 85 1.10 -6.78 -7.84
CA VAL A 85 0.75 -6.07 -6.62
C VAL A 85 0.28 -7.03 -5.53
N ARG A 86 0.85 -8.24 -5.53
CA ARG A 86 0.50 -9.25 -4.55
C ARG A 86 1.22 -8.98 -3.23
N ALA A 87 0.87 -7.86 -2.60
CA ALA A 87 1.49 -7.49 -1.33
C ALA A 87 0.44 -7.12 -0.28
N ARG A 88 0.83 -7.16 0.98
CA ARG A 88 -0.08 -6.84 2.07
C ARG A 88 0.16 -5.41 2.56
N ILE A 89 -0.88 -4.58 2.47
CA ILE A 89 -0.78 -3.19 2.88
C ILE A 89 -1.66 -2.93 4.10
N THR A 90 -1.08 -2.32 5.14
CA THR A 90 -1.82 -2.02 6.35
C THR A 90 -1.97 -0.51 6.53
N CYS A 91 -3.21 -0.03 6.45
CA CYS A 91 -3.49 1.40 6.60
C CYS A 91 -4.58 1.61 7.64
N PHE A 92 -4.32 2.51 8.60
CA PHE A 92 -5.30 2.79 9.64
C PHE A 92 -5.88 4.20 9.50
N ASN A 93 -5.67 4.80 8.35
CA ASN A 93 -6.18 6.14 8.09
C ASN A 93 -7.45 6.09 7.25
N CYS A 94 -8.60 6.30 7.90
CA CYS A 94 -9.87 6.29 7.19
C CYS A 94 -11.02 6.56 8.17
N TYR A 95 -10.91 5.96 9.35
CA TYR A 95 -11.93 6.11 10.39
C TYR A 95 -12.31 7.58 10.64
N PRO A 96 -11.32 8.47 10.80
CA PRO A 96 -11.58 9.87 11.07
C PRO A 96 -11.58 10.74 9.81
N VAL A 97 -12.05 10.17 8.71
CA VAL A 97 -12.11 10.89 7.45
C VAL A 97 -13.23 10.36 6.55
N ASP A 98 -14.40 10.99 6.64
CA ASP A 98 -15.54 10.60 5.82
C ASP A 98 -15.38 11.18 4.42
N LYS A 99 -15.30 10.31 3.42
CA LYS A 99 -15.11 10.74 2.03
C LYS A 99 -16.32 11.47 1.46
N SER A 100 -17.51 11.16 1.96
CA SER A 100 -18.72 11.78 1.44
C SER A 100 -18.72 13.30 1.63
N THR A 101 -18.36 13.76 2.82
CA THR A 101 -18.33 15.20 3.11
C THR A 101 -16.98 15.64 3.67
N ARG A 102 -15.99 14.78 3.55
CA ARG A 102 -14.66 15.04 4.08
C ARG A 102 -14.74 15.24 5.59
N LYS A 103 -15.64 14.47 6.20
CA LYS A 103 -15.87 14.52 7.63
C LYS A 103 -14.63 14.09 8.41
N PRO A 104 -14.22 14.88 9.43
CA PRO A 104 -13.04 14.60 10.22
C PRO A 104 -13.43 14.22 11.65
N ILE A 105 -13.77 12.94 11.79
CA ILE A 105 -14.21 12.40 13.07
C ILE A 105 -13.02 12.23 14.03
N LYS A 106 -13.15 12.83 15.21
CA LYS A 106 -12.09 12.77 16.22
C LYS A 106 -12.51 11.90 17.40
N ASP A 107 -13.46 11.00 17.19
CA ASP A 107 -13.93 10.12 18.26
C ASP A 107 -14.29 8.73 17.72
N PRO A 108 -14.32 7.71 18.60
CA PRO A 108 -14.65 6.35 18.21
C PRO A 108 -16.13 6.03 18.37
N ASN A 109 -16.99 6.90 17.84
CA ASN A 109 -18.43 6.70 17.93
C ASN A 109 -18.93 5.71 16.87
N HIS A 110 -18.04 5.31 15.96
CA HIS A 110 -18.39 4.37 14.91
C HIS A 110 -19.52 4.92 14.05
N GLN A 111 -19.52 6.24 13.86
CA GLN A 111 -20.56 6.89 13.06
C GLN A 111 -20.53 6.39 11.62
N LEU A 112 -19.34 6.19 11.08
CA LEU A 112 -19.18 5.71 9.72
C LEU A 112 -18.23 4.52 9.64
N VAL A 113 -18.01 3.86 10.77
CA VAL A 113 -17.12 2.71 10.81
C VAL A 113 -17.59 1.60 9.89
N LYS A 114 -18.87 1.25 10.00
CA LYS A 114 -19.47 0.23 9.17
C LYS A 114 -19.44 0.66 7.72
N ARG A 115 -19.64 1.96 7.51
CA ARG A 115 -19.66 2.53 6.16
C ARG A 115 -18.33 2.29 5.44
N HIS A 116 -17.22 2.45 6.17
CA HIS A 116 -15.91 2.26 5.58
C HIS A 116 -15.72 0.84 5.07
N ILE A 117 -16.21 -0.13 5.84
CA ILE A 117 -16.09 -1.54 5.46
C ILE A 117 -16.97 -1.84 4.25
N GLU A 118 -18.17 -1.28 4.23
CA GLU A 118 -19.11 -1.52 3.13
C GLU A 118 -18.54 -1.02 1.80
N ARG A 119 -17.89 0.14 1.83
CA ARG A 119 -17.32 0.72 0.61
C ARG A 119 -16.20 -0.17 0.05
N LEU A 120 -15.35 -0.67 0.93
CA LEU A 120 -14.24 -1.53 0.52
C LEU A 120 -14.75 -2.89 0.05
N LYS A 121 -15.75 -3.42 0.76
CA LYS A 121 -16.31 -4.72 0.42
C LYS A 121 -16.89 -4.72 -1.00
N LYS A 122 -17.55 -3.62 -1.36
CA LYS A 122 -18.14 -3.49 -2.69
C LYS A 122 -17.06 -3.58 -3.76
N ASN A 123 -15.92 -2.96 -3.47
CA ASN A 123 -14.76 -2.95 -4.37
C ASN A 123 -14.13 -4.34 -4.48
N PRO A 124 -14.45 -5.12 -5.53
CA PRO A 124 -13.91 -6.47 -5.69
C PRO A 124 -12.54 -6.47 -6.37
N ASN A 125 -11.79 -5.40 -6.16
CA ASN A 125 -10.45 -5.28 -6.73
C ASN A 125 -9.39 -5.64 -5.68
N SER A 126 -9.78 -5.59 -4.41
CA SER A 126 -8.88 -5.91 -3.31
C SER A 126 -9.50 -6.98 -2.41
N LYS A 127 -8.64 -7.75 -1.73
CA LYS A 127 -9.11 -8.80 -0.85
C LYS A 127 -9.08 -8.35 0.61
N PHE A 128 -10.24 -8.35 1.26
CA PHE A 128 -10.35 -7.93 2.65
C PHE A 128 -9.70 -8.96 3.59
N GLU A 129 -8.72 -8.50 4.35
CA GLU A 129 -8.03 -9.37 5.29
C GLU A 129 -8.70 -9.33 6.67
N SER A 130 -8.46 -8.25 7.41
CA SER A 130 -9.04 -8.09 8.73
C SER A 130 -9.14 -6.61 9.10
N TYR A 131 -10.29 -6.22 9.65
CA TYR A 131 -10.51 -4.83 10.06
C TYR A 131 -10.83 -4.75 11.55
N ASP A 132 -10.21 -3.80 12.23
CA ASP A 132 -10.43 -3.60 13.66
C ASP A 132 -11.20 -2.32 13.91
N ALA A 133 -12.38 -2.44 14.51
CA ALA A 133 -13.22 -1.29 14.80
C ALA A 133 -12.64 -0.42 15.91
N ASP A 134 -12.08 -1.07 16.93
CA ASP A 134 -11.50 -0.36 18.07
C ASP A 134 -10.35 0.57 17.66
N SER A 135 -9.52 0.12 16.73
CA SER A 135 -8.39 0.91 16.27
C SER A 135 -8.66 1.56 14.92
N GLY A 136 -9.64 1.02 14.21
CA GLY A 136 -9.98 1.56 12.89
C GLY A 136 -9.00 1.13 11.82
N THR A 137 -8.06 0.25 12.18
CA THR A 137 -7.06 -0.24 11.24
C THR A 137 -7.66 -1.23 10.26
N TYR A 138 -7.41 -1.00 8.97
CA TYR A 138 -7.91 -1.87 7.92
C TYR A 138 -6.76 -2.47 7.13
N VAL A 139 -6.71 -3.80 7.06
CA VAL A 139 -5.66 -4.50 6.34
C VAL A 139 -6.22 -5.36 5.21
N PHE A 140 -5.75 -5.11 4.00
CA PHE A 140 -6.19 -5.85 2.83
C PHE A 140 -5.07 -5.95 1.80
N ILE A 141 -5.17 -6.91 0.89
CA ILE A 141 -4.14 -7.09 -0.14
C ILE A 141 -4.70 -6.89 -1.54
N VAL A 142 -4.13 -5.92 -2.25
CA VAL A 142 -4.54 -5.63 -3.62
C VAL A 142 -3.89 -6.57 -4.61
N ASN A 143 -4.24 -7.85 -4.54
CA ASN A 143 -3.66 -8.85 -5.45
C ASN A 143 -4.32 -8.80 -6.82
N HIS A 144 -3.60 -8.22 -7.78
CA HIS A 144 -4.09 -8.11 -9.15
C HIS A 144 -4.37 -9.48 -9.75
N ALA A 145 -3.48 -10.43 -9.46
CA ALA A 145 -3.61 -11.79 -9.97
C ALA A 145 -4.91 -12.44 -9.52
N ALA A 146 -5.28 -12.22 -8.26
CA ALA A 146 -6.50 -12.79 -7.71
C ALA A 146 -6.46 -14.32 -7.77
N GLU A 147 -5.74 -14.92 -6.84
CA GLU A 147 -5.62 -16.37 -6.79
C GLU A 147 -6.98 -17.04 -6.62
N GLN A 148 -7.83 -16.45 -5.77
CA GLN A 148 -9.14 -16.96 -5.51
C GLN A 148 -9.95 -16.97 -6.78
N THR A 149 -10.70 -18.03 -6.90
CA THR A 149 -11.57 -18.25 -8.05
C THR A 149 -12.89 -18.89 -7.62
N GLY A 1 15.33 8.55 3.28
CA GLY A 1 16.41 7.63 3.72
C GLY A 1 16.32 7.28 5.20
N PRO A 2 17.23 7.82 6.04
CA PRO A 2 17.22 7.55 7.47
C PRO A 2 16.23 8.42 8.24
N ASN A 3 15.16 8.82 7.55
CA ASN A 3 14.14 9.66 8.17
C ASN A 3 13.24 8.85 9.09
N GLU A 4 12.96 9.41 10.27
CA GLU A 4 12.10 8.75 11.25
C GLU A 4 10.68 8.59 10.72
N ASN A 5 10.20 9.62 10.03
CA ASN A 5 8.84 9.61 9.48
C ASN A 5 8.65 8.47 8.48
N TYR A 6 9.66 8.23 7.66
CA TYR A 6 9.59 7.18 6.65
C TYR A 6 10.37 5.93 7.09
N TYR A 7 9.73 4.77 6.96
CA TYR A 7 10.36 3.50 7.33
C TYR A 7 10.45 2.59 6.11
N ILE A 8 11.67 2.16 5.79
CA ILE A 8 11.88 1.28 4.64
C ILE A 8 12.69 0.04 5.01
N SER A 9 12.10 -1.14 4.74
CA SER A 9 12.74 -2.45 5.01
C SER A 9 13.50 -2.99 3.78
N PRO A 10 14.63 -2.38 3.35
CA PRO A 10 15.33 -1.29 4.02
C PRO A 10 15.41 0.00 3.20
N SER A 11 16.14 0.97 3.75
CA SER A 11 16.30 2.30 3.12
C SER A 11 16.46 2.21 1.61
N LEU A 12 16.29 3.35 0.95
CA LEU A 12 16.38 3.41 -0.50
C LEU A 12 17.75 2.96 -0.98
N ASP A 13 18.80 3.35 -0.25
CA ASP A 13 20.15 2.95 -0.61
C ASP A 13 20.35 1.46 -0.40
N THR A 14 19.85 0.96 0.74
CA THR A 14 19.97 -0.47 1.06
C THR A 14 19.27 -1.33 0.00
N LEU A 15 18.11 -0.86 -0.45
CA LEU A 15 17.32 -1.58 -1.44
C LEU A 15 17.99 -1.55 -2.82
N SER A 16 18.57 -0.41 -3.18
CA SER A 16 19.22 -0.26 -4.47
C SER A 16 20.49 -1.09 -4.58
N SER A 17 21.04 -1.47 -3.43
CA SER A 17 22.27 -2.28 -3.43
C SER A 17 22.03 -3.63 -4.10
N TYR A 18 20.77 -3.92 -4.38
CA TYR A 18 20.37 -5.17 -5.03
C TYR A 18 20.81 -5.20 -6.48
N SER A 19 21.27 -6.36 -6.92
CA SER A 19 21.70 -6.54 -8.31
C SER A 19 20.48 -6.42 -9.23
N LEU A 20 20.66 -6.73 -10.50
CA LEU A 20 19.57 -6.64 -11.47
C LEU A 20 18.43 -7.58 -11.06
N LEU A 21 18.78 -8.78 -10.60
CA LEU A 21 17.78 -9.76 -10.19
C LEU A 21 17.31 -9.50 -8.76
N GLN A 22 18.21 -9.03 -7.91
CA GLN A 22 17.87 -8.77 -6.52
C GLN A 22 16.77 -7.74 -6.36
N LEU A 23 16.82 -6.68 -7.17
CA LEU A 23 15.81 -5.63 -7.08
C LEU A 23 14.45 -6.14 -7.56
N ARG A 24 14.48 -6.83 -8.70
CA ARG A 24 13.28 -7.40 -9.29
C ARG A 24 12.72 -8.55 -8.47
N LYS A 25 13.63 -9.38 -7.96
CA LYS A 25 13.25 -10.55 -7.17
C LYS A 25 13.58 -10.34 -5.70
N VAL A 26 13.54 -9.08 -5.25
CA VAL A 26 13.83 -8.74 -3.87
C VAL A 26 12.95 -9.54 -2.89
N PRO A 27 13.54 -10.02 -1.77
CA PRO A 27 12.81 -10.81 -0.76
C PRO A 27 11.59 -10.07 -0.20
N HIS A 28 11.35 -10.18 1.11
CA HIS A 28 10.20 -9.53 1.72
C HIS A 28 10.55 -8.11 2.16
N LEU A 29 10.08 -7.14 1.38
CA LEU A 29 10.33 -5.73 1.68
C LEU A 29 9.10 -5.08 2.30
N VAL A 30 9.33 -4.29 3.34
CA VAL A 30 8.23 -3.61 4.02
C VAL A 30 8.43 -2.10 3.95
N VAL A 31 7.47 -1.41 3.35
CA VAL A 31 7.52 0.05 3.22
C VAL A 31 6.26 0.68 3.80
N GLY A 32 6.45 1.67 4.66
CA GLY A 32 5.31 2.33 5.27
C GLY A 32 5.66 3.69 5.85
N HIS A 33 4.64 4.44 6.24
CA HIS A 33 4.84 5.76 6.82
C HIS A 33 4.51 5.76 8.31
N LYS A 34 4.51 4.58 8.91
CA LYS A 34 4.20 4.42 10.32
C LYS A 34 2.79 4.94 10.63
N SER A 35 2.67 6.24 10.91
CA SER A 35 1.38 6.84 11.22
C SER A 35 0.39 6.68 10.06
N TYR A 36 0.88 6.84 8.83
CA TYR A 36 0.04 6.72 7.66
C TYR A 36 -0.41 5.27 7.43
N GLY A 37 0.50 4.33 7.66
CA GLY A 37 0.17 2.93 7.47
C GLY A 37 1.35 2.12 6.97
N LYS A 38 1.32 0.81 7.21
CA LYS A 38 2.40 -0.07 6.78
C LYS A 38 2.04 -0.81 5.50
N ILE A 39 2.98 -0.82 4.55
CA ILE A 39 2.80 -1.49 3.27
C ILE A 39 3.86 -2.58 3.09
N GLU A 40 3.47 -3.74 2.59
CA GLU A 40 4.42 -4.84 2.40
C GLU A 40 4.34 -5.41 0.98
N PHE A 41 5.51 -5.65 0.39
CA PHE A 41 5.60 -6.21 -0.95
C PHE A 41 6.14 -7.64 -0.90
N LEU A 42 5.79 -8.43 -1.91
CA LEU A 42 6.24 -9.79 -1.99
C LEU A 42 7.67 -9.84 -2.49
N GLU A 43 8.07 -10.99 -3.00
CA GLU A 43 9.43 -11.21 -3.51
C GLU A 43 9.58 -10.72 -4.95
N PRO A 44 8.67 -11.11 -5.87
CA PRO A 44 8.76 -10.73 -7.29
C PRO A 44 8.53 -9.23 -7.53
N VAL A 45 9.28 -8.40 -6.80
CA VAL A 45 9.15 -6.94 -6.95
C VAL A 45 9.94 -6.46 -8.16
N ASP A 46 9.49 -6.85 -9.35
CA ASP A 46 10.16 -6.46 -10.59
C ASP A 46 10.10 -4.94 -10.79
N LEU A 47 11.14 -4.25 -10.32
CA LEU A 47 11.19 -2.79 -10.45
C LEU A 47 12.18 -2.37 -11.53
N ALA A 48 13.38 -2.96 -11.49
CA ALA A 48 14.46 -2.66 -12.46
C ALA A 48 14.53 -1.16 -12.81
N GLY A 49 13.82 -0.73 -13.85
CA GLY A 49 13.83 0.66 -14.24
C GLY A 49 13.19 1.55 -13.19
N ILE A 50 11.98 1.18 -12.79
CA ILE A 50 11.19 1.88 -11.76
C ILE A 50 11.77 1.68 -10.36
N PRO A 51 12.66 2.58 -9.89
CA PRO A 51 13.33 2.43 -8.61
C PRO A 51 12.93 3.48 -7.57
N LEU A 52 13.52 3.36 -6.39
CA LEU A 52 13.26 4.26 -5.28
C LEU A 52 13.58 5.71 -5.61
N THR A 53 14.26 5.94 -6.74
CA THR A 53 14.62 7.30 -7.15
C THR A 53 13.41 8.24 -7.05
N SER A 54 12.22 7.70 -7.34
CA SER A 54 10.98 8.45 -7.26
C SER A 54 9.98 7.70 -6.40
N LEU A 55 10.15 7.80 -5.08
CA LEU A 55 9.28 7.12 -4.12
C LEU A 55 7.82 7.56 -4.27
N GLY A 56 7.62 8.85 -4.48
CA GLY A 56 6.27 9.37 -4.61
C GLY A 56 5.77 9.34 -6.05
N GLY A 57 4.63 8.69 -6.25
CA GLY A 57 4.04 8.61 -7.58
C GLY A 57 4.36 7.31 -8.29
N VAL A 58 5.48 7.28 -9.00
CA VAL A 58 5.88 6.10 -9.76
C VAL A 58 6.10 4.87 -8.88
N ILE A 59 6.69 5.06 -7.70
CA ILE A 59 6.95 3.94 -6.81
C ILE A 59 5.79 3.70 -5.84
N ILE A 60 5.72 4.49 -4.77
CA ILE A 60 4.66 4.33 -3.78
C ILE A 60 3.98 5.65 -3.44
N THR A 61 2.65 5.65 -3.48
CA THR A 61 1.88 6.83 -3.13
C THR A 61 0.96 6.48 -1.95
N PHE A 62 0.98 7.30 -0.91
CA PHE A 62 0.17 7.01 0.26
C PHE A 62 -0.51 8.25 0.83
N GLU A 63 -1.84 8.30 0.70
CA GLU A 63 -2.63 9.40 1.22
C GLU A 63 -2.74 9.27 2.74
N PRO A 64 -2.78 10.38 3.48
CA PRO A 64 -2.88 10.34 4.94
C PRO A 64 -4.24 9.87 5.43
N LYS A 65 -4.64 8.70 4.93
CA LYS A 65 -5.92 8.09 5.29
C LYS A 65 -6.20 6.92 4.35
N THR A 66 -5.65 7.02 3.14
CA THR A 66 -5.83 5.98 2.13
C THR A 66 -4.53 5.75 1.36
N CYS A 67 -4.28 4.49 1.00
CA CYS A 67 -3.07 4.15 0.25
C CYS A 67 -3.37 4.00 -1.24
N ILE A 68 -2.71 4.82 -2.05
CA ILE A 68 -2.92 4.77 -3.49
C ILE A 68 -1.74 4.09 -4.20
N ILE A 69 -2.03 3.01 -4.90
CA ILE A 69 -1.00 2.27 -5.63
C ILE A 69 -1.39 2.12 -7.10
N TYR A 70 -2.68 1.82 -7.34
CA TYR A 70 -3.18 1.65 -8.70
C TYR A 70 -2.98 2.91 -9.52
N ALA A 71 -3.22 4.07 -8.90
CA ALA A 71 -3.07 5.36 -9.57
C ALA A 71 -3.95 5.45 -10.81
N ASN A 72 -3.75 6.50 -11.59
CA ASN A 72 -4.52 6.70 -12.81
C ASN A 72 -4.12 5.68 -13.88
N LEU A 73 -2.93 5.11 -13.70
CA LEU A 73 -2.35 4.10 -14.60
C LEU A 73 -3.08 2.75 -14.53
N PRO A 74 -4.10 2.51 -15.38
CA PRO A 74 -4.85 1.24 -15.35
C PRO A 74 -4.01 0.06 -15.86
N ASN A 75 -2.78 -0.03 -15.37
CA ASN A 75 -1.87 -1.10 -15.75
C ASN A 75 -1.61 -1.07 -17.26
N ARG A 76 -1.68 0.12 -17.84
CA ARG A 76 -1.43 0.29 -19.27
C ARG A 76 -0.12 -0.36 -19.71
N PRO A 77 1.00 -0.09 -19.00
CA PRO A 77 2.30 -0.67 -19.32
C PRO A 77 2.46 -2.09 -18.78
N LYS A 78 1.41 -2.88 -18.92
CA LYS A 78 1.43 -4.26 -18.44
C LYS A 78 2.53 -5.06 -19.13
N ARG A 79 2.70 -4.82 -20.43
CA ARG A 79 3.73 -5.51 -21.20
C ARG A 79 5.11 -5.21 -20.65
N GLY A 80 5.33 -3.96 -20.27
CA GLY A 80 6.62 -3.56 -19.73
C GLY A 80 6.94 -4.24 -18.41
N GLU A 81 7.77 -3.60 -17.60
CA GLU A 81 8.17 -4.16 -16.31
C GLU A 81 7.42 -3.47 -15.17
N GLY A 82 7.01 -4.26 -14.18
CA GLY A 82 6.30 -3.71 -13.05
C GLY A 82 6.25 -4.68 -11.89
N ILE A 83 5.91 -4.19 -10.70
CA ILE A 83 5.83 -5.03 -9.52
C ILE A 83 4.39 -5.44 -9.22
N ASN A 84 4.10 -6.73 -9.38
CA ASN A 84 2.77 -7.26 -9.12
C ASN A 84 2.88 -8.62 -8.44
N VAL A 85 2.58 -8.65 -7.14
CA VAL A 85 2.65 -9.89 -6.38
C VAL A 85 1.77 -9.83 -5.14
N ARG A 86 1.95 -10.80 -4.24
CA ARG A 86 1.17 -10.86 -3.01
C ARG A 86 1.61 -9.74 -2.06
N ALA A 87 1.04 -8.56 -2.27
CA ALA A 87 1.36 -7.40 -1.44
C ALA A 87 0.10 -6.88 -0.76
N ARG A 88 0.23 -6.48 0.50
CA ARG A 88 -0.92 -5.98 1.25
C ARG A 88 -0.64 -4.57 1.77
N ILE A 89 -1.69 -3.76 1.83
CA ILE A 89 -1.57 -2.38 2.31
C ILE A 89 -2.25 -2.23 3.66
N THR A 90 -1.53 -1.64 4.61
CA THR A 90 -2.06 -1.43 5.96
C THR A 90 -2.09 0.06 6.29
N CYS A 91 -3.24 0.52 6.76
CA CYS A 91 -3.41 1.92 7.12
C CYS A 91 -4.33 2.07 8.34
N PHE A 92 -4.24 3.20 9.02
CA PHE A 92 -5.07 3.45 10.19
C PHE A 92 -6.31 4.26 9.83
N ASN A 93 -7.37 4.08 10.58
CA ASN A 93 -8.62 4.80 10.32
C ASN A 93 -8.75 5.99 11.23
N CYS A 94 -8.69 7.16 10.64
CA CYS A 94 -8.82 8.41 11.38
C CYS A 94 -10.19 9.02 11.14
N TYR A 95 -10.99 9.03 12.20
CA TYR A 95 -12.36 9.57 12.20
C TYR A 95 -12.40 11.10 12.03
N PRO A 96 -12.53 11.62 10.79
CA PRO A 96 -12.52 13.04 10.51
C PRO A 96 -13.85 13.55 9.98
N VAL A 97 -13.89 14.85 9.68
CA VAL A 97 -15.11 15.48 9.18
C VAL A 97 -15.58 14.83 7.88
N ASP A 98 -16.88 14.66 7.75
CA ASP A 98 -17.46 14.05 6.56
C ASP A 98 -17.49 15.05 5.40
N LYS A 99 -16.65 14.80 4.41
CA LYS A 99 -16.53 15.67 3.24
C LYS A 99 -17.76 15.60 2.33
N SER A 100 -18.46 14.46 2.36
CA SER A 100 -19.62 14.28 1.50
C SER A 100 -20.71 15.32 1.76
N THR A 101 -20.93 15.65 3.03
CA THR A 101 -21.95 16.64 3.38
C THR A 101 -21.35 17.78 4.22
N ARG A 102 -20.02 17.80 4.33
CA ARG A 102 -19.32 18.80 5.12
C ARG A 102 -19.52 18.57 6.61
N LYS A 103 -20.60 17.85 6.93
CA LYS A 103 -20.93 17.50 8.30
C LYS A 103 -19.79 16.69 8.92
N PRO A 104 -19.45 16.92 10.20
CA PRO A 104 -18.35 16.26 10.85
C PRO A 104 -18.81 15.32 11.96
N ILE A 105 -17.85 14.66 12.59
CA ILE A 105 -18.16 13.72 13.66
C ILE A 105 -17.51 14.13 14.96
N LYS A 106 -18.33 14.36 15.99
CA LYS A 106 -17.82 14.76 17.30
C LYS A 106 -18.05 13.68 18.35
N ASP A 107 -18.27 12.44 17.90
CA ASP A 107 -18.52 11.34 18.82
C ASP A 107 -17.96 10.03 18.27
N PRO A 108 -17.74 9.03 19.15
CA PRO A 108 -17.21 7.72 18.74
C PRO A 108 -18.30 6.80 18.20
N ASN A 109 -19.03 7.30 17.21
CA ASN A 109 -20.11 6.53 16.61
C ASN A 109 -19.83 6.35 15.12
N HIS A 110 -19.91 5.11 14.68
CA HIS A 110 -19.67 4.77 13.28
C HIS A 110 -20.79 5.32 12.39
N GLN A 111 -20.83 6.63 12.26
CA GLN A 111 -21.83 7.30 11.45
C GLN A 111 -21.75 6.85 9.99
N LEU A 112 -20.53 6.71 9.49
CA LEU A 112 -20.32 6.30 8.10
C LEU A 112 -19.32 5.16 8.00
N VAL A 113 -19.06 4.48 9.10
CA VAL A 113 -18.11 3.37 9.11
C VAL A 113 -18.66 2.19 8.32
N LYS A 114 -19.94 1.90 8.50
CA LYS A 114 -20.59 0.80 7.79
C LYS A 114 -20.53 0.98 6.28
N ARG A 115 -20.80 2.20 5.82
CA ARG A 115 -20.78 2.49 4.40
C ARG A 115 -19.40 2.26 3.79
N HIS A 116 -18.37 2.65 4.54
CA HIS A 116 -16.99 2.49 4.07
C HIS A 116 -16.66 1.03 3.80
N ILE A 117 -17.03 0.16 4.74
CA ILE A 117 -16.77 -1.27 4.58
C ILE A 117 -17.64 -1.87 3.49
N GLU A 118 -18.90 -1.45 3.43
CA GLU A 118 -19.83 -1.97 2.44
C GLU A 118 -19.38 -1.63 1.03
N ARG A 119 -18.86 -0.43 0.84
CA ARG A 119 -18.38 0.01 -0.47
C ARG A 119 -17.18 -0.82 -0.92
N LEU A 120 -16.29 -1.12 0.01
CA LEU A 120 -15.10 -1.91 -0.29
C LEU A 120 -15.47 -3.28 -0.80
N LYS A 121 -16.49 -3.88 -0.20
CA LYS A 121 -16.95 -5.20 -0.60
C LYS A 121 -17.41 -5.20 -2.07
N LYS A 122 -18.12 -4.14 -2.45
CA LYS A 122 -18.62 -4.02 -3.82
C LYS A 122 -17.45 -3.98 -4.81
N ASN A 123 -16.40 -3.26 -4.41
CA ASN A 123 -15.18 -3.11 -5.22
C ASN A 123 -14.44 -4.44 -5.36
N PRO A 124 -14.63 -5.16 -6.49
CA PRO A 124 -13.96 -6.44 -6.70
C PRO A 124 -12.59 -6.30 -7.33
N ASN A 125 -11.92 -5.19 -7.01
CA ASN A 125 -10.58 -4.93 -7.53
C ASN A 125 -9.54 -5.26 -6.47
N SER A 126 -9.95 -5.21 -5.21
CA SER A 126 -9.07 -5.51 -4.09
C SER A 126 -9.74 -6.51 -3.15
N LYS A 127 -8.93 -7.35 -2.51
CA LYS A 127 -9.45 -8.35 -1.59
C LYS A 127 -9.39 -7.87 -0.14
N PHE A 128 -10.50 -8.03 0.57
CA PHE A 128 -10.58 -7.61 1.96
C PHE A 128 -9.73 -8.51 2.85
N GLU A 129 -8.73 -7.93 3.51
CA GLU A 129 -7.86 -8.69 4.39
C GLU A 129 -8.40 -8.71 5.82
N SER A 130 -8.18 -7.62 6.56
CA SER A 130 -8.64 -7.53 7.93
C SER A 130 -8.94 -6.09 8.33
N TYR A 131 -10.03 -5.89 9.07
CA TYR A 131 -10.41 -4.55 9.51
C TYR A 131 -10.38 -4.47 11.03
N ASP A 132 -9.68 -3.48 11.56
CA ASP A 132 -9.58 -3.30 13.00
C ASP A 132 -10.33 -2.04 13.44
N ALA A 133 -11.36 -2.23 14.25
CA ALA A 133 -12.14 -1.10 14.74
C ALA A 133 -11.50 -0.45 15.97
N ASP A 134 -10.96 -1.28 16.85
CA ASP A 134 -10.33 -0.80 18.06
C ASP A 134 -9.12 0.09 17.75
N SER A 135 -8.34 -0.30 16.75
CA SER A 135 -7.16 0.46 16.36
C SER A 135 -7.39 1.23 15.07
N GLY A 136 -8.42 0.84 14.32
CA GLY A 136 -8.72 1.51 13.07
C GLY A 136 -7.83 1.06 11.93
N THR A 137 -6.93 0.12 12.21
CA THR A 137 -6.03 -0.40 11.19
C THR A 137 -6.77 -1.25 10.17
N TYR A 138 -6.51 -1.00 8.90
CA TYR A 138 -7.16 -1.74 7.82
C TYR A 138 -6.14 -2.46 6.96
N VAL A 139 -6.44 -3.72 6.61
CA VAL A 139 -5.54 -4.51 5.79
C VAL A 139 -6.21 -4.94 4.50
N PHE A 140 -5.54 -4.72 3.37
CA PHE A 140 -6.07 -5.08 2.06
C PHE A 140 -5.14 -6.06 1.36
N ILE A 141 -5.72 -7.04 0.66
CA ILE A 141 -4.94 -8.04 -0.05
C ILE A 141 -5.24 -8.00 -1.54
N VAL A 142 -4.23 -7.73 -2.36
CA VAL A 142 -4.38 -7.67 -3.81
C VAL A 142 -3.19 -8.29 -4.50
N ASN A 143 -3.28 -9.59 -4.80
CA ASN A 143 -2.19 -10.29 -5.48
C ASN A 143 -2.45 -10.37 -6.98
N HIS A 144 -1.65 -9.62 -7.75
CA HIS A 144 -1.79 -9.61 -9.20
C HIS A 144 -1.59 -11.01 -9.78
N ALA A 145 -0.61 -11.74 -9.24
CA ALA A 145 -0.30 -13.09 -9.70
C ALA A 145 -1.49 -14.02 -9.51
N ALA A 146 -2.17 -13.88 -8.38
CA ALA A 146 -3.33 -14.71 -8.07
C ALA A 146 -4.43 -14.54 -9.11
N GLU A 147 -4.65 -13.30 -9.53
CA GLU A 147 -5.66 -13.00 -10.53
C GLU A 147 -7.05 -13.42 -10.03
N GLN A 148 -7.30 -13.18 -8.75
CA GLN A 148 -8.56 -13.53 -8.14
C GLN A 148 -9.52 -12.36 -8.26
N THR A 149 -10.63 -12.62 -8.93
CA THR A 149 -11.67 -11.62 -9.14
C THR A 149 -12.91 -11.94 -8.32
N GLY A 1 20.65 13.28 7.24
CA GLY A 1 20.10 12.39 6.17
C GLY A 1 18.61 12.58 5.97
N PRO A 2 17.77 11.65 6.48
CA PRO A 2 16.33 11.67 6.30
C PRO A 2 15.56 11.79 7.63
N ASN A 3 14.24 11.80 7.53
CA ASN A 3 13.39 11.90 8.71
C ASN A 3 13.25 10.55 9.41
N GLU A 4 13.29 10.57 10.74
CA GLU A 4 13.16 9.34 11.52
C GLU A 4 11.70 8.91 11.64
N ASN A 5 10.78 9.80 11.26
CA ASN A 5 9.35 9.51 11.33
C ASN A 5 8.99 8.32 10.46
N TYR A 6 9.62 8.23 9.29
CA TYR A 6 9.35 7.14 8.36
C TYR A 6 10.62 6.33 8.11
N TYR A 7 10.47 5.01 8.04
CA TYR A 7 11.60 4.12 7.81
C TYR A 7 11.29 3.12 6.69
N ILE A 8 12.32 2.59 6.07
CA ILE A 8 12.16 1.63 4.99
C ILE A 8 12.98 0.36 5.27
N SER A 9 12.43 -0.79 4.90
CA SER A 9 13.12 -2.06 5.10
C SER A 9 13.35 -2.75 3.76
N PRO A 10 14.37 -2.29 2.99
CA PRO A 10 15.31 -1.26 3.39
C PRO A 10 15.20 0.00 2.54
N SER A 11 16.03 0.99 2.86
CA SER A 11 16.03 2.26 2.13
C SER A 11 16.30 2.04 0.65
N LEU A 12 16.00 3.07 -0.15
CA LEU A 12 16.19 2.97 -1.60
C LEU A 12 17.67 2.73 -1.92
N ASP A 13 18.56 3.40 -1.20
CA ASP A 13 19.99 3.22 -1.42
C ASP A 13 20.41 1.80 -1.03
N THR A 14 19.90 1.34 0.11
CA THR A 14 20.19 0.00 0.60
C THR A 14 19.74 -1.05 -0.41
N LEU A 15 18.57 -0.81 -1.00
CA LEU A 15 17.98 -1.73 -1.98
C LEU A 15 18.89 -1.87 -3.20
N SER A 16 19.46 -0.76 -3.64
CA SER A 16 20.33 -0.76 -4.81
C SER A 16 21.54 -1.66 -4.58
N SER A 17 21.84 -1.94 -3.32
CA SER A 17 22.97 -2.80 -2.97
C SER A 17 22.62 -4.27 -3.22
N TYR A 18 21.40 -4.51 -3.69
CA TYR A 18 20.92 -5.85 -3.98
C TYR A 18 21.59 -6.43 -5.22
N SER A 19 21.54 -7.75 -5.34
CA SER A 19 22.09 -8.44 -6.49
C SER A 19 21.15 -8.26 -7.67
N LEU A 20 21.55 -8.77 -8.84
CA LEU A 20 20.72 -8.62 -10.03
C LEU A 20 19.35 -9.28 -9.81
N LEU A 21 19.36 -10.51 -9.32
CA LEU A 21 18.12 -11.24 -9.05
C LEU A 21 17.38 -10.62 -7.86
N GLN A 22 18.14 -10.26 -6.82
CA GLN A 22 17.57 -9.67 -5.62
C GLN A 22 16.86 -8.36 -5.90
N LEU A 23 17.44 -7.54 -6.75
CA LEU A 23 16.86 -6.24 -7.09
C LEU A 23 15.56 -6.42 -7.86
N ARG A 24 15.57 -7.40 -8.75
CA ARG A 24 14.43 -7.68 -9.60
C ARG A 24 13.20 -8.13 -8.80
N LYS A 25 13.42 -8.96 -7.79
CA LYS A 25 12.32 -9.47 -6.97
C LYS A 25 12.46 -9.04 -5.52
N VAL A 26 11.67 -8.04 -5.13
CA VAL A 26 11.64 -7.50 -3.77
C VAL A 26 10.97 -8.48 -2.78
N PRO A 27 11.73 -9.36 -2.09
CA PRO A 27 11.15 -10.33 -1.17
C PRO A 27 10.49 -9.64 0.04
N HIS A 28 11.28 -9.33 1.07
CA HIS A 28 10.73 -8.67 2.26
C HIS A 28 10.96 -7.16 2.20
N LEU A 29 9.93 -6.41 1.81
CA LEU A 29 10.04 -4.97 1.74
C LEU A 29 8.99 -4.29 2.60
N VAL A 30 9.44 -3.45 3.52
CA VAL A 30 8.54 -2.73 4.41
C VAL A 30 8.68 -1.23 4.21
N VAL A 31 7.58 -0.57 3.82
CA VAL A 31 7.58 0.86 3.60
C VAL A 31 6.38 1.51 4.29
N GLY A 32 6.65 2.56 5.05
CA GLY A 32 5.58 3.26 5.75
C GLY A 32 6.07 4.48 6.49
N HIS A 33 5.11 5.27 6.97
CA HIS A 33 5.43 6.48 7.72
C HIS A 33 4.87 6.38 9.13
N LYS A 34 4.76 5.15 9.63
CA LYS A 34 4.23 4.92 10.97
C LYS A 34 2.79 5.40 11.05
N SER A 35 2.60 6.69 11.34
CA SER A 35 1.27 7.26 11.43
C SER A 35 0.52 7.13 10.11
N TYR A 36 1.23 7.34 9.00
CA TYR A 36 0.64 7.25 7.67
C TYR A 36 0.13 5.83 7.40
N GLY A 37 0.90 4.84 7.84
CA GLY A 37 0.53 3.45 7.63
C GLY A 37 1.68 2.64 7.06
N LYS A 38 1.80 1.40 7.52
CA LYS A 38 2.88 0.53 7.06
C LYS A 38 2.39 -0.44 5.99
N ILE A 39 3.15 -0.53 4.89
CA ILE A 39 2.81 -1.42 3.79
C ILE A 39 4.01 -2.29 3.40
N GLU A 40 3.76 -3.56 3.12
CA GLU A 40 4.82 -4.48 2.73
C GLU A 40 4.51 -5.17 1.41
N PHE A 41 5.51 -5.28 0.54
CA PHE A 41 5.34 -5.90 -0.76
C PHE A 41 6.22 -7.14 -0.92
N LEU A 42 5.62 -8.25 -1.33
CA LEU A 42 6.35 -9.50 -1.54
C LEU A 42 6.41 -9.85 -3.03
N GLU A 43 6.06 -8.88 -3.85
CA GLU A 43 6.05 -9.07 -5.30
C GLU A 43 7.45 -8.90 -5.89
N PRO A 44 7.62 -9.11 -7.21
CA PRO A 44 8.88 -8.98 -7.90
C PRO A 44 9.06 -7.72 -8.70
N VAL A 45 9.33 -6.64 -7.97
CA VAL A 45 9.54 -5.32 -8.57
C VAL A 45 10.81 -5.26 -9.38
N ASP A 46 10.79 -5.89 -10.57
CA ASP A 46 11.97 -5.93 -11.46
C ASP A 46 12.59 -4.54 -11.59
N LEU A 47 13.59 -4.27 -10.75
CA LEU A 47 14.25 -2.97 -10.75
C LEU A 47 15.67 -3.07 -11.31
N ALA A 48 16.06 -4.26 -11.75
CA ALA A 48 17.40 -4.46 -12.30
C ALA A 48 17.63 -3.56 -13.51
N GLY A 49 16.60 -3.42 -14.35
CA GLY A 49 16.70 -2.58 -15.51
C GLY A 49 16.38 -1.12 -15.20
N ILE A 50 15.07 -0.84 -15.07
CA ILE A 50 14.55 0.50 -14.77
C ILE A 50 14.85 0.96 -13.33
N PRO A 51 15.98 1.65 -13.08
CA PRO A 51 16.33 2.12 -11.73
C PRO A 51 15.60 3.40 -11.34
N LEU A 52 14.41 3.59 -11.87
CA LEU A 52 13.61 4.77 -11.57
C LEU A 52 13.31 4.86 -10.08
N THR A 53 13.00 3.72 -9.46
CA THR A 53 12.69 3.68 -8.04
C THR A 53 13.78 4.32 -7.19
N SER A 54 15.03 4.20 -7.64
CA SER A 54 16.16 4.78 -6.93
C SER A 54 16.30 6.28 -7.22
N LEU A 55 15.51 6.78 -8.18
CA LEU A 55 15.54 8.19 -8.54
C LEU A 55 15.17 9.07 -7.36
N GLY A 56 14.18 8.63 -6.58
CA GLY A 56 13.75 9.41 -5.43
C GLY A 56 12.55 8.81 -4.73
N GLY A 57 11.79 7.98 -5.43
CA GLY A 57 10.61 7.37 -4.84
C GLY A 57 9.31 7.80 -5.49
N VAL A 58 9.42 8.36 -6.70
CA VAL A 58 8.26 8.82 -7.44
C VAL A 58 7.29 7.67 -7.71
N ILE A 59 7.85 6.51 -8.04
CA ILE A 59 7.05 5.33 -8.32
C ILE A 59 6.18 4.94 -7.13
N ILE A 60 6.74 5.04 -5.93
CA ILE A 60 6.00 4.68 -4.72
C ILE A 60 5.53 5.94 -3.99
N THR A 61 4.21 6.07 -3.83
CA THR A 61 3.61 7.21 -3.14
C THR A 61 2.62 6.72 -2.10
N PHE A 62 2.59 7.37 -0.94
CA PHE A 62 1.68 6.98 0.12
C PHE A 62 0.90 8.19 0.65
N GLU A 63 -0.37 8.27 0.27
CA GLU A 63 -1.25 9.35 0.71
C GLU A 63 -1.78 9.05 2.12
N PRO A 64 -1.86 10.07 3.00
CA PRO A 64 -2.35 9.87 4.36
C PRO A 64 -3.85 9.59 4.40
N LYS A 65 -4.25 8.59 3.64
CA LYS A 65 -5.66 8.17 3.54
C LYS A 65 -5.83 7.21 2.37
N THR A 66 -4.94 7.35 1.38
CA THR A 66 -4.99 6.51 0.19
C THR A 66 -3.60 6.08 -0.25
N CYS A 67 -3.51 4.91 -0.87
CA CYS A 67 -2.23 4.39 -1.36
C CYS A 67 -2.24 4.29 -2.87
N ILE A 68 -1.20 4.83 -3.52
CA ILE A 68 -1.12 4.80 -4.97
C ILE A 68 0.07 3.95 -5.43
N ILE A 69 -0.23 2.90 -6.19
CA ILE A 69 0.81 2.01 -6.71
C ILE A 69 0.79 1.98 -8.24
N TYR A 70 -0.34 2.38 -8.82
CA TYR A 70 -0.48 2.41 -10.26
C TYR A 70 0.37 3.51 -10.89
N ALA A 71 0.43 4.66 -10.21
CA ALA A 71 1.22 5.79 -10.70
C ALA A 71 0.61 6.38 -11.96
N ASN A 72 -0.48 7.14 -11.79
CA ASN A 72 -1.18 7.77 -12.90
C ASN A 72 -1.48 6.79 -14.03
N LEU A 73 -1.75 5.53 -13.64
CA LEU A 73 -2.08 4.44 -14.56
C LEU A 73 -3.46 4.59 -15.22
N PRO A 74 -3.55 5.25 -16.41
CA PRO A 74 -4.82 5.44 -17.09
C PRO A 74 -5.39 4.15 -17.68
N ASN A 75 -5.43 3.10 -16.86
CA ASN A 75 -5.95 1.81 -17.30
C ASN A 75 -5.13 1.26 -18.47
N ARG A 76 -3.84 1.56 -18.48
CA ARG A 76 -2.95 1.11 -19.54
C ARG A 76 -1.71 0.43 -18.98
N PRO A 77 -1.82 -0.85 -18.57
CA PRO A 77 -0.70 -1.59 -18.00
C PRO A 77 0.13 -2.31 -19.05
N LYS A 78 0.22 -1.70 -20.24
CA LYS A 78 0.99 -2.26 -21.33
C LYS A 78 2.46 -2.40 -20.95
N ARG A 79 2.96 -1.39 -20.24
CA ARG A 79 4.35 -1.38 -19.80
C ARG A 79 4.65 -2.58 -18.90
N GLY A 80 5.83 -3.17 -19.08
CA GLY A 80 6.22 -4.32 -18.28
C GLY A 80 6.47 -3.96 -16.84
N GLU A 81 6.16 -2.73 -16.46
CA GLU A 81 6.36 -2.27 -15.09
C GLU A 81 5.04 -2.28 -14.32
N GLY A 82 5.06 -2.87 -13.14
CA GLY A 82 3.85 -2.96 -12.33
C GLY A 82 3.31 -4.37 -12.24
N ILE A 83 3.98 -5.21 -11.47
CA ILE A 83 3.57 -6.59 -11.31
C ILE A 83 2.83 -6.80 -9.99
N ASN A 84 1.59 -7.25 -10.07
CA ASN A 84 0.79 -7.50 -8.89
C ASN A 84 1.02 -8.90 -8.33
N VAL A 85 1.23 -8.98 -7.03
CA VAL A 85 1.49 -10.26 -6.37
C VAL A 85 0.96 -10.26 -4.93
N ARG A 86 1.44 -11.19 -4.11
CA ARG A 86 1.00 -11.28 -2.72
C ARG A 86 1.56 -10.10 -1.90
N ALA A 87 0.85 -8.98 -1.95
CA ALA A 87 1.26 -7.79 -1.23
C ALA A 87 0.20 -7.38 -0.21
N ARG A 88 0.65 -6.87 0.94
CA ARG A 88 -0.26 -6.45 1.99
C ARG A 88 -0.21 -4.94 2.20
N ILE A 89 -1.38 -4.31 2.18
CA ILE A 89 -1.49 -2.88 2.37
C ILE A 89 -2.31 -2.56 3.62
N THR A 90 -1.70 -1.83 4.55
CA THR A 90 -2.38 -1.47 5.80
C THR A 90 -2.49 0.04 5.95
N CYS A 91 -3.70 0.52 6.23
CA CYS A 91 -3.94 1.94 6.42
C CYS A 91 -4.71 2.17 7.72
N PHE A 92 -4.36 3.22 8.45
CA PHE A 92 -5.02 3.53 9.71
C PHE A 92 -6.18 4.50 9.51
N ASN A 93 -6.55 4.71 8.26
CA ASN A 93 -7.64 5.61 7.93
C ASN A 93 -8.94 4.86 7.68
N CYS A 94 -9.85 4.92 8.63
CA CYS A 94 -11.14 4.27 8.51
C CYS A 94 -12.24 5.16 9.07
N TYR A 95 -12.05 5.55 10.33
CA TYR A 95 -12.97 6.42 11.08
C TYR A 95 -12.94 7.87 10.57
N PRO A 96 -13.84 8.25 9.63
CA PRO A 96 -13.85 9.58 9.04
C PRO A 96 -15.10 10.38 9.40
N VAL A 97 -15.18 11.59 8.86
CA VAL A 97 -16.30 12.48 9.13
C VAL A 97 -17.38 12.35 8.05
N ASP A 98 -18.64 12.38 8.49
CA ASP A 98 -19.77 12.26 7.58
C ASP A 98 -20.07 13.61 6.93
N LYS A 99 -19.61 13.77 5.69
CA LYS A 99 -19.78 15.00 4.92
C LYS A 99 -21.23 15.22 4.51
N SER A 100 -21.91 14.14 4.14
CA SER A 100 -23.30 14.22 3.69
C SER A 100 -24.19 14.86 4.77
N THR A 101 -23.86 14.62 6.03
CA THR A 101 -24.64 15.17 7.13
C THR A 101 -23.79 16.02 8.05
N ARG A 102 -22.55 16.29 7.64
CA ARG A 102 -21.63 17.09 8.45
C ARG A 102 -21.37 16.41 9.80
N LYS A 103 -21.66 15.11 9.85
CA LYS A 103 -21.47 14.32 11.06
C LYS A 103 -19.99 14.22 11.42
N PRO A 104 -19.60 14.68 12.62
CA PRO A 104 -18.22 14.68 13.06
C PRO A 104 -18.00 13.68 14.19
N ILE A 105 -17.84 12.42 13.79
CA ILE A 105 -17.65 11.32 14.71
C ILE A 105 -16.31 11.40 15.43
N LYS A 106 -16.36 11.48 16.76
CA LYS A 106 -15.15 11.57 17.57
C LYS A 106 -15.06 10.39 18.54
N ASP A 107 -15.78 9.31 18.25
CA ASP A 107 -15.77 8.13 19.10
C ASP A 107 -15.93 6.85 18.28
N PRO A 108 -15.54 5.69 18.84
CA PRO A 108 -15.64 4.40 18.16
C PRO A 108 -16.95 3.68 18.46
N ASN A 109 -18.05 4.23 17.94
CA ASN A 109 -19.37 3.63 18.13
C ASN A 109 -19.80 2.83 16.91
N HIS A 110 -18.91 2.73 15.91
CA HIS A 110 -19.22 1.98 14.69
C HIS A 110 -20.43 2.57 13.97
N GLN A 111 -20.52 3.90 13.94
CA GLN A 111 -21.64 4.57 13.31
C GLN A 111 -21.73 4.23 11.82
N LEU A 112 -20.58 4.16 11.15
CA LEU A 112 -20.56 3.83 9.73
C LEU A 112 -19.54 2.74 9.41
N VAL A 113 -19.09 2.03 10.44
CA VAL A 113 -18.12 0.96 10.25
C VAL A 113 -18.65 -0.12 9.32
N LYS A 114 -19.91 -0.49 9.52
CA LYS A 114 -20.53 -1.51 8.70
C LYS A 114 -20.60 -1.09 7.23
N ARG A 115 -20.92 0.19 7.01
CA ARG A 115 -21.02 0.72 5.66
C ARG A 115 -19.68 0.64 4.92
N HIS A 116 -18.60 0.93 5.65
CA HIS A 116 -17.27 0.90 5.06
C HIS A 116 -16.92 -0.50 4.55
N ILE A 117 -17.29 -1.51 5.32
CA ILE A 117 -17.00 -2.89 4.94
C ILE A 117 -17.77 -3.27 3.67
N GLU A 118 -19.02 -2.83 3.58
CA GLU A 118 -19.85 -3.13 2.41
C GLU A 118 -19.25 -2.53 1.15
N ARG A 119 -18.74 -1.31 1.25
CA ARG A 119 -18.15 -0.62 0.12
C ARG A 119 -16.95 -1.40 -0.44
N LEU A 120 -16.11 -1.90 0.45
CA LEU A 120 -14.92 -2.66 0.05
C LEU A 120 -15.31 -4.01 -0.55
N LYS A 121 -16.34 -4.63 0.03
CA LYS A 121 -16.81 -5.93 -0.45
C LYS A 121 -17.25 -5.84 -1.91
N LYS A 122 -17.95 -4.76 -2.24
CA LYS A 122 -18.43 -4.56 -3.61
C LYS A 122 -17.26 -4.51 -4.59
N ASN A 123 -16.17 -3.87 -4.15
CA ASN A 123 -14.95 -3.72 -4.96
C ASN A 123 -14.23 -5.08 -5.09
N PRO A 124 -14.40 -5.78 -6.24
CA PRO A 124 -13.79 -7.09 -6.42
C PRO A 124 -12.39 -6.96 -7.01
N ASN A 125 -11.70 -5.87 -6.67
CA ASN A 125 -10.34 -5.63 -7.14
C ASN A 125 -9.33 -5.99 -6.05
N SER A 126 -9.81 -6.05 -4.81
CA SER A 126 -8.96 -6.39 -3.68
C SER A 126 -9.62 -7.46 -2.81
N LYS A 127 -8.80 -8.25 -2.12
CA LYS A 127 -9.32 -9.31 -1.26
C LYS A 127 -9.34 -8.86 0.20
N PHE A 128 -10.50 -9.01 0.84
CA PHE A 128 -10.65 -8.62 2.25
C PHE A 128 -9.89 -9.57 3.15
N GLU A 129 -9.00 -9.02 3.98
CA GLU A 129 -8.21 -9.82 4.89
C GLU A 129 -8.92 -9.94 6.24
N SER A 130 -8.85 -8.89 7.05
CA SER A 130 -9.50 -8.88 8.36
C SER A 130 -9.71 -7.45 8.84
N TYR A 131 -10.76 -7.24 9.63
CA TYR A 131 -11.06 -5.92 10.17
C TYR A 131 -11.05 -5.93 11.69
N ASP A 132 -10.38 -4.94 12.28
CA ASP A 132 -10.30 -4.84 13.73
C ASP A 132 -11.10 -3.63 14.22
N ALA A 133 -12.16 -3.91 14.97
CA ALA A 133 -13.01 -2.85 15.50
C ALA A 133 -12.30 -2.03 16.57
N ASP A 134 -11.55 -2.72 17.42
CA ASP A 134 -10.83 -2.07 18.52
C ASP A 134 -9.84 -1.03 18.00
N SER A 135 -9.14 -1.35 16.92
CA SER A 135 -8.15 -0.43 16.36
C SER A 135 -8.70 0.33 15.15
N GLY A 136 -9.78 -0.19 14.57
CA GLY A 136 -10.38 0.44 13.41
C GLY A 136 -9.53 0.29 12.15
N THR A 137 -8.40 -0.39 12.29
CA THR A 137 -7.49 -0.60 11.16
C THR A 137 -8.01 -1.70 10.24
N TYR A 138 -8.03 -1.41 8.95
CA TYR A 138 -8.51 -2.38 7.96
C TYR A 138 -7.38 -2.74 7.00
N VAL A 139 -7.15 -4.05 6.84
CA VAL A 139 -6.11 -4.53 5.95
C VAL A 139 -6.64 -5.60 5.00
N PHE A 140 -6.27 -5.49 3.73
CA PHE A 140 -6.69 -6.45 2.71
C PHE A 140 -5.51 -6.82 1.82
N ILE A 141 -5.60 -7.98 1.15
CA ILE A 141 -4.53 -8.43 0.29
C ILE A 141 -5.03 -8.59 -1.15
N VAL A 142 -4.41 -7.86 -2.06
CA VAL A 142 -4.78 -7.93 -3.47
C VAL A 142 -3.77 -8.76 -4.26
N ASN A 143 -3.81 -10.07 -4.08
CA ASN A 143 -2.89 -10.96 -4.78
C ASN A 143 -3.45 -11.36 -6.13
N HIS A 144 -3.02 -10.65 -7.17
CA HIS A 144 -3.47 -10.95 -8.53
C HIS A 144 -2.88 -12.26 -9.02
N ALA A 145 -1.62 -12.49 -8.70
CA ALA A 145 -0.93 -13.72 -9.11
C ALA A 145 -1.61 -14.95 -8.53
N ALA A 146 -2.03 -14.85 -7.28
CA ALA A 146 -2.70 -15.96 -6.61
C ALA A 146 -1.80 -17.19 -6.53
N GLU A 147 -0.49 -16.96 -6.67
CA GLU A 147 0.48 -18.05 -6.62
C GLU A 147 1.47 -17.84 -5.48
N GLN A 148 1.83 -18.92 -4.80
CA GLN A 148 2.77 -18.84 -3.68
C GLN A 148 4.22 -18.81 -4.17
N THR A 149 4.36 -18.84 -5.47
CA THR A 149 5.67 -18.82 -6.11
C THR A 149 5.89 -17.49 -6.83
N GLY A 1 15.07 8.28 1.72
CA GLY A 1 16.18 7.47 2.31
C GLY A 1 16.08 7.35 3.81
N PRO A 2 17.11 7.80 4.57
CA PRO A 2 17.10 7.72 6.03
C PRO A 2 16.15 8.72 6.66
N ASN A 3 15.10 9.08 5.92
CA ASN A 3 14.12 10.05 6.41
C ASN A 3 13.21 9.40 7.45
N GLU A 4 12.91 10.16 8.51
CA GLU A 4 12.04 9.69 9.57
C GLU A 4 10.59 9.53 9.09
N ASN A 5 10.16 10.47 8.27
CA ASN A 5 8.79 10.46 7.75
C ASN A 5 8.51 9.21 6.93
N TYR A 6 9.48 8.79 6.13
CA TYR A 6 9.32 7.59 5.30
C TYR A 6 10.14 6.42 5.84
N TYR A 7 9.52 5.25 5.86
CA TYR A 7 10.16 4.04 6.35
C TYR A 7 10.24 2.97 5.26
N ILE A 8 11.45 2.48 4.99
CA ILE A 8 11.64 1.45 3.97
C ILE A 8 12.53 0.33 4.49
N SER A 9 12.02 -0.92 4.40
CA SER A 9 12.74 -2.14 4.85
C SER A 9 13.57 -2.80 3.72
N PRO A 10 14.63 -2.17 3.15
CA PRO A 10 15.23 -0.93 3.59
C PRO A 10 15.17 0.17 2.53
N SER A 11 15.73 1.34 2.88
CA SER A 11 15.76 2.52 1.99
C SER A 11 15.98 2.13 0.53
N LEU A 12 15.64 3.04 -0.38
CA LEU A 12 15.78 2.79 -1.81
C LEU A 12 17.23 2.48 -2.17
N ASP A 13 18.16 3.20 -1.56
CA ASP A 13 19.58 2.96 -1.81
C ASP A 13 20.00 1.63 -1.22
N THR A 14 19.52 1.33 -0.02
CA THR A 14 19.86 0.09 0.65
C THR A 14 19.39 -1.12 -0.16
N LEU A 15 18.21 -1.00 -0.74
CA LEU A 15 17.63 -2.07 -1.55
C LEU A 15 18.43 -2.33 -2.82
N SER A 16 18.89 -1.25 -3.44
CA SER A 16 19.67 -1.34 -4.67
C SER A 16 20.95 -2.15 -4.46
N SER A 17 21.58 -1.96 -3.29
CA SER A 17 22.81 -2.68 -2.98
C SER A 17 22.58 -4.19 -2.99
N TYR A 18 21.33 -4.59 -3.08
CA TYR A 18 20.96 -6.00 -3.12
C TYR A 18 21.46 -6.66 -4.39
N SER A 19 21.56 -7.99 -4.36
CA SER A 19 21.99 -8.74 -5.52
C SER A 19 20.93 -8.65 -6.60
N LEU A 20 21.24 -9.09 -7.81
CA LEU A 20 20.27 -9.01 -8.91
C LEU A 20 19.01 -9.80 -8.57
N LEU A 21 19.18 -11.01 -8.09
CA LEU A 21 18.05 -11.84 -7.71
C LEU A 21 17.36 -11.30 -6.46
N GLN A 22 18.16 -10.86 -5.50
CA GLN A 22 17.64 -10.32 -4.24
C GLN A 22 16.77 -9.08 -4.45
N LEU A 23 17.25 -8.14 -5.27
CA LEU A 23 16.49 -6.92 -5.53
C LEU A 23 15.25 -7.21 -6.36
N ARG A 24 15.40 -8.10 -7.34
CA ARG A 24 14.29 -8.48 -8.20
C ARG A 24 13.17 -9.14 -7.41
N LYS A 25 13.55 -9.99 -6.47
CA LYS A 25 12.59 -10.70 -5.63
C LYS A 25 12.65 -10.23 -4.19
N VAL A 26 11.92 -9.16 -3.90
CA VAL A 26 11.84 -8.55 -2.56
C VAL A 26 11.05 -9.42 -1.57
N PRO A 27 11.72 -10.31 -0.81
CA PRO A 27 11.03 -11.17 0.16
C PRO A 27 10.24 -10.37 1.21
N HIS A 28 10.91 -9.98 2.29
CA HIS A 28 10.26 -9.20 3.34
C HIS A 28 10.54 -7.72 3.14
N LEU A 29 9.56 -7.01 2.58
CA LEU A 29 9.71 -5.58 2.33
C LEU A 29 8.64 -4.78 3.07
N VAL A 30 9.07 -3.76 3.80
CA VAL A 30 8.16 -2.90 4.52
C VAL A 30 8.32 -1.46 4.06
N VAL A 31 7.30 -0.93 3.39
CA VAL A 31 7.34 0.43 2.89
C VAL A 31 6.09 1.19 3.30
N GLY A 32 6.27 2.38 3.87
CA GLY A 32 5.14 3.18 4.29
C GLY A 32 5.55 4.38 5.11
N HIS A 33 4.55 5.11 5.60
CA HIS A 33 4.80 6.28 6.42
C HIS A 33 4.25 6.05 7.83
N LYS A 34 5.07 6.34 8.84
CA LYS A 34 4.66 6.13 10.22
C LYS A 34 3.43 6.98 10.57
N SER A 35 3.42 8.21 10.08
CA SER A 35 2.30 9.11 10.35
C SER A 35 0.97 8.56 9.83
N TYR A 36 1.01 7.95 8.64
CA TYR A 36 -0.20 7.39 8.04
C TYR A 36 -0.40 5.92 8.42
N GLY A 37 0.33 5.03 7.75
CA GLY A 37 0.21 3.61 8.03
C GLY A 37 1.35 2.80 7.45
N LYS A 38 1.62 1.65 8.06
CA LYS A 38 2.70 0.77 7.59
C LYS A 38 2.16 -0.41 6.81
N ILE A 39 2.76 -0.66 5.64
CA ILE A 39 2.36 -1.77 4.79
C ILE A 39 3.59 -2.59 4.37
N GLU A 40 3.37 -3.83 3.96
CA GLU A 40 4.48 -4.70 3.56
C GLU A 40 4.26 -5.28 2.16
N PHE A 41 5.32 -5.30 1.37
CA PHE A 41 5.26 -5.82 0.00
C PHE A 41 6.02 -7.14 -0.12
N LEU A 42 5.32 -8.21 -0.50
CA LEU A 42 5.95 -9.52 -0.67
C LEU A 42 6.09 -9.87 -2.15
N GLU A 43 5.87 -8.87 -2.98
CA GLU A 43 5.97 -9.02 -4.44
C GLU A 43 7.43 -9.12 -4.89
N PRO A 44 7.67 -9.64 -6.12
CA PRO A 44 9.00 -9.83 -6.67
C PRO A 44 9.25 -8.90 -7.85
N VAL A 45 9.62 -7.66 -7.53
CA VAL A 45 9.88 -6.63 -8.53
C VAL A 45 11.20 -6.87 -9.26
N ASP A 46 11.26 -7.90 -10.10
CA ASP A 46 12.48 -8.20 -10.85
C ASP A 46 12.88 -7.00 -11.71
N LEU A 47 13.70 -6.12 -11.14
CA LEU A 47 14.13 -4.92 -11.86
C LEU A 47 15.58 -5.00 -12.30
N ALA A 48 16.33 -5.91 -11.70
CA ALA A 48 17.74 -6.07 -12.05
C ALA A 48 18.52 -4.77 -11.83
N GLY A 49 18.20 -4.08 -10.74
CA GLY A 49 18.87 -2.83 -10.43
C GLY A 49 17.90 -1.70 -10.12
N ILE A 50 16.62 -2.04 -9.97
CA ILE A 50 15.58 -1.06 -9.65
C ILE A 50 15.64 0.17 -10.58
N PRO A 51 15.13 0.04 -11.82
CA PRO A 51 15.13 1.13 -12.79
C PRO A 51 13.74 1.74 -12.92
N LEU A 52 13.00 1.76 -11.82
CA LEU A 52 11.67 2.31 -11.77
C LEU A 52 11.67 3.81 -12.06
N THR A 53 12.68 4.51 -11.53
CA THR A 53 12.80 5.96 -11.71
C THR A 53 12.59 6.37 -13.17
N SER A 54 13.26 5.69 -14.08
CA SER A 54 13.11 5.97 -15.50
C SER A 54 11.70 5.63 -15.94
N LEU A 55 11.19 4.51 -15.42
CA LEU A 55 9.85 4.05 -15.75
C LEU A 55 8.80 5.09 -15.34
N GLY A 56 9.01 5.70 -14.17
CA GLY A 56 8.09 6.70 -13.68
C GLY A 56 8.78 7.75 -12.83
N GLY A 57 9.13 7.39 -11.59
CA GLY A 57 9.80 8.33 -10.71
C GLY A 57 9.19 8.35 -9.32
N VAL A 58 7.95 7.88 -9.22
CA VAL A 58 7.25 7.85 -7.93
C VAL A 58 7.87 6.81 -7.00
N ILE A 59 8.43 5.75 -7.59
CA ILE A 59 9.06 4.67 -6.83
C ILE A 59 8.20 4.22 -5.64
N ILE A 60 6.89 4.16 -5.88
CA ILE A 60 5.94 3.75 -4.84
C ILE A 60 5.69 4.86 -3.84
N THR A 61 4.41 5.09 -3.52
CA THR A 61 4.03 6.11 -2.56
C THR A 61 2.90 5.61 -1.67
N PHE A 62 2.71 6.23 -0.51
CA PHE A 62 1.67 5.82 0.42
C PHE A 62 0.81 7.00 0.86
N GLU A 63 -0.43 7.01 0.39
CA GLU A 63 -1.39 8.06 0.74
C GLU A 63 -1.78 7.93 2.22
N PRO A 64 -2.62 8.83 2.73
CA PRO A 64 -3.04 8.82 4.11
C PRO A 64 -4.47 8.36 4.20
N LYS A 65 -4.57 7.03 4.16
CA LYS A 65 -5.82 6.26 4.14
C LYS A 65 -6.00 5.69 2.73
N THR A 66 -4.92 5.79 1.93
CA THR A 66 -4.93 5.29 0.55
C THR A 66 -3.53 4.82 0.15
N CYS A 67 -3.46 3.83 -0.73
CA CYS A 67 -2.18 3.31 -1.18
C CYS A 67 -2.02 3.47 -2.68
N ILE A 68 -0.89 4.02 -3.10
CA ILE A 68 -0.59 4.23 -4.51
C ILE A 68 0.67 3.47 -4.91
N ILE A 69 0.54 2.56 -5.86
CA ILE A 69 1.67 1.76 -6.31
C ILE A 69 2.24 2.28 -7.64
N TYR A 70 1.47 2.12 -8.71
CA TYR A 70 1.91 2.54 -10.03
C TYR A 70 2.18 4.05 -10.10
N ALA A 71 1.23 4.84 -9.62
CA ALA A 71 1.39 6.30 -9.64
C ALA A 71 0.14 6.99 -9.09
N ASN A 72 0.30 8.24 -8.70
CA ASN A 72 -0.81 9.02 -8.17
C ASN A 72 -1.91 9.14 -9.22
N LEU A 73 -1.47 9.33 -10.47
CA LEU A 73 -2.35 9.46 -11.64
C LEU A 73 -3.04 8.13 -12.00
N PRO A 74 -4.26 7.87 -11.48
CA PRO A 74 -4.97 6.62 -11.77
C PRO A 74 -5.51 6.57 -13.20
N ASN A 75 -4.81 7.23 -14.12
CA ASN A 75 -5.24 7.26 -15.52
C ASN A 75 -4.30 6.42 -16.39
N ARG A 76 -3.02 6.44 -16.04
CA ARG A 76 -1.95 5.70 -16.75
C ARG A 76 -2.04 4.19 -16.52
N PRO A 77 -2.74 3.43 -17.38
CA PRO A 77 -2.87 1.98 -17.22
C PRO A 77 -1.76 1.22 -17.93
N LYS A 78 -0.59 1.83 -18.02
CA LYS A 78 0.56 1.21 -18.68
C LYS A 78 0.93 -0.11 -18.00
N ARG A 79 0.86 -0.14 -16.67
CA ARG A 79 1.19 -1.34 -15.91
C ARG A 79 2.63 -1.76 -16.17
N GLY A 80 2.85 -2.61 -17.18
CA GLY A 80 4.18 -3.06 -17.50
C GLY A 80 4.57 -4.32 -16.75
N GLU A 81 5.78 -4.80 -17.00
CA GLU A 81 6.28 -6.01 -16.35
C GLU A 81 7.51 -5.71 -15.51
N GLY A 82 7.59 -6.33 -14.33
CA GLY A 82 8.73 -6.12 -13.45
C GLY A 82 8.31 -5.79 -12.03
N ILE A 83 7.42 -4.81 -11.89
CA ILE A 83 6.96 -4.40 -10.57
C ILE A 83 5.58 -5.01 -10.27
N ASN A 84 5.55 -5.93 -9.31
CA ASN A 84 4.31 -6.59 -8.92
C ASN A 84 3.71 -5.93 -7.68
N VAL A 85 2.38 -5.91 -7.61
CA VAL A 85 1.70 -5.30 -6.47
C VAL A 85 1.14 -6.38 -5.54
N ARG A 86 1.84 -7.49 -5.44
CA ARG A 86 1.42 -8.59 -4.58
C ARG A 86 1.82 -8.31 -3.13
N ALA A 87 1.23 -7.28 -2.54
CA ALA A 87 1.54 -6.90 -1.17
C ALA A 87 0.27 -6.57 -0.38
N ARG A 88 0.38 -6.62 0.94
CA ARG A 88 -0.75 -6.32 1.81
C ARG A 88 -0.55 -4.97 2.49
N ILE A 89 -1.57 -4.13 2.43
CA ILE A 89 -1.51 -2.80 3.03
C ILE A 89 -2.37 -2.70 4.29
N THR A 90 -1.78 -2.20 5.36
CA THR A 90 -2.48 -2.05 6.62
C THR A 90 -2.80 -0.58 6.88
N CYS A 91 -4.08 -0.27 7.01
CA CYS A 91 -4.52 1.11 7.25
C CYS A 91 -4.49 1.44 8.73
N PHE A 92 -4.21 2.71 9.04
CA PHE A 92 -4.15 3.16 10.43
C PHE A 92 -5.55 3.33 11.01
N ASN A 93 -5.63 3.48 12.32
CA ASN A 93 -6.90 3.63 13.00
C ASN A 93 -7.45 5.03 12.81
N CYS A 94 -8.50 5.11 12.00
CA CYS A 94 -9.17 6.38 11.72
C CYS A 94 -10.30 6.65 12.72
N TYR A 95 -10.47 5.74 13.66
CA TYR A 95 -11.51 5.87 14.69
C TYR A 95 -11.51 7.26 15.36
N PRO A 96 -10.33 7.78 15.75
CA PRO A 96 -10.23 9.07 16.42
C PRO A 96 -9.98 10.23 15.47
N VAL A 97 -10.50 10.16 14.26
CA VAL A 97 -10.31 11.21 13.29
C VAL A 97 -11.59 11.53 12.52
N ASP A 98 -12.53 12.17 13.20
CA ASP A 98 -13.79 12.55 12.57
C ASP A 98 -13.55 13.70 11.59
N LYS A 99 -13.86 13.47 10.34
CA LYS A 99 -13.64 14.47 9.29
C LYS A 99 -14.47 15.73 9.49
N SER A 100 -15.63 15.60 10.14
CA SER A 100 -16.52 16.74 10.34
C SER A 100 -15.86 17.85 11.16
N THR A 101 -15.37 17.53 12.35
CA THR A 101 -14.73 18.52 13.22
C THR A 101 -13.35 18.07 13.65
N ARG A 102 -12.79 17.11 12.94
CA ARG A 102 -11.49 16.56 13.28
C ARG A 102 -11.53 15.95 14.67
N LYS A 103 -12.66 15.34 14.98
CA LYS A 103 -12.90 14.70 16.27
C LYS A 103 -11.90 13.56 16.50
N PRO A 104 -11.34 13.45 17.72
CA PRO A 104 -10.37 12.44 18.07
C PRO A 104 -10.92 11.44 19.07
N ILE A 105 -11.63 10.46 18.55
CA ILE A 105 -12.27 9.42 19.36
C ILE A 105 -11.29 8.29 19.67
N LYS A 106 -10.88 8.20 20.92
CA LYS A 106 -9.94 7.17 21.34
C LYS A 106 -10.65 6.09 22.16
N ASP A 107 -11.50 5.31 21.50
CA ASP A 107 -12.23 4.25 22.17
C ASP A 107 -12.46 3.07 21.23
N PRO A 108 -12.57 1.84 21.78
CA PRO A 108 -12.79 0.63 20.99
C PRO A 108 -14.27 0.28 20.87
N ASN A 109 -15.03 1.13 20.21
CA ASN A 109 -16.44 0.91 20.03
C ASN A 109 -16.73 0.60 18.58
N HIS A 110 -17.95 0.19 18.35
CA HIS A 110 -18.43 -0.16 17.02
C HIS A 110 -19.44 0.87 16.52
N GLN A 111 -19.35 2.09 17.06
CA GLN A 111 -20.27 3.16 16.68
C GLN A 111 -20.19 3.45 15.19
N LEU A 112 -18.97 3.44 14.65
CA LEU A 112 -18.78 3.71 13.22
C LEU A 112 -17.89 2.65 12.57
N VAL A 113 -17.67 1.55 13.27
CA VAL A 113 -16.83 0.47 12.74
C VAL A 113 -17.49 -0.17 11.51
N LYS A 114 -18.80 -0.36 11.59
CA LYS A 114 -19.56 -0.95 10.49
C LYS A 114 -19.45 -0.12 9.22
N ARG A 115 -19.51 1.20 9.38
CA ARG A 115 -19.44 2.11 8.24
C ARG A 115 -18.12 1.95 7.48
N HIS A 116 -17.03 1.79 8.22
CA HIS A 116 -15.72 1.64 7.60
C HIS A 116 -15.67 0.39 6.73
N ILE A 117 -16.28 -0.70 7.20
CA ILE A 117 -16.30 -1.94 6.45
C ILE A 117 -17.19 -1.82 5.22
N GLU A 118 -18.32 -1.16 5.36
CA GLU A 118 -19.26 -0.98 4.26
C GLU A 118 -18.62 -0.20 3.12
N ARG A 119 -17.84 0.83 3.46
CA ARG A 119 -17.18 1.66 2.46
C ARG A 119 -16.14 0.85 1.69
N LEU A 120 -15.40 0.02 2.40
CA LEU A 120 -14.36 -0.80 1.78
C LEU A 120 -14.98 -1.92 0.92
N LYS A 121 -16.05 -2.51 1.43
CA LYS A 121 -16.71 -3.60 0.73
C LYS A 121 -17.23 -3.15 -0.64
N LYS A 122 -17.77 -1.95 -0.70
CA LYS A 122 -18.30 -1.41 -1.96
C LYS A 122 -17.16 -1.12 -2.93
N ASN A 123 -16.05 -0.63 -2.39
CA ASN A 123 -14.87 -0.30 -3.17
C ASN A 123 -14.27 -1.56 -3.81
N PRO A 124 -14.54 -1.80 -5.11
CA PRO A 124 -14.03 -2.99 -5.80
C PRO A 124 -12.67 -2.75 -6.43
N ASN A 125 -11.87 -1.89 -5.79
CA ASN A 125 -10.53 -1.59 -6.27
C ASN A 125 -9.48 -2.29 -5.40
N SER A 126 -9.86 -2.57 -4.16
CA SER A 126 -8.98 -3.25 -3.21
C SER A 126 -9.70 -4.43 -2.57
N LYS A 127 -8.97 -5.53 -2.38
CA LYS A 127 -9.56 -6.73 -1.78
C LYS A 127 -9.49 -6.67 -0.26
N PHE A 128 -10.60 -7.02 0.38
CA PHE A 128 -10.69 -7.01 1.84
C PHE A 128 -10.09 -8.30 2.41
N GLU A 129 -9.02 -8.16 3.19
CA GLU A 129 -8.36 -9.31 3.81
C GLU A 129 -8.94 -9.61 5.19
N SER A 130 -8.50 -8.85 6.18
CA SER A 130 -8.98 -9.03 7.55
C SER A 130 -9.15 -7.70 8.27
N TYR A 131 -10.23 -7.59 9.05
CA TYR A 131 -10.50 -6.36 9.80
C TYR A 131 -10.56 -6.66 11.30
N ASP A 132 -9.85 -5.88 12.09
CA ASP A 132 -9.84 -6.06 13.54
C ASP A 132 -10.57 -4.93 14.24
N ALA A 133 -11.70 -5.26 14.86
CA ALA A 133 -12.51 -4.27 15.57
C ALA A 133 -11.81 -3.79 16.84
N ASP A 134 -11.16 -4.71 17.55
CA ASP A 134 -10.47 -4.38 18.79
C ASP A 134 -9.37 -3.36 18.56
N SER A 135 -8.64 -3.51 17.46
CA SER A 135 -7.55 -2.59 17.12
C SER A 135 -7.98 -1.55 16.10
N GLY A 136 -9.15 -1.76 15.49
CA GLY A 136 -9.65 -0.82 14.51
C GLY A 136 -8.87 -0.89 13.20
N THR A 137 -7.65 -1.40 13.28
CA THR A 137 -6.79 -1.52 12.10
C THR A 137 -7.17 -2.75 11.28
N TYR A 138 -7.16 -2.60 9.96
CA TYR A 138 -7.51 -3.71 9.07
C TYR A 138 -6.44 -3.90 7.99
N VAL A 139 -6.36 -5.10 7.45
CA VAL A 139 -5.38 -5.41 6.41
C VAL A 139 -6.07 -5.60 5.07
N PHE A 140 -5.64 -4.82 4.08
CA PHE A 140 -6.20 -4.90 2.74
C PHE A 140 -5.17 -5.42 1.74
N ILE A 141 -5.63 -6.25 0.80
CA ILE A 141 -4.74 -6.82 -0.21
C ILE A 141 -5.17 -6.40 -1.61
N VAL A 142 -4.24 -5.82 -2.37
CA VAL A 142 -4.54 -5.38 -3.73
C VAL A 142 -3.52 -5.94 -4.71
N ASN A 143 -3.72 -7.20 -5.12
CA ASN A 143 -2.82 -7.85 -6.06
C ASN A 143 -3.35 -7.78 -7.49
N HIS A 144 -2.63 -7.07 -8.35
CA HIS A 144 -3.02 -6.93 -9.75
C HIS A 144 -2.19 -7.84 -10.66
N ALA A 145 -1.38 -8.70 -10.05
CA ALA A 145 -0.53 -9.62 -10.81
C ALA A 145 -1.35 -10.54 -11.70
N ALA A 146 -2.48 -11.02 -11.17
CA ALA A 146 -3.35 -11.92 -11.92
C ALA A 146 -4.64 -11.22 -12.34
N GLU A 147 -5.00 -10.17 -11.61
CA GLU A 147 -6.20 -9.40 -11.91
C GLU A 147 -7.44 -10.30 -11.84
N GLN A 148 -7.47 -11.19 -10.87
CA GLN A 148 -8.56 -12.10 -10.68
C GLN A 148 -9.84 -11.35 -10.40
N THR A 149 -10.87 -11.85 -11.00
CA THR A 149 -12.21 -11.28 -10.88
C THR A 149 -13.15 -12.25 -10.17
#